data_7DKW
#
_entry.id   7DKW
#
_cell.length_a   179.214
_cell.length_b   54.602
_cell.length_c   164.550
_cell.angle_alpha   90.000
_cell.angle_beta   90.000
_cell.angle_gamma   90.000
#
_symmetry.space_group_name_H-M   'P 21 21 21'
#
loop_
_entity.id
_entity.type
_entity.pdbx_description
1 polymer beta-glucosidase
2 branched beta-D-glucopyranose-(1-4)-beta-D-glucopyranose-(1-4)-beta-D-glucopyranose-(1-4)-beta-D-glucopyranose
3 branched beta-D-glucopyranose-(1-4)-beta-D-glucopyranose-(1-4)-beta-D-glucopyranose
4 non-polymer GLYCEROL
5 non-polymer 'CALCIUM ION'
6 water water
#
_entity_poly.entity_id   1
_entity_poly.type   'polypeptide(L)'
_entity_poly.pdbx_seq_one_letter_code
;AMALTGCSEKININEDKISHKIDIPDSAWTIGIGEKFKNAGHPNVKYPMIDDSYVQGAPLGGFGAGTIGRTYNGGFSRWH
LEIGKNKYTTVYANQFSVFQKVEGNKDGVAQVLYAGEPENGYLSSWKWDYPKESGMYYALYPNSWYTYTNKDLPVQLAVK
QFSPIIPYNYKETSYPVAVFKWTAYNPTNKNVDVSIMFTWQNMIGFFGKQVNVNSGNFNKIIKDKSKDSEIVAAVMGNIS
NDNEEWNGEYSIGVKKVPGVDISYKAKFVTTGDGSDLWHEFSKNGILDNKDDETPTKQDGIGSAIAVNFKLQPGQTIEVP
FALSWDLPIMKFGGGDKWYKMYTKYFGKNGKNSFAILKEALNNYQKWEKMIDDWQKPILSNKSKPDWYKTALFNELYYLA
DGGTAWENGKVGEKDKRTNNMFGLLGCFDYNYYETLDVRFYGSFPLVMLWPDIEKQVMRQFADTINVQDSSEFKVGSNGA
MAVKKVQGMIPHDLGSSYALPWIKINAYDWQNPNIWKDLNSKYVLLVYRDYVLTGKTDKEFLKYTWKSVKTALDKLKEMD
KDNDGIPDNEGIPDQTYDTWSMKGTSAYCGSLWLAALKAAQEIGKVLKDNEAYIKYNEWYKIAQQNFEKELWNGEYYNFD
TESDHKDSIMADQLAGQWYADILRLGDILPKDHVQKALKKIYEFNVMKFENGKMGAVNGMRPDGIVDESDIQAQEVWTGV
TYALASFMKYRGMTEEAYNTAYGVYKMTYDKSGKGYWFRTPEAWTKDGNYRASMYMRPLSIWSMEVNYNEVLEHHHHHH
;
_entity_poly.pdbx_strand_id   A,B
#
# COMPACT_ATOMS: atom_id res chain seq x y z
N ASP A 16 4.83 -17.88 -15.17
CA ASP A 16 5.38 -17.97 -13.78
C ASP A 16 4.56 -18.93 -12.90
N LYS A 17 5.00 -20.19 -12.87
CA LYS A 17 4.44 -21.27 -12.05
C LYS A 17 5.23 -21.52 -10.75
N ILE A 18 6.37 -20.84 -10.59
CA ILE A 18 7.27 -21.08 -9.44
C ILE A 18 6.94 -20.18 -8.26
N SER A 19 6.51 -18.94 -8.50
CA SER A 19 6.15 -17.98 -7.40
C SER A 19 5.18 -18.59 -6.40
N HIS A 20 4.17 -19.28 -6.91
CA HIS A 20 3.21 -20.04 -6.09
C HIS A 20 3.88 -21.05 -5.13
N LYS A 21 5.02 -21.64 -5.55
CA LYS A 21 5.77 -22.63 -4.76
C LYS A 21 6.72 -22.04 -3.73
N ILE A 22 6.85 -20.71 -3.64
CA ILE A 22 7.74 -20.08 -2.66
C ILE A 22 7.00 -18.98 -1.94
N ASP A 23 7.65 -18.27 -1.02
CA ASP A 23 6.93 -17.22 -0.29
C ASP A 23 7.67 -15.90 -0.36
N ILE A 24 7.40 -15.16 -1.43
CA ILE A 24 7.97 -13.84 -1.56
C ILE A 24 6.96 -12.83 -1.03
N PRO A 25 7.39 -11.95 -0.13
CA PRO A 25 6.45 -10.96 0.38
C PRO A 25 6.05 -9.94 -0.69
N ASP A 26 4.78 -9.48 -0.64
CA ASP A 26 4.29 -8.53 -1.63
C ASP A 26 5.08 -7.23 -1.66
N SER A 27 5.63 -6.84 -0.51
CA SER A 27 6.43 -5.62 -0.41
C SER A 27 7.87 -5.76 -0.88
N ALA A 28 8.29 -6.92 -1.37
CA ALA A 28 9.64 -7.02 -1.93
C ALA A 28 9.80 -6.08 -3.10
N TRP A 29 10.96 -5.44 -3.19
CA TRP A 29 11.34 -4.63 -4.35
C TRP A 29 11.54 -5.61 -5.50
N THR A 30 11.08 -5.25 -6.69
N THR A 30 11.10 -5.27 -6.70
CA THR A 30 11.17 -6.16 -7.83
CA THR A 30 11.21 -6.23 -7.79
C THR A 30 11.78 -5.47 -9.04
C THR A 30 11.59 -5.58 -9.11
N ILE A 31 12.43 -6.28 -9.87
CA ILE A 31 12.89 -5.84 -11.18
C ILE A 31 13.07 -7.07 -12.05
N GLY A 32 12.97 -6.91 -13.36
CA GLY A 32 13.24 -8.01 -14.27
C GLY A 32 14.71 -8.35 -14.36
N ILE A 33 15.02 -9.64 -14.40
CA ILE A 33 16.39 -10.08 -14.64
C ILE A 33 16.73 -9.61 -16.04
N GLY A 34 17.80 -8.85 -16.14
CA GLY A 34 18.25 -8.32 -17.42
C GLY A 34 17.61 -7.02 -17.83
N GLU A 35 16.79 -6.43 -16.96
CA GLU A 35 16.11 -5.18 -17.27
C GLU A 35 17.12 -4.05 -17.42
N LYS A 36 16.90 -3.21 -18.43
CA LYS A 36 17.63 -1.97 -18.59
C LYS A 36 16.80 -0.91 -17.89
N PHE A 37 17.48 0.05 -17.29
CA PHE A 37 16.80 1.13 -16.65
C PHE A 37 17.24 2.36 -17.40
N LYS A 38 16.29 3.17 -17.82
CA LYS A 38 16.57 4.28 -18.74
C LYS A 38 16.93 5.61 -18.07
N ASN A 39 16.41 5.88 -16.88
CA ASN A 39 16.54 7.25 -16.35
C ASN A 39 17.52 7.40 -15.17
N ALA A 40 18.62 6.66 -15.19
CA ALA A 40 19.46 6.57 -13.98
C ALA A 40 20.14 7.89 -13.75
N GLY A 41 20.22 8.29 -12.48
CA GLY A 41 20.94 9.49 -12.12
C GLY A 41 22.43 9.29 -12.04
N HIS A 42 23.14 10.41 -12.04
CA HIS A 42 24.61 10.43 -11.96
C HIS A 42 25.05 11.51 -10.98
N PRO A 43 26.32 11.49 -10.56
CA PRO A 43 26.77 12.51 -9.60
C PRO A 43 26.62 13.93 -10.15
N ASN A 44 26.27 14.88 -9.28
CA ASN A 44 26.05 16.27 -9.73
C ASN A 44 27.18 17.23 -9.32
N VAL A 45 28.32 16.68 -8.93
CA VAL A 45 29.47 17.46 -8.46
C VAL A 45 30.53 17.41 -9.55
N LYS A 46 31.52 18.29 -9.49
CA LYS A 46 32.58 18.31 -10.55
C LYS A 46 33.81 17.44 -10.24
N TYR A 47 33.96 17.07 -8.97
CA TYR A 47 35.04 16.24 -8.51
C TYR A 47 34.62 14.75 -8.66
N PRO A 48 35.60 13.84 -8.73
CA PRO A 48 35.22 12.45 -8.99
C PRO A 48 34.41 11.85 -7.86
N MET A 49 33.46 10.99 -8.21
CA MET A 49 32.51 10.48 -7.23
C MET A 49 32.04 9.12 -7.71
N ILE A 50 31.84 8.19 -6.79
CA ILE A 50 31.46 6.82 -7.15
C ILE A 50 30.13 6.82 -7.90
N ASP A 51 30.09 6.09 -9.00
CA ASP A 51 28.87 5.79 -9.73
C ASP A 51 29.04 4.41 -10.30
N ASP A 52 28.54 3.42 -9.57
CA ASP A 52 28.62 2.04 -10.02
C ASP A 52 27.45 1.58 -10.91
N SER A 53 26.56 2.44 -11.39
N SER A 53 26.56 2.54 -11.23
CA SER A 53 25.42 1.99 -12.22
CA SER A 53 25.36 2.37 -12.04
C SER A 53 24.30 1.51 -11.33
C SER A 53 24.28 1.56 -11.29
N TYR A 54 23.17 1.29 -11.97
CA TYR A 54 21.98 0.76 -11.31
C TYR A 54 21.93 -0.78 -11.20
N VAL A 55 22.93 -1.50 -11.73
CA VAL A 55 22.97 -2.94 -11.61
C VAL A 55 23.55 -3.29 -10.24
N GLN A 56 22.62 -3.40 -9.29
CA GLN A 56 22.91 -3.70 -7.88
C GLN A 56 21.91 -4.70 -7.33
N GLY A 57 22.18 -5.15 -6.11
CA GLY A 57 21.23 -5.99 -5.39
C GLY A 57 21.51 -5.97 -3.89
N ALA A 58 20.66 -6.66 -3.14
CA ALA A 58 20.80 -6.74 -1.68
C ALA A 58 22.11 -7.47 -1.36
N PRO A 59 22.87 -6.99 -0.37
CA PRO A 59 24.17 -7.62 -0.11
C PRO A 59 24.05 -8.93 0.67
N LEU A 60 25.09 -9.75 0.59
CA LEU A 60 25.27 -10.94 1.38
C LEU A 60 26.47 -10.69 2.28
N GLY A 61 26.41 -11.27 3.48
CA GLY A 61 27.47 -11.15 4.45
C GLY A 61 27.03 -10.41 5.70
N GLY A 62 27.61 -10.81 6.81
CA GLY A 62 27.28 -10.22 8.11
C GLY A 62 27.99 -8.94 8.39
N PHE A 63 27.63 -8.35 9.53
CA PHE A 63 28.27 -7.10 9.99
C PHE A 63 29.75 -7.36 10.29
N GLY A 64 30.63 -6.55 9.67
CA GLY A 64 32.07 -6.72 9.89
C GLY A 64 32.71 -7.88 9.15
N ALA A 65 31.93 -8.63 8.35
CA ALA A 65 32.45 -9.81 7.69
C ALA A 65 33.11 -9.51 6.34
N GLY A 66 32.88 -8.31 5.80
CA GLY A 66 33.06 -8.06 4.36
C GLY A 66 31.75 -8.49 3.72
N THR A 67 31.23 -7.69 2.80
CA THR A 67 30.00 -8.05 2.08
C THR A 67 30.25 -8.20 0.59
N ILE A 68 29.33 -8.93 -0.05
CA ILE A 68 29.35 -9.23 -1.49
C ILE A 68 27.99 -8.87 -2.05
N GLY A 69 28.01 -7.96 -3.01
CA GLY A 69 26.81 -7.50 -3.68
C GLY A 69 26.55 -8.35 -4.91
N ARG A 70 25.56 -9.23 -4.84
CA ARG A 70 25.07 -9.98 -5.99
C ARG A 70 23.92 -9.18 -6.59
N THR A 71 24.02 -8.85 -7.86
CA THR A 71 23.08 -7.91 -8.47
C THR A 71 21.83 -8.63 -8.99
N TYR A 72 20.85 -7.84 -9.40
CA TYR A 72 19.65 -8.40 -9.95
C TYR A 72 19.88 -9.16 -11.26
N ASN A 73 21.00 -8.95 -11.93
CA ASN A 73 21.36 -9.71 -13.13
C ASN A 73 22.00 -11.06 -12.83
N GLY A 74 22.36 -11.27 -11.57
CA GLY A 74 22.92 -12.52 -11.06
C GLY A 74 24.41 -12.49 -10.76
N GLY A 75 25.11 -11.43 -11.16
CA GLY A 75 26.56 -11.40 -11.03
C GLY A 75 26.99 -11.00 -9.64
N PHE A 76 28.09 -11.57 -9.17
CA PHE A 76 28.72 -11.16 -7.92
C PHE A 76 29.65 -10.02 -8.29
N SER A 77 29.22 -8.79 -8.01
CA SER A 77 29.81 -7.57 -8.64
C SER A 77 30.25 -6.45 -7.70
N ARG A 78 29.56 -6.23 -6.58
CA ARG A 78 29.95 -5.12 -5.71
C ARG A 78 30.66 -5.66 -4.47
N TRP A 79 31.99 -5.60 -4.51
CA TRP A 79 32.85 -6.28 -3.52
C TRP A 79 33.24 -5.32 -2.41
N HIS A 80 32.79 -5.63 -1.20
CA HIS A 80 33.15 -4.89 -0.01
C HIS A 80 33.94 -5.79 0.95
N LEU A 81 34.72 -6.72 0.40
CA LEU A 81 35.49 -7.65 1.23
C LEU A 81 36.71 -6.97 1.86
N GLU A 82 37.25 -5.98 1.19
CA GLU A 82 38.27 -5.10 1.74
C GLU A 82 37.55 -4.01 2.51
N ILE A 83 37.67 -4.07 3.82
CA ILE A 83 36.75 -3.37 4.71
C ILE A 83 36.99 -1.88 4.55
N GLY A 84 35.95 -1.15 4.19
CA GLY A 84 36.04 0.26 3.93
C GLY A 84 36.15 0.65 2.45
N LYS A 85 36.34 -0.33 1.59
CA LYS A 85 36.50 -0.09 0.14
C LYS A 85 35.28 -0.63 -0.60
N ASN A 86 35.03 -0.03 -1.76
CA ASN A 86 33.96 -0.42 -2.66
C ASN A 86 34.58 -0.70 -4.02
N LYS A 87 34.49 -1.94 -4.48
CA LYS A 87 35.16 -2.33 -5.74
C LYS A 87 34.10 -3.00 -6.58
N TYR A 88 33.69 -2.35 -7.65
CA TYR A 88 32.60 -2.87 -8.46
C TYR A 88 33.21 -3.52 -9.69
N THR A 89 33.20 -4.85 -9.71
CA THR A 89 33.72 -5.63 -10.83
C THR A 89 33.11 -7.02 -10.77
N THR A 90 32.60 -7.48 -11.91
CA THR A 90 31.92 -8.77 -11.92
C THR A 90 32.96 -9.87 -12.05
N VAL A 91 32.97 -10.84 -11.11
CA VAL A 91 33.88 -11.97 -11.19
C VAL A 91 33.09 -13.03 -11.93
N TYR A 92 33.34 -13.14 -13.23
CA TYR A 92 32.45 -13.92 -14.10
C TYR A 92 32.36 -15.41 -13.77
N ALA A 93 33.41 -16.00 -13.19
CA ALA A 93 33.36 -17.42 -12.81
C ALA A 93 32.36 -17.70 -11.70
N ASN A 94 31.94 -16.68 -10.96
CA ASN A 94 31.05 -16.86 -9.82
C ASN A 94 29.60 -16.86 -10.30
N GLN A 95 28.98 -18.03 -10.38
CA GLN A 95 27.62 -18.14 -10.96
C GLN A 95 26.85 -19.34 -10.46
N PHE A 96 25.54 -19.30 -10.65
CA PHE A 96 24.74 -20.50 -10.76
C PHE A 96 24.39 -20.74 -12.23
N SER A 97 24.47 -22.00 -12.63
CA SER A 97 24.12 -22.46 -13.96
C SER A 97 23.14 -23.62 -13.84
N VAL A 98 22.39 -23.86 -14.92
CA VAL A 98 21.37 -24.87 -14.94
C VAL A 98 21.51 -25.73 -16.18
N PHE A 99 21.28 -27.02 -16.00
CA PHE A 99 21.15 -27.96 -17.14
C PHE A 99 19.76 -28.57 -17.06
N GLN A 100 19.07 -28.68 -18.20
CA GLN A 100 17.78 -29.36 -18.23
C GLN A 100 17.64 -30.21 -19.49
N LYS A 101 17.13 -31.41 -19.31
CA LYS A 101 16.87 -32.29 -20.46
C LYS A 101 15.56 -33.02 -20.25
N VAL A 102 14.66 -32.87 -21.22
CA VAL A 102 13.37 -33.56 -21.16
C VAL A 102 13.60 -35.04 -21.48
N GLU A 103 13.07 -35.92 -20.65
CA GLU A 103 13.13 -37.37 -20.90
C GLU A 103 12.57 -37.69 -22.29
N GLY A 104 13.37 -38.38 -23.10
CA GLY A 104 13.02 -38.65 -24.50
C GLY A 104 13.64 -37.71 -25.53
N ASN A 105 14.37 -36.69 -25.09
CA ASN A 105 15.10 -35.83 -26.03
C ASN A 105 16.55 -36.27 -26.11
N LYS A 106 17.17 -35.99 -27.25
CA LYS A 106 18.56 -36.36 -27.48
C LYS A 106 19.52 -35.55 -26.59
N ASP A 107 19.30 -34.24 -26.54
CA ASP A 107 20.18 -33.33 -25.78
C ASP A 107 19.41 -32.42 -24.83
N GLY A 108 20.10 -31.99 -23.78
CA GLY A 108 19.60 -30.95 -22.89
C GLY A 108 20.20 -29.59 -23.22
N VAL A 109 19.79 -28.58 -22.45
CA VAL A 109 20.34 -27.23 -22.58
C VAL A 109 21.06 -26.88 -21.29
N ALA A 110 22.12 -26.08 -21.40
CA ALA A 110 22.86 -25.65 -20.23
C ALA A 110 23.03 -24.14 -20.35
N GLN A 111 22.71 -23.40 -19.29
CA GLN A 111 22.64 -21.94 -19.33
C GLN A 111 23.19 -21.37 -18.02
N VAL A 112 24.10 -20.41 -18.13
CA VAL A 112 24.52 -19.63 -16.96
C VAL A 112 23.40 -18.67 -16.59
N LEU A 113 23.08 -18.58 -15.31
CA LEU A 113 22.02 -17.71 -14.85
C LEU A 113 22.54 -16.32 -14.55
N TYR A 114 22.99 -15.67 -15.62
CA TYR A 114 23.60 -14.35 -15.57
C TYR A 114 23.20 -13.57 -16.81
N ALA A 115 22.49 -12.46 -16.62
CA ALA A 115 22.02 -11.64 -17.77
C ALA A 115 23.16 -10.72 -18.24
N GLY A 116 24.14 -11.33 -18.88
CA GLY A 116 25.36 -10.63 -19.29
C GLY A 116 26.40 -11.62 -19.80
N GLU A 117 27.57 -11.10 -20.15
CA GLU A 117 28.67 -11.96 -20.59
C GLU A 117 30.02 -11.32 -20.19
N PRO A 118 31.11 -12.09 -20.15
CA PRO A 118 32.44 -11.53 -19.89
C PRO A 118 32.84 -10.51 -20.96
N GLU A 119 33.71 -9.60 -20.61
CA GLU A 119 34.15 -8.59 -21.58
C GLU A 119 35.21 -9.18 -22.53
N ASN A 120 36.12 -9.97 -21.98
CA ASN A 120 37.13 -10.69 -22.78
C ASN A 120 36.70 -12.13 -23.13
N GLY A 121 37.67 -12.97 -23.47
CA GLY A 121 37.42 -14.31 -23.97
C GLY A 121 37.48 -15.42 -22.95
N TYR A 122 37.66 -15.07 -21.66
CA TYR A 122 37.66 -16.14 -20.66
C TYR A 122 36.26 -16.65 -20.48
N LEU A 123 36.16 -17.97 -20.27
CA LEU A 123 34.92 -18.68 -20.10
C LEU A 123 33.99 -18.56 -21.35
N SER A 124 34.59 -18.38 -22.53
CA SER A 124 33.80 -18.27 -23.76
C SER A 124 32.97 -19.54 -24.08
N SER A 125 33.36 -20.70 -23.54
CA SER A 125 32.59 -21.92 -23.74
C SER A 125 31.26 -21.97 -22.99
N TRP A 126 31.12 -21.17 -21.94
CA TRP A 126 29.92 -21.16 -21.14
C TRP A 126 28.81 -20.46 -21.92
N LYS A 127 27.57 -20.80 -21.63
CA LYS A 127 26.42 -20.17 -22.27
C LYS A 127 25.96 -18.94 -21.45
N TRP A 128 26.32 -17.76 -21.98
CA TRP A 128 26.06 -16.49 -21.32
C TRP A 128 24.70 -15.89 -21.75
N ASP A 129 24.44 -14.67 -21.31
CA ASP A 129 23.32 -13.83 -21.78
C ASP A 129 21.98 -14.47 -21.53
N TYR A 130 21.74 -14.74 -20.25
CA TYR A 130 20.44 -15.22 -19.83
C TYR A 130 19.41 -14.23 -20.40
N PRO A 131 18.37 -14.73 -21.09
CA PRO A 131 17.54 -13.79 -21.86
C PRO A 131 16.63 -12.88 -21.03
N LYS A 132 16.27 -11.73 -21.60
CA LYS A 132 15.30 -10.83 -20.99
C LYS A 132 13.93 -11.47 -20.89
N GLU A 133 13.10 -10.90 -20.02
CA GLU A 133 11.69 -11.29 -19.85
C GLU A 133 11.54 -12.76 -19.49
N SER A 134 12.51 -13.28 -18.75
CA SER A 134 12.57 -14.71 -18.40
C SER A 134 12.83 -14.97 -16.92
N GLY A 135 12.46 -14.02 -16.08
CA GLY A 135 12.65 -14.15 -14.66
C GLY A 135 12.72 -12.81 -13.96
N MET A 136 12.62 -12.84 -12.65
CA MET A 136 12.52 -11.62 -11.82
C MET A 136 13.44 -11.73 -10.61
N TYR A 137 13.87 -10.57 -10.14
CA TYR A 137 14.62 -10.42 -8.91
C TYR A 137 13.72 -9.73 -7.89
N TYR A 138 13.79 -10.19 -6.65
CA TYR A 138 13.00 -9.68 -5.56
C TYR A 138 13.91 -9.43 -4.36
N ALA A 139 13.70 -8.35 -3.63
CA ALA A 139 14.49 -8.10 -2.43
C ALA A 139 13.66 -7.54 -1.31
N LEU A 140 13.81 -8.14 -0.14
CA LEU A 140 13.38 -7.53 1.12
C LEU A 140 14.43 -7.89 2.16
N TYR A 141 15.45 -7.04 2.23
CA TYR A 141 16.64 -7.29 3.04
C TYR A 141 16.29 -7.82 4.44
N PRO A 142 16.92 -8.90 4.91
CA PRO A 142 18.14 -9.51 4.38
C PRO A 142 17.93 -10.61 3.33
N ASN A 143 16.68 -10.83 2.90
CA ASN A 143 16.36 -11.79 1.88
C ASN A 143 16.34 -11.19 0.49
N SER A 144 16.75 -11.99 -0.49
CA SER A 144 16.46 -11.70 -1.88
C SER A 144 16.17 -13.00 -2.61
N TRP A 145 15.51 -12.89 -3.75
CA TRP A 145 15.10 -14.07 -4.51
C TRP A 145 15.32 -13.82 -6.00
N TYR A 146 15.54 -14.89 -6.74
CA TYR A 146 15.43 -14.86 -8.20
C TYR A 146 14.45 -15.94 -8.62
N THR A 147 13.62 -15.63 -9.63
CA THR A 147 12.79 -16.65 -10.29
C THR A 147 13.20 -16.76 -11.75
N TYR A 148 13.13 -17.98 -12.27
CA TYR A 148 13.58 -18.30 -13.65
C TYR A 148 12.41 -18.96 -14.36
N THR A 149 11.87 -18.23 -15.32
CA THR A 149 10.61 -18.59 -16.00
C THR A 149 10.91 -18.38 -17.47
N ASN A 150 11.46 -19.42 -18.09
CA ASN A 150 12.14 -19.34 -19.37
C ASN A 150 11.50 -20.38 -20.26
N LYS A 151 11.06 -19.96 -21.44
CA LYS A 151 10.41 -20.88 -22.37
C LYS A 151 11.26 -22.13 -22.72
N ASP A 152 12.59 -22.03 -22.62
CA ASP A 152 13.50 -23.18 -22.87
C ASP A 152 13.92 -24.00 -21.64
N LEU A 153 13.43 -23.64 -20.47
CA LEU A 153 13.68 -24.39 -19.24
C LEU A 153 12.32 -24.89 -18.74
N PRO A 154 11.94 -26.12 -19.14
CA PRO A 154 10.62 -26.59 -18.75
C PRO A 154 10.42 -26.69 -17.24
N VAL A 155 11.47 -27.01 -16.48
CA VAL A 155 11.40 -26.95 -15.03
C VAL A 155 11.65 -25.49 -14.59
N GLN A 156 10.70 -24.96 -13.84
CA GLN A 156 10.85 -23.63 -13.26
C GLN A 156 11.62 -23.69 -11.96
N LEU A 157 12.46 -22.67 -11.76
CA LEU A 157 13.37 -22.62 -10.63
C LEU A 157 13.28 -21.27 -9.94
N ALA A 158 13.55 -21.28 -8.65
CA ALA A 158 13.70 -20.05 -7.87
C ALA A 158 14.73 -20.29 -6.78
N VAL A 159 15.38 -19.21 -6.34
CA VAL A 159 16.32 -19.29 -5.25
C VAL A 159 15.98 -18.16 -4.29
N LYS A 160 16.05 -18.45 -2.99
CA LYS A 160 16.01 -17.51 -1.92
C LYS A 160 17.42 -17.47 -1.34
N GLN A 161 18.00 -16.27 -1.31
CA GLN A 161 19.36 -16.09 -0.81
C GLN A 161 19.39 -15.09 0.33
N PHE A 162 20.20 -15.37 1.32
CA PHE A 162 20.26 -14.52 2.48
C PHE A 162 21.47 -14.81 3.33
N SER A 163 21.75 -13.84 4.21
CA SER A 163 22.62 -14.02 5.36
C SER A 163 21.79 -13.82 6.64
N PRO A 164 22.19 -14.47 7.76
CA PRO A 164 21.40 -14.40 8.99
C PRO A 164 21.61 -13.10 9.77
N ILE A 165 21.04 -12.02 9.22
CA ILE A 165 21.05 -10.72 9.83
C ILE A 165 19.81 -10.64 10.75
N ILE A 166 20.05 -10.69 12.06
CA ILE A 166 18.98 -10.91 13.03
C ILE A 166 19.11 -9.94 14.21
N PRO A 167 18.12 -9.05 14.42
CA PRO A 167 18.09 -8.13 15.56
C PRO A 167 18.29 -8.84 16.90
N TYR A 168 19.06 -8.22 17.80
CA TYR A 168 19.37 -8.74 19.14
C TYR A 168 20.27 -9.97 19.13
N ASN A 169 20.85 -10.28 17.98
CA ASN A 169 21.74 -11.39 17.79
C ASN A 169 23.04 -10.75 17.26
N TYR A 170 24.14 -11.00 17.96
CA TYR A 170 25.45 -10.44 17.64
C TYR A 170 26.40 -11.54 17.16
N LYS A 171 25.87 -12.73 16.93
CA LYS A 171 26.67 -13.91 16.63
C LYS A 171 26.51 -14.23 15.15
N GLU A 172 25.42 -14.92 14.78
CA GLU A 172 25.10 -15.23 13.38
C GLU A 172 25.10 -13.97 12.50
N THR A 173 24.68 -12.85 13.06
CA THR A 173 24.69 -11.55 12.36
C THR A 173 26.09 -11.13 11.89
N SER A 174 27.14 -11.60 12.56
CA SER A 174 28.52 -11.36 12.13
C SER A 174 29.08 -12.30 11.06
N TYR A 175 28.37 -13.38 10.72
CA TYR A 175 28.98 -14.46 9.94
C TYR A 175 29.21 -14.07 8.46
N PRO A 176 30.40 -14.42 7.92
CA PRO A 176 30.69 -14.25 6.47
C PRO A 176 30.14 -15.45 5.71
N VAL A 177 28.82 -15.50 5.60
CA VAL A 177 28.14 -16.65 4.99
C VAL A 177 26.87 -16.21 4.28
N ALA A 178 26.52 -16.95 3.25
CA ALA A 178 25.28 -16.82 2.52
C ALA A 178 24.70 -18.20 2.20
N VAL A 179 23.38 -18.30 2.29
CA VAL A 179 22.65 -19.50 1.93
C VAL A 179 21.85 -19.22 0.65
N PHE A 180 21.86 -20.18 -0.26
CA PHE A 180 21.07 -20.16 -1.50
C PHE A 180 20.13 -21.37 -1.48
N LYS A 181 18.88 -21.11 -1.13
CA LYS A 181 17.85 -22.17 -1.03
C LYS A 181 17.05 -22.27 -2.33
N TRP A 182 17.32 -23.32 -3.08
CA TRP A 182 16.69 -23.53 -4.39
C TRP A 182 15.40 -24.30 -4.28
N THR A 183 14.42 -23.90 -5.07
CA THR A 183 13.17 -24.64 -5.27
C THR A 183 13.05 -24.93 -6.76
N ALA A 184 12.83 -26.20 -7.12
CA ALA A 184 12.58 -26.56 -8.52
C ALA A 184 11.22 -27.25 -8.63
N TYR A 185 10.47 -26.90 -9.65
CA TYR A 185 9.09 -27.41 -9.87
C TYR A 185 8.89 -27.75 -11.33
N ASN A 186 8.27 -28.90 -11.58
CA ASN A 186 7.99 -29.37 -12.94
C ASN A 186 6.48 -29.25 -13.22
N PRO A 187 6.08 -28.20 -13.95
CA PRO A 187 4.66 -28.07 -14.31
C PRO A 187 4.25 -28.82 -15.59
N THR A 188 5.20 -29.45 -16.29
CA THR A 188 4.94 -30.12 -17.57
C THR A 188 4.53 -31.58 -17.32
N ASN A 189 4.27 -32.31 -18.41
CA ASN A 189 3.74 -33.67 -18.34
C ASN A 189 4.80 -34.74 -18.60
N LYS A 190 6.08 -34.36 -18.59
CA LYS A 190 7.16 -35.32 -18.79
C LYS A 190 8.20 -35.18 -17.69
N ASN A 191 8.92 -36.28 -17.42
CA ASN A 191 10.08 -36.23 -16.54
C ASN A 191 11.12 -35.31 -17.15
N VAL A 192 11.79 -34.54 -16.28
CA VAL A 192 12.87 -33.66 -16.71
C VAL A 192 14.05 -33.89 -15.78
N ASP A 193 15.22 -34.12 -16.36
CA ASP A 193 16.48 -34.17 -15.64
C ASP A 193 17.02 -32.75 -15.47
N VAL A 194 17.38 -32.39 -14.24
CA VAL A 194 17.80 -31.03 -13.92
C VAL A 194 19.13 -31.05 -13.15
N SER A 195 20.00 -30.11 -13.48
CA SER A 195 21.19 -29.87 -12.66
C SER A 195 21.30 -28.40 -12.35
N ILE A 196 21.74 -28.13 -11.13
CA ILE A 196 22.06 -26.77 -10.68
C ILE A 196 23.51 -26.84 -10.24
N MET A 197 24.34 -25.92 -10.77
CA MET A 197 25.77 -25.88 -10.50
C MET A 197 26.18 -24.51 -9.99
N PHE A 198 26.93 -24.52 -8.89
CA PHE A 198 27.52 -23.33 -8.31
C PHE A 198 28.99 -23.36 -8.66
N THR A 199 29.46 -22.28 -9.30
CA THR A 199 30.88 -22.11 -9.60
C THR A 199 31.40 -20.90 -8.84
N TRP A 200 32.64 -21.00 -8.42
CA TRP A 200 33.27 -19.93 -7.68
C TRP A 200 34.76 -19.91 -7.96
N GLN A 201 35.29 -18.74 -8.24
CA GLN A 201 36.72 -18.54 -8.41
C GLN A 201 37.43 -18.54 -7.04
N ASN A 202 38.55 -19.24 -6.94
CA ASN A 202 39.44 -19.08 -5.79
C ASN A 202 39.98 -17.64 -5.80
N MET A 203 39.42 -16.79 -4.94
CA MET A 203 39.65 -15.35 -5.00
C MET A 203 40.73 -14.92 -4.03
N ILE A 204 41.47 -15.86 -3.45
CA ILE A 204 42.60 -15.47 -2.62
C ILE A 204 43.58 -14.69 -3.52
N GLY A 205 43.95 -13.50 -3.09
CA GLY A 205 44.80 -12.61 -3.88
C GLY A 205 44.06 -11.61 -4.74
N PHE A 206 42.72 -11.71 -4.78
CA PHE A 206 41.87 -10.71 -5.45
C PHE A 206 42.12 -9.30 -4.96
N PHE A 207 42.38 -9.16 -3.66
CA PHE A 207 42.89 -7.91 -3.04
C PHE A 207 43.96 -8.24 -2.01
N GLY A 208 44.72 -7.21 -1.62
CA GLY A 208 45.64 -7.30 -0.50
C GLY A 208 46.98 -7.95 -0.79
N LYS A 209 47.18 -8.43 -2.02
CA LYS A 209 48.36 -9.19 -2.39
C LYS A 209 49.06 -8.44 -3.51
N GLN A 210 50.34 -8.16 -3.29
CA GLN A 210 51.08 -7.21 -4.10
C GLN A 210 51.42 -7.78 -5.48
N VAL A 211 51.86 -9.04 -5.48
CA VAL A 211 52.46 -9.70 -6.64
C VAL A 211 52.15 -11.21 -6.52
N ASN A 212 52.26 -11.95 -7.63
CA ASN A 212 52.05 -13.41 -7.65
C ASN A 212 50.63 -13.71 -7.16
N VAL A 213 49.67 -13.01 -7.76
CA VAL A 213 48.34 -12.89 -7.15
C VAL A 213 47.52 -14.17 -7.07
N ASN A 214 47.71 -15.09 -8.02
CA ASN A 214 47.12 -16.42 -7.92
C ASN A 214 48.08 -17.46 -7.33
N SER A 215 49.37 -17.12 -7.16
CA SER A 215 50.36 -18.16 -6.89
C SER A 215 50.12 -18.86 -5.55
N GLY A 216 50.11 -20.17 -5.60
CA GLY A 216 49.87 -21.00 -4.44
C GLY A 216 48.41 -21.26 -4.15
N ASN A 217 47.47 -20.68 -4.92
CA ASN A 217 46.07 -21.01 -4.70
C ASN A 217 45.85 -22.46 -5.01
N PHE A 218 45.04 -23.11 -4.17
CA PHE A 218 44.67 -24.48 -4.41
C PHE A 218 43.30 -24.77 -3.86
N ASN A 219 42.68 -25.80 -4.38
CA ASN A 219 41.31 -26.14 -4.03
C ASN A 219 41.24 -27.57 -3.53
N LYS A 220 40.49 -27.80 -2.47
CA LYS A 220 40.27 -29.14 -1.94
C LYS A 220 38.79 -29.41 -1.80
N ILE A 221 38.44 -30.68 -1.80
CA ILE A 221 37.06 -31.10 -1.67
C ILE A 221 36.88 -31.79 -0.34
N ILE A 222 35.84 -31.40 0.38
CA ILE A 222 35.46 -31.98 1.66
C ILE A 222 34.14 -32.71 1.47
N LYS A 223 34.08 -33.95 1.94
CA LYS A 223 32.85 -34.71 1.97
C LYS A 223 32.59 -35.07 3.41
N ASP A 224 31.54 -34.51 3.97
CA ASP A 224 31.23 -34.67 5.38
C ASP A 224 29.93 -35.44 5.49
N LYS A 225 30.03 -36.71 5.92
CA LYS A 225 28.90 -37.62 6.00
C LYS A 225 28.69 -38.00 7.46
N SER A 226 27.47 -37.73 7.94
CA SER A 226 26.93 -38.37 9.16
C SER A 226 25.52 -38.88 8.80
N LYS A 227 24.85 -39.56 9.74
CA LYS A 227 23.48 -40.08 9.45
C LYS A 227 22.52 -38.92 9.17
N ASP A 228 21.80 -39.00 8.05
CA ASP A 228 20.90 -37.93 7.56
C ASP A 228 21.55 -36.56 7.33
N SER A 229 22.86 -36.52 7.13
CA SER A 229 23.55 -35.26 6.78
C SER A 229 24.79 -35.57 5.96
N GLU A 230 24.70 -35.28 4.65
CA GLU A 230 25.85 -35.34 3.78
C GLU A 230 26.07 -33.93 3.20
N ILE A 231 27.26 -33.39 3.38
CA ILE A 231 27.64 -32.12 2.79
C ILE A 231 28.86 -32.34 1.92
N VAL A 232 28.86 -31.75 0.73
CA VAL A 232 30.01 -31.76 -0.15
C VAL A 232 30.37 -30.31 -0.41
N ALA A 233 31.63 -29.97 -0.21
CA ALA A 233 32.10 -28.61 -0.39
C ALA A 233 33.48 -28.52 -1.02
N ALA A 234 33.72 -27.38 -1.68
CA ALA A 234 35.06 -26.98 -2.13
C ALA A 234 35.58 -25.96 -1.16
N VAL A 235 36.87 -26.08 -0.79
CA VAL A 235 37.56 -25.08 0.01
C VAL A 235 38.70 -24.55 -0.84
N MET A 236 38.63 -23.26 -1.10
CA MET A 236 39.52 -22.56 -2.00
C MET A 236 40.40 -21.67 -1.16
N GLY A 237 41.66 -22.10 -1.00
CA GLY A 237 42.62 -21.37 -0.20
C GLY A 237 43.98 -21.25 -0.87
N ASN A 238 45.01 -21.12 -0.06
CA ASN A 238 46.36 -20.92 -0.56
C ASN A 238 47.32 -21.77 0.29
N ILE A 239 48.36 -22.30 -0.33
CA ILE A 239 49.31 -23.18 0.41
C ILE A 239 50.06 -22.47 1.52
N SER A 240 50.14 -21.14 1.46
CA SER A 240 50.80 -20.36 2.52
C SER A 240 50.04 -20.42 3.83
N ASN A 241 50.76 -20.61 4.94
CA ASN A 241 50.15 -20.52 6.28
C ASN A 241 50.36 -19.15 6.93
N ASP A 242 50.87 -18.16 6.17
CA ASP A 242 50.97 -16.76 6.63
C ASP A 242 49.62 -16.26 7.09
N ASN A 243 49.66 -15.41 8.10
CA ASN A 243 48.47 -14.77 8.62
C ASN A 243 48.51 -13.32 8.17
N GLU A 244 47.92 -13.06 7.01
CA GLU A 244 47.85 -11.73 6.41
C GLU A 244 46.44 -11.41 5.98
N GLU A 245 46.19 -10.13 5.69
N GLU A 245 46.19 -10.13 5.69
CA GLU A 245 44.88 -9.67 5.20
CA GLU A 245 44.87 -9.69 5.23
C GLU A 245 44.40 -10.42 3.97
C GLU A 245 44.39 -10.38 3.96
N TRP A 246 45.33 -10.76 3.08
CA TRP A 246 44.98 -11.42 1.81
C TRP A 246 44.65 -12.90 1.94
N ASN A 247 45.15 -13.55 2.99
CA ASN A 247 45.09 -15.00 3.05
C ASN A 247 43.86 -15.45 3.78
N GLY A 248 43.39 -16.65 3.44
CA GLY A 248 42.22 -17.23 4.07
C GLY A 248 41.62 -18.23 3.11
N GLU A 249 40.29 -18.40 3.18
CA GLU A 249 39.61 -19.42 2.39
C GLU A 249 38.26 -18.95 1.95
N TYR A 250 37.86 -19.36 0.75
CA TYR A 250 36.46 -19.35 0.35
C TYR A 250 35.92 -20.77 0.34
N SER A 251 34.65 -20.96 0.62
CA SER A 251 34.03 -22.27 0.42
C SER A 251 32.65 -22.15 -0.24
N ILE A 252 32.36 -23.06 -1.15
CA ILE A 252 30.99 -23.28 -1.66
C ILE A 252 30.66 -24.73 -1.46
N GLY A 253 29.38 -25.01 -1.23
CA GLY A 253 28.96 -26.39 -1.06
C GLY A 253 27.48 -26.56 -1.04
N VAL A 254 27.07 -27.81 -0.85
CA VAL A 254 25.68 -28.19 -0.93
C VAL A 254 25.40 -29.31 0.08
N LYS A 255 24.16 -29.37 0.55
CA LYS A 255 23.71 -30.43 1.44
C LYS A 255 22.78 -31.35 0.67
N LYS A 256 23.05 -32.64 0.77
CA LYS A 256 22.25 -33.64 0.08
C LYS A 256 20.83 -33.65 0.62
N VAL A 257 19.88 -33.82 -0.29
CA VAL A 257 18.48 -34.07 0.08
C VAL A 257 18.02 -35.29 -0.68
N PRO A 258 16.90 -35.90 -0.23
CA PRO A 258 16.38 -37.07 -0.96
C PRO A 258 16.10 -36.77 -2.42
N GLY A 259 16.54 -37.67 -3.30
CA GLY A 259 16.32 -37.55 -4.72
C GLY A 259 17.30 -36.73 -5.54
N VAL A 260 18.37 -36.19 -4.92
CA VAL A 260 19.42 -35.50 -5.67
C VAL A 260 20.74 -36.24 -5.45
N ASP A 261 21.60 -36.21 -6.47
CA ASP A 261 22.96 -36.69 -6.41
C ASP A 261 23.87 -35.47 -6.56
N ILE A 262 25.01 -35.51 -5.88
CA ILE A 262 25.96 -34.42 -5.89
C ILE A 262 27.15 -34.79 -6.76
N SER A 263 27.57 -33.87 -7.62
CA SER A 263 28.84 -33.99 -8.27
C SER A 263 29.67 -32.73 -8.12
N TYR A 264 30.96 -32.85 -8.42
CA TYR A 264 31.87 -31.72 -8.22
C TYR A 264 33.03 -31.74 -9.16
N LYS A 265 33.69 -30.59 -9.25
CA LYS A 265 35.00 -30.49 -9.89
C LYS A 265 35.86 -29.58 -9.05
N ALA A 266 36.97 -30.11 -8.56
CA ALA A 266 37.85 -29.34 -7.68
C ALA A 266 38.50 -28.17 -8.38
N LYS A 267 38.92 -28.34 -9.63
CA LYS A 267 39.79 -27.35 -10.23
C LYS A 267 39.46 -27.14 -11.70
N PHE A 268 38.97 -25.95 -12.02
CA PHE A 268 38.91 -25.51 -13.42
C PHE A 268 39.61 -24.18 -13.52
N VAL A 269 40.05 -23.84 -14.73
CA VAL A 269 40.85 -22.66 -14.94
C VAL A 269 39.91 -21.52 -15.31
N THR A 270 39.95 -20.44 -14.53
CA THR A 270 39.10 -19.26 -14.77
C THR A 270 39.69 -18.34 -15.81
N THR A 271 41.01 -18.41 -15.99
CA THR A 271 41.74 -17.65 -16.99
C THR A 271 41.96 -18.53 -18.22
N GLY A 272 40.86 -19.08 -18.71
CA GLY A 272 40.86 -20.02 -19.83
C GLY A 272 39.46 -20.01 -20.41
N ASP A 273 39.22 -20.90 -21.37
CA ASP A 273 37.94 -20.89 -22.08
C ASP A 273 36.80 -21.52 -21.28
N GLY A 274 37.12 -22.16 -20.15
CA GLY A 274 36.12 -22.73 -19.27
C GLY A 274 35.61 -24.09 -19.67
N SER A 275 36.11 -24.64 -20.79
CA SER A 275 35.55 -25.87 -21.35
C SER A 275 35.93 -27.09 -20.53
N ASP A 276 37.03 -26.99 -19.78
CA ASP A 276 37.41 -28.05 -18.82
C ASP A 276 36.26 -28.44 -17.89
N LEU A 277 35.49 -27.43 -17.45
CA LEU A 277 34.26 -27.64 -16.70
C LEU A 277 33.05 -27.83 -17.62
N TRP A 278 32.89 -26.91 -18.57
CA TRP A 278 31.62 -26.79 -19.28
C TRP A 278 31.29 -27.98 -20.20
N HIS A 279 32.32 -28.60 -20.78
N HIS A 279 32.31 -28.59 -20.80
CA HIS A 279 32.13 -29.80 -21.61
CA HIS A 279 32.10 -29.81 -21.61
C HIS A 279 31.51 -30.94 -20.81
C HIS A 279 31.42 -30.90 -20.78
N GLU A 280 31.72 -30.95 -19.49
CA GLU A 280 31.08 -31.94 -18.60
C GLU A 280 29.65 -31.54 -18.32
N PHE A 281 29.47 -30.29 -17.89
CA PHE A 281 28.17 -29.83 -17.46
C PHE A 281 27.15 -29.83 -18.59
N SER A 282 27.57 -29.41 -19.79
CA SER A 282 26.63 -29.30 -20.92
C SER A 282 26.26 -30.65 -21.56
N LYS A 283 27.00 -31.73 -21.25
CA LYS A 283 26.63 -33.07 -21.74
C LYS A 283 25.39 -33.61 -21.01
N ASN A 284 25.48 -33.71 -19.70
CA ASN A 284 24.44 -34.35 -18.89
C ASN A 284 24.28 -33.71 -17.50
N GLY A 285 24.83 -32.52 -17.30
CA GLY A 285 24.76 -31.87 -15.98
C GLY A 285 25.45 -32.57 -14.83
N ILE A 286 26.44 -33.39 -15.13
CA ILE A 286 27.14 -34.16 -14.10
C ILE A 286 28.64 -33.92 -14.27
N LEU A 287 29.30 -33.57 -13.19
CA LEU A 287 30.73 -33.24 -13.21
C LEU A 287 31.58 -34.48 -12.93
N ASP A 288 32.88 -34.34 -13.12
CA ASP A 288 33.80 -35.49 -13.12
C ASP A 288 34.20 -36.04 -11.75
N ASN A 289 33.86 -35.33 -10.67
CA ASN A 289 34.25 -35.69 -9.30
C ASN A 289 35.77 -35.84 -9.17
N LYS A 290 36.51 -35.01 -9.90
CA LYS A 290 37.97 -35.09 -9.95
C LYS A 290 38.56 -34.16 -8.88
N ASP A 291 39.13 -34.77 -7.83
CA ASP A 291 39.91 -34.02 -6.84
C ASP A 291 41.24 -33.64 -7.46
N ASP A 292 41.79 -32.50 -7.07
CA ASP A 292 43.08 -32.07 -7.55
C ASP A 292 43.55 -30.87 -6.75
N GLU A 293 44.47 -31.11 -5.83
CA GLU A 293 44.97 -30.05 -4.98
C GLU A 293 46.20 -29.35 -5.54
N THR A 294 46.53 -29.62 -6.80
CA THR A 294 47.69 -29.03 -7.41
C THR A 294 47.55 -27.51 -7.34
N PRO A 295 48.50 -26.81 -6.69
CA PRO A 295 48.36 -25.38 -6.65
C PRO A 295 48.61 -24.74 -8.01
N THR A 296 48.03 -23.56 -8.21
CA THR A 296 48.22 -22.83 -9.46
C THR A 296 49.41 -21.89 -9.29
N LYS A 297 49.91 -21.41 -10.41
CA LYS A 297 50.99 -20.46 -10.43
C LYS A 297 50.46 -19.13 -10.97
N GLN A 298 50.35 -18.99 -12.29
CA GLN A 298 49.81 -17.79 -12.91
C GLN A 298 48.30 -17.85 -13.15
N ASP A 299 47.79 -19.02 -13.49
CA ASP A 299 46.37 -19.09 -13.87
C ASP A 299 45.43 -18.92 -12.70
N GLY A 300 44.29 -18.28 -12.97
CA GLY A 300 43.20 -18.28 -12.00
C GLY A 300 42.53 -19.63 -11.99
N ILE A 301 42.08 -20.08 -10.81
CA ILE A 301 41.37 -21.32 -10.68
C ILE A 301 40.08 -21.15 -9.90
N GLY A 302 39.20 -22.13 -10.05
CA GLY A 302 37.90 -22.16 -9.40
C GLY A 302 37.44 -23.57 -9.13
N SER A 303 36.34 -23.68 -8.39
CA SER A 303 35.70 -24.94 -8.07
C SER A 303 34.25 -24.94 -8.50
N ALA A 304 33.69 -26.14 -8.66
CA ALA A 304 32.28 -26.30 -8.99
C ALA A 304 31.62 -27.36 -8.15
N ILE A 305 30.41 -27.06 -7.70
CA ILE A 305 29.57 -27.99 -6.96
C ILE A 305 28.22 -28.07 -7.65
N ALA A 306 27.74 -29.29 -7.94
CA ALA A 306 26.52 -29.48 -8.70
C ALA A 306 25.64 -30.52 -8.06
N VAL A 307 24.33 -30.36 -8.26
CA VAL A 307 23.35 -31.39 -7.93
C VAL A 307 22.59 -31.76 -9.18
N ASN A 308 22.27 -33.04 -9.32
CA ASN A 308 21.46 -33.50 -10.44
C ASN A 308 20.30 -34.33 -9.92
N PHE A 309 19.15 -34.15 -10.54
CA PHE A 309 17.95 -34.83 -10.10
C PHE A 309 16.94 -34.95 -11.24
N LYS A 310 16.03 -35.90 -11.10
CA LYS A 310 14.94 -36.11 -12.05
C LYS A 310 13.66 -35.66 -11.36
N LEU A 311 12.97 -34.69 -11.97
CA LEU A 311 11.67 -34.24 -11.45
C LEU A 311 10.56 -34.85 -12.27
N GLN A 312 9.64 -35.52 -11.61
CA GLN A 312 8.45 -36.04 -12.29
C GLN A 312 7.41 -34.92 -12.45
N PRO A 313 6.43 -35.08 -13.39
CA PRO A 313 5.34 -34.09 -13.51
C PRO A 313 4.75 -33.74 -12.17
N GLY A 314 4.60 -32.45 -11.92
CA GLY A 314 4.03 -31.94 -10.68
C GLY A 314 4.96 -31.96 -9.48
N GLN A 315 6.20 -32.43 -9.62
CA GLN A 315 7.08 -32.63 -8.46
C GLN A 315 7.85 -31.34 -8.14
N THR A 316 8.07 -31.12 -6.84
CA THR A 316 8.85 -30.00 -6.32
C THR A 316 10.01 -30.55 -5.49
N ILE A 317 11.17 -29.92 -5.60
CA ILE A 317 12.32 -30.30 -4.81
C ILE A 317 13.02 -29.03 -4.31
N GLU A 318 13.54 -29.09 -3.09
CA GLU A 318 14.25 -27.99 -2.46
C GLU A 318 15.65 -28.45 -2.13
N VAL A 319 16.66 -27.67 -2.53
CA VAL A 319 18.04 -28.02 -2.23
C VAL A 319 18.85 -26.77 -1.81
N PRO A 320 19.60 -26.85 -0.70
CA PRO A 320 20.36 -25.68 -0.22
C PRO A 320 21.83 -25.71 -0.55
N PHE A 321 22.33 -24.61 -1.10
CA PHE A 321 23.74 -24.36 -1.31
C PHE A 321 24.17 -23.26 -0.33
N ALA A 322 25.48 -23.12 -0.13
CA ALA A 322 26.01 -22.04 0.65
C ALA A 322 27.36 -21.62 0.16
N LEU A 323 27.74 -20.43 0.61
CA LEU A 323 29.01 -19.79 0.33
C LEU A 323 29.52 -19.21 1.63
N SER A 324 30.80 -19.43 1.94
CA SER A 324 31.43 -18.78 3.09
C SER A 324 32.77 -18.21 2.69
N TRP A 325 33.25 -17.26 3.47
CA TRP A 325 34.55 -16.69 3.24
C TRP A 325 35.21 -16.39 4.56
N ASP A 326 36.33 -17.06 4.81
CA ASP A 326 37.08 -16.87 6.04
C ASP A 326 38.33 -16.06 5.71
N LEU A 327 38.20 -14.74 5.81
CA LEU A 327 39.23 -13.77 5.59
C LEU A 327 39.36 -13.04 6.93
N PRO A 328 40.12 -13.62 7.87
CA PRO A 328 40.03 -13.19 9.28
C PRO A 328 40.60 -11.80 9.57
N ILE A 329 41.51 -11.29 8.74
CA ILE A 329 42.20 -10.04 9.05
C ILE A 329 41.73 -8.95 8.14
N MET A 330 41.34 -7.82 8.75
CA MET A 330 41.17 -6.58 8.01
C MET A 330 42.35 -5.65 8.26
N LYS A 331 42.83 -5.03 7.18
CA LYS A 331 43.91 -4.07 7.28
C LYS A 331 43.45 -2.73 6.76
N PHE A 332 43.81 -1.66 7.48
CA PHE A 332 43.48 -0.32 7.04
C PHE A 332 44.72 0.40 6.48
N GLY A 333 44.50 1.53 5.82
CA GLY A 333 45.55 2.20 5.07
C GLY A 333 46.68 2.71 5.95
N GLY A 334 46.36 3.00 7.21
CA GLY A 334 47.33 3.48 8.18
C GLY A 334 48.22 2.39 8.71
N GLY A 335 47.92 1.13 8.38
CA GLY A 335 48.79 0.01 8.71
C GLY A 335 48.26 -0.97 9.73
N ASP A 336 47.24 -0.59 10.47
CA ASP A 336 46.71 -1.47 11.53
C ASP A 336 45.98 -2.66 10.91
N LYS A 337 46.20 -3.82 11.50
CA LYS A 337 45.53 -5.06 11.16
C LYS A 337 44.72 -5.55 12.36
N TRP A 338 43.46 -5.89 12.11
CA TRP A 338 42.53 -6.36 13.15
C TRP A 338 41.84 -7.65 12.72
N TYR A 339 41.49 -8.48 13.69
CA TYR A 339 40.60 -9.59 13.44
C TYR A 339 39.14 -9.12 13.35
N LYS A 340 38.41 -9.73 12.42
CA LYS A 340 36.98 -9.49 12.27
C LYS A 340 36.16 -10.24 13.35
N MET A 341 35.00 -9.68 13.67
CA MET A 341 34.13 -10.20 14.74
C MET A 341 33.87 -11.69 14.72
N TYR A 342 33.54 -12.24 13.53
CA TYR A 342 33.17 -13.64 13.43
C TYR A 342 34.25 -14.61 13.93
N THR A 343 35.50 -14.17 13.93
CA THR A 343 36.63 -15.00 14.40
C THR A 343 36.43 -15.45 15.86
N LYS A 344 35.66 -14.70 16.62
CA LYS A 344 35.26 -15.12 17.96
C LYS A 344 34.58 -16.48 17.95
N TYR A 345 33.80 -16.75 16.91
CA TYR A 345 32.99 -17.98 16.85
C TYR A 345 33.63 -19.12 16.10
N PHE A 346 34.58 -18.78 15.22
CA PHE A 346 35.17 -19.80 14.34
C PHE A 346 36.68 -19.94 14.37
N GLY A 347 37.38 -18.99 14.98
CA GLY A 347 38.84 -18.98 15.01
C GLY A 347 39.46 -17.93 14.13
N LYS A 348 40.75 -17.72 14.31
CA LYS A 348 41.49 -16.61 13.69
C LYS A 348 42.50 -17.04 12.64
N ASN A 349 42.67 -18.34 12.39
CA ASN A 349 43.78 -18.82 11.54
C ASN A 349 43.48 -18.85 10.04
N GLY A 350 42.25 -18.48 9.64
CA GLY A 350 41.91 -18.39 8.23
C GLY A 350 41.75 -19.72 7.53
N LYS A 351 41.54 -20.79 8.29
CA LYS A 351 41.40 -22.13 7.75
C LYS A 351 40.06 -22.74 8.21
N ASN A 352 39.02 -21.91 8.31
CA ASN A 352 37.74 -22.30 8.91
C ASN A 352 36.55 -22.12 7.99
N SER A 353 36.76 -21.99 6.69
CA SER A 353 35.62 -21.72 5.80
C SER A 353 34.59 -22.87 5.78
N PHE A 354 35.08 -24.11 5.82
CA PHE A 354 34.17 -25.25 5.88
C PHE A 354 33.29 -25.28 7.14
N ALA A 355 33.86 -25.03 8.33
CA ALA A 355 33.05 -24.93 9.56
C ALA A 355 31.89 -23.92 9.44
N ILE A 356 32.18 -22.77 8.84
CA ILE A 356 31.18 -21.70 8.67
C ILE A 356 30.06 -22.17 7.74
N LEU A 357 30.46 -22.78 6.64
CA LEU A 357 29.56 -23.33 5.60
C LEU A 357 28.65 -24.44 6.15
N LYS A 358 29.25 -25.34 6.91
CA LYS A 358 28.50 -26.44 7.50
C LYS A 358 27.42 -25.94 8.47
N GLU A 359 27.81 -24.98 9.30
N GLU A 359 27.78 -24.99 9.32
CA GLU A 359 26.90 -24.38 10.26
CA GLU A 359 26.81 -24.43 10.24
C GLU A 359 25.70 -23.72 9.55
C GLU A 359 25.64 -23.88 9.45
N ALA A 360 25.94 -23.11 8.39
CA ALA A 360 24.87 -22.55 7.56
C ALA A 360 24.01 -23.64 6.94
N LEU A 361 24.63 -24.62 6.30
CA LEU A 361 23.84 -25.66 5.66
C LEU A 361 22.99 -26.47 6.66
N ASN A 362 23.46 -26.59 7.90
CA ASN A 362 22.71 -27.37 8.89
C ASN A 362 21.69 -26.56 9.68
N ASN A 363 21.75 -25.23 9.62
CA ASN A 363 20.88 -24.37 10.44
C ASN A 363 20.09 -23.30 9.68
N TYR A 364 20.15 -23.31 8.36
CA TYR A 364 19.52 -22.21 7.60
C TYR A 364 18.01 -22.11 7.83
N GLN A 365 17.33 -23.24 8.06
CA GLN A 365 15.88 -23.19 8.27
C GLN A 365 15.53 -22.44 9.56
N LYS A 366 16.32 -22.64 10.60
CA LYS A 366 16.17 -21.89 11.86
C LYS A 366 16.39 -20.40 11.59
N TRP A 367 17.41 -20.11 10.79
CA TRP A 367 17.73 -18.71 10.49
C TRP A 367 16.59 -18.02 9.71
N GLU A 368 16.03 -18.71 8.73
CA GLU A 368 14.87 -18.18 7.98
C GLU A 368 13.70 -17.82 8.91
N LYS A 369 13.40 -18.69 9.87
N LYS A 369 13.42 -18.71 9.85
CA LYS A 369 12.31 -18.41 10.82
CA LYS A 369 12.36 -18.50 10.85
C LYS A 369 12.64 -17.24 11.74
C LYS A 369 12.64 -17.27 11.73
N MET A 370 13.90 -17.12 12.15
CA MET A 370 14.32 -15.97 12.96
C MET A 370 14.16 -14.65 12.19
N ILE A 371 14.48 -14.67 10.91
CA ILE A 371 14.25 -13.50 10.03
C ILE A 371 12.76 -13.18 9.90
N ASP A 372 11.95 -14.21 9.65
CA ASP A 372 10.50 -14.05 9.54
C ASP A 372 9.92 -13.51 10.83
N ASP A 373 10.40 -14.03 11.97
CA ASP A 373 9.96 -13.58 13.29
C ASP A 373 10.16 -12.10 13.52
N TRP A 374 11.27 -11.53 13.05
N TRP A 374 11.29 -11.59 13.06
CA TRP A 374 11.50 -10.08 13.20
CA TRP A 374 11.58 -10.17 13.16
C TRP A 374 10.89 -9.21 12.11
C TRP A 374 10.73 -9.35 12.19
N GLN A 375 10.67 -9.76 10.92
CA GLN A 375 9.98 -8.97 9.88
C GLN A 375 8.45 -8.98 10.01
N LYS A 376 7.90 -10.02 10.63
CA LYS A 376 6.43 -10.23 10.59
C LYS A 376 5.57 -9.15 11.24
N PRO A 377 5.97 -8.62 12.42
CA PRO A 377 5.16 -7.55 13.01
C PRO A 377 4.94 -6.36 12.10
N ILE A 378 5.97 -5.94 11.37
CA ILE A 378 5.81 -4.87 10.40
C ILE A 378 5.01 -5.36 9.18
N LEU A 379 5.42 -6.46 8.57
CA LEU A 379 4.79 -6.94 7.34
C LEU A 379 3.30 -7.24 7.49
N SER A 380 2.91 -7.76 8.66
CA SER A 380 1.53 -8.14 8.92
C SER A 380 0.62 -6.94 9.26
N ASN A 381 1.20 -5.77 9.42
CA ASN A 381 0.44 -4.57 9.79
C ASN A 381 -0.20 -4.01 8.52
N LYS A 382 -1.51 -4.24 8.40
CA LYS A 382 -2.23 -3.84 7.19
C LYS A 382 -2.57 -2.36 7.11
N SER A 383 -2.18 -1.57 8.11
CA SER A 383 -2.32 -0.12 8.04
C SER A 383 -1.18 0.56 7.27
N LYS A 384 -0.07 -0.13 7.10
CA LYS A 384 1.11 0.48 6.46
C LYS A 384 1.14 0.07 4.99
N PRO A 385 1.38 1.02 4.08
CA PRO A 385 1.47 0.68 2.66
C PRO A 385 2.72 -0.12 2.32
N ASP A 386 2.62 -0.93 1.26
CA ASP A 386 3.72 -1.80 0.83
C ASP A 386 5.01 -0.99 0.59
N TRP A 387 4.91 0.18 -0.03
CA TRP A 387 6.13 0.94 -0.38
C TRP A 387 6.95 1.28 0.85
N TYR A 388 6.26 1.57 1.94
CA TYR A 388 6.93 1.89 3.19
C TYR A 388 7.68 0.70 3.77
N LYS A 389 7.03 -0.48 3.72
CA LYS A 389 7.70 -1.72 4.10
C LYS A 389 8.93 -2.01 3.21
N THR A 390 8.80 -1.77 1.89
CA THR A 390 9.93 -1.94 0.96
C THR A 390 11.15 -1.12 1.38
N ALA A 391 10.90 0.15 1.67
CA ALA A 391 11.95 1.08 2.07
C ALA A 391 12.50 0.75 3.44
N LEU A 392 11.61 0.49 4.41
CA LEU A 392 12.06 0.24 5.77
C LEU A 392 13.07 -0.91 5.82
N PHE A 393 12.74 -2.04 5.20
CA PHE A 393 13.64 -3.18 5.24
C PHE A 393 14.84 -3.00 4.30
N ASN A 394 14.61 -2.52 3.09
CA ASN A 394 15.72 -2.45 2.16
C ASN A 394 16.76 -1.38 2.48
N GLU A 395 16.39 -0.30 3.15
CA GLU A 395 17.41 0.66 3.60
C GLU A 395 18.44 0.03 4.52
N LEU A 396 18.05 -1.01 5.26
CA LEU A 396 18.96 -1.71 6.19
C LEU A 396 20.15 -2.39 5.50
N TYR A 397 20.12 -2.53 4.17
CA TYR A 397 21.26 -3.06 3.40
C TYR A 397 22.56 -2.38 3.87
N TYR A 398 22.46 -1.08 4.21
CA TYR A 398 23.64 -0.28 4.50
C TYR A 398 24.36 -0.71 5.80
N LEU A 399 23.62 -1.32 6.74
CA LEU A 399 24.24 -1.82 7.98
C LEU A 399 25.34 -2.81 7.69
N ALA A 400 25.13 -3.65 6.67
CA ALA A 400 26.15 -4.58 6.21
C ALA A 400 27.07 -3.96 5.14
N ASP A 401 26.50 -3.16 4.23
CA ASP A 401 27.24 -2.64 3.06
C ASP A 401 27.99 -1.34 3.31
N GLY A 402 27.90 -0.78 4.52
CA GLY A 402 28.55 0.50 4.80
C GLY A 402 29.98 0.42 5.30
N GLY A 403 30.80 -0.47 4.72
CA GLY A 403 32.21 -0.64 5.11
C GLY A 403 32.39 -1.04 6.57
N THR A 404 31.44 -1.82 7.05
CA THR A 404 31.29 -2.08 8.49
C THR A 404 32.46 -2.86 9.06
N ALA A 405 33.05 -2.30 10.12
CA ALA A 405 34.23 -2.81 10.77
C ALA A 405 33.85 -3.24 12.20
N TRP A 406 34.23 -4.43 12.61
CA TRP A 406 33.81 -4.92 13.93
C TRP A 406 34.90 -5.81 14.40
N GLU A 407 35.72 -5.30 15.32
CA GLU A 407 37.01 -5.96 15.64
C GLU A 407 36.98 -6.94 16.80
N ASN A 408 37.76 -8.01 16.67
CA ASN A 408 37.95 -9.01 17.72
C ASN A 408 39.44 -9.16 18.01
N GLY A 409 40.07 -8.02 18.22
CA GLY A 409 41.47 -7.96 18.61
C GLY A 409 42.35 -7.39 17.51
N LYS A 410 43.41 -6.71 17.94
CA LYS A 410 44.42 -6.21 17.01
C LYS A 410 45.37 -7.36 16.75
N VAL A 411 45.87 -7.50 15.53
CA VAL A 411 46.80 -8.58 15.22
C VAL A 411 48.08 -8.29 16.03
N GLY A 412 48.61 -9.33 16.68
CA GLY A 412 49.74 -9.21 17.61
C GLY A 412 49.44 -8.57 18.98
N GLU A 413 48.17 -8.44 19.35
CA GLU A 413 47.79 -7.82 20.63
C GLU A 413 48.03 -8.79 21.79
N LYS A 414 48.64 -8.28 22.86
CA LYS A 414 49.02 -9.10 24.02
C LYS A 414 47.81 -9.37 24.91
N ASP A 415 47.25 -8.31 25.48
CA ASP A 415 46.11 -8.40 26.41
C ASP A 415 44.76 -8.27 25.67
N LYS A 416 43.96 -9.34 25.69
CA LYS A 416 42.60 -9.31 25.13
C LYS A 416 41.72 -8.32 25.90
N ARG A 417 40.88 -7.60 25.16
CA ARG A 417 39.96 -6.61 25.75
C ARG A 417 38.57 -7.20 25.92
N THR A 418 37.73 -6.48 26.66
CA THR A 418 36.36 -6.90 26.95
C THR A 418 35.40 -6.58 25.80
N ASN A 419 35.57 -5.41 25.20
CA ASN A 419 34.68 -4.93 24.15
C ASN A 419 35.23 -5.16 22.73
N ASN A 420 34.34 -5.04 21.77
CA ASN A 420 34.64 -5.21 20.34
C ASN A 420 34.23 -3.92 19.70
N MET A 421 35.21 -3.14 19.26
CA MET A 421 34.93 -1.85 18.66
C MET A 421 34.25 -1.99 17.29
N PHE A 422 33.38 -1.02 16.98
CA PHE A 422 32.49 -1.06 15.83
C PHE A 422 32.54 0.26 15.07
N GLY A 423 32.46 0.18 13.74
CA GLY A 423 32.30 1.37 12.94
C GLY A 423 31.55 1.13 11.65
N LEU A 424 30.61 2.01 11.37
CA LEU A 424 29.88 2.05 10.13
C LEU A 424 30.26 3.36 9.42
N LEU A 425 30.61 3.30 8.14
CA LEU A 425 31.00 4.52 7.40
C LEU A 425 29.85 5.50 7.20
N GLY A 426 30.16 6.80 7.21
CA GLY A 426 29.21 7.79 6.74
C GLY A 426 28.79 7.49 5.31
N CYS A 427 29.79 7.12 4.52
CA CYS A 427 29.68 6.70 3.12
C CYS A 427 31.09 6.39 2.63
N PHE A 428 31.21 5.99 1.36
CA PHE A 428 32.48 5.65 0.76
C PHE A 428 33.20 6.84 0.14
N ASP A 429 32.47 7.80 -0.41
CA ASP A 429 33.15 8.97 -1.01
C ASP A 429 33.79 9.86 0.08
N TYR A 430 33.14 9.94 1.25
CA TYR A 430 33.62 10.69 2.40
C TYR A 430 33.86 9.62 3.47
N ASN A 431 35.05 9.02 3.39
CA ASN A 431 35.32 7.72 3.99
C ASN A 431 35.70 7.86 5.46
N TYR A 432 34.69 8.13 6.27
CA TYR A 432 34.89 8.39 7.71
C TYR A 432 33.97 7.49 8.53
N TYR A 433 34.51 6.92 9.58
CA TYR A 433 33.75 6.04 10.46
C TYR A 433 32.90 6.76 11.50
N GLU A 434 31.60 6.41 11.51
CA GLU A 434 30.65 6.86 12.53
C GLU A 434 30.42 8.35 12.58
N THR A 435 30.63 9.00 11.44
CA THR A 435 30.41 10.42 11.27
C THR A 435 29.23 10.90 12.13
N LEU A 436 29.54 11.56 13.24
CA LEU A 436 28.55 11.70 14.31
C LEU A 436 27.38 12.63 13.94
N ASP A 437 27.66 13.73 13.24
CA ASP A 437 26.59 14.59 12.73
C ASP A 437 25.60 13.86 11.79
N VAL A 438 26.08 12.80 11.15
CA VAL A 438 25.29 11.93 10.27
C VAL A 438 24.59 10.81 11.07
N ARG A 439 25.32 10.20 12.00
CA ARG A 439 24.78 9.08 12.78
C ARG A 439 23.63 9.53 13.71
N PHE A 440 23.59 10.82 14.02
CA PHE A 440 22.43 11.44 14.68
C PHE A 440 21.12 11.01 14.01
N TYR A 441 21.15 10.96 12.69
CA TYR A 441 20.04 10.46 11.86
C TYR A 441 20.15 8.97 11.56
N GLY A 442 21.33 8.53 11.13
CA GLY A 442 21.49 7.18 10.57
C GLY A 442 21.58 6.05 11.55
N SER A 443 21.69 6.34 12.85
CA SER A 443 21.92 5.26 13.82
C SER A 443 20.65 4.63 14.42
N PHE A 444 19.47 5.04 13.98
CA PHE A 444 18.22 4.46 14.51
C PHE A 444 18.12 2.95 14.44
N PRO A 445 18.50 2.32 13.30
CA PRO A 445 18.43 0.86 13.31
C PRO A 445 19.31 0.16 14.35
N LEU A 446 20.50 0.72 14.65
CA LEU A 446 21.34 0.11 15.66
C LEU A 446 20.72 0.24 17.07
N VAL A 447 20.24 1.41 17.44
CA VAL A 447 19.68 1.56 18.80
C VAL A 447 18.44 0.67 18.95
N MET A 448 17.65 0.56 17.87
CA MET A 448 16.39 -0.18 17.91
C MET A 448 16.55 -1.68 17.79
N LEU A 449 17.54 -2.13 17.01
CA LEU A 449 17.68 -3.55 16.68
C LEU A 449 18.97 -4.22 17.15
N TRP A 450 20.05 -3.45 17.36
CA TRP A 450 21.32 -4.00 17.84
C TRP A 450 21.90 -3.08 18.91
N PRO A 451 21.12 -2.84 19.98
CA PRO A 451 21.50 -1.79 20.94
C PRO A 451 22.87 -1.96 21.62
N ASP A 452 23.37 -3.19 21.79
CA ASP A 452 24.70 -3.38 22.38
C ASP A 452 25.79 -2.81 21.47
N ILE A 453 25.59 -2.86 20.15
CA ILE A 453 26.51 -2.21 19.22
C ILE A 453 26.39 -0.69 19.38
N GLU A 454 25.18 -0.18 19.38
CA GLU A 454 24.96 1.25 19.49
C GLU A 454 25.67 1.84 20.74
N LYS A 455 25.50 1.17 21.86
CA LYS A 455 26.10 1.64 23.13
C LYS A 455 27.61 1.58 23.10
N GLN A 456 28.17 0.51 22.52
CA GLN A 456 29.61 0.43 22.31
C GLN A 456 30.10 1.63 21.50
N VAL A 457 29.43 1.96 20.39
CA VAL A 457 29.85 3.12 19.59
C VAL A 457 29.82 4.42 20.41
N MET A 458 28.75 4.63 21.17
CA MET A 458 28.68 5.87 21.97
C MET A 458 29.76 5.92 23.07
N ARG A 459 30.10 4.79 23.67
CA ARG A 459 31.23 4.75 24.61
C ARG A 459 32.57 5.08 23.94
N GLN A 460 32.74 4.63 22.70
CA GLN A 460 33.90 4.98 21.90
C GLN A 460 34.00 6.51 21.73
N PHE A 461 32.86 7.16 21.51
CA PHE A 461 32.84 8.63 21.44
C PHE A 461 33.11 9.28 22.81
N ALA A 462 32.50 8.75 23.86
CA ALA A 462 32.78 9.24 25.24
C ALA A 462 34.27 9.28 25.54
N ASP A 463 34.97 8.20 25.15
CA ASP A 463 36.38 8.05 25.42
C ASP A 463 37.23 9.11 24.74
N THR A 464 36.74 9.71 23.65
CA THR A 464 37.49 10.73 22.90
C THR A 464 37.33 12.17 23.38
N ILE A 465 36.39 12.44 24.29
CA ILE A 465 36.02 13.83 24.61
C ILE A 465 37.25 14.68 25.00
N ASN A 466 38.12 14.15 25.85
CA ASN A 466 39.23 14.93 26.36
C ASN A 466 40.55 14.65 25.67
N VAL A 467 40.52 13.83 24.62
CA VAL A 467 41.68 13.62 23.79
C VAL A 467 42.08 14.97 23.16
N GLN A 468 43.40 15.23 23.20
CA GLN A 468 44.02 16.38 22.54
C GLN A 468 45.01 15.81 21.53
N ASP A 469 45.01 16.41 20.35
CA ASP A 469 45.95 16.05 19.30
C ASP A 469 46.31 17.39 18.67
N SER A 470 47.50 17.87 19.02
CA SER A 470 47.96 19.18 18.56
C SER A 470 48.56 19.15 17.16
N SER A 471 48.71 17.97 16.56
CA SER A 471 49.07 17.87 15.14
C SER A 471 48.07 18.68 14.30
N GLU A 472 48.53 19.21 13.17
CA GLU A 472 47.75 20.18 12.41
C GLU A 472 47.28 19.61 11.10
N PHE A 473 46.26 20.25 10.55
CA PHE A 473 45.77 19.89 9.22
C PHE A 473 45.29 21.12 8.47
N LYS A 474 45.28 21.05 7.15
CA LYS A 474 44.74 22.14 6.33
C LYS A 474 43.22 21.93 6.17
N VAL A 475 42.45 22.95 6.56
CA VAL A 475 41.00 22.97 6.41
C VAL A 475 40.75 23.13 4.90
N GLY A 476 40.04 22.18 4.31
CA GLY A 476 39.87 22.17 2.87
C GLY A 476 39.16 23.39 2.31
N SER A 477 38.11 23.84 2.98
CA SER A 477 37.25 24.89 2.44
C SER A 477 37.90 26.29 2.35
N ASN A 478 38.92 26.53 3.16
CA ASN A 478 39.57 27.85 3.22
C ASN A 478 41.10 27.86 3.16
N GLY A 479 41.74 26.70 3.34
CA GLY A 479 43.20 26.61 3.30
C GLY A 479 43.94 26.96 4.59
N ALA A 480 43.21 27.27 5.66
CA ALA A 480 43.80 27.55 6.97
C ALA A 480 44.26 26.28 7.65
N MET A 481 45.36 26.37 8.41
CA MET A 481 45.78 25.27 9.27
C MET A 481 44.97 25.30 10.56
N ALA A 482 44.73 24.13 11.13
CA ALA A 482 43.98 24.01 12.39
C ALA A 482 44.45 22.81 13.17
N VAL A 483 44.14 22.83 14.47
CA VAL A 483 44.48 21.77 15.39
C VAL A 483 43.53 20.58 15.18
N LYS A 484 44.08 19.37 15.17
CA LYS A 484 43.33 18.15 14.80
C LYS A 484 42.19 17.85 15.79
N LYS A 485 42.49 17.85 17.09
CA LYS A 485 41.51 17.52 18.11
C LYS A 485 41.67 18.40 19.36
N VAL A 486 40.60 19.12 19.70
CA VAL A 486 40.58 20.05 20.83
C VAL A 486 39.91 19.38 22.01
N GLN A 487 40.48 19.56 23.21
CA GLN A 487 39.96 18.95 24.44
C GLN A 487 38.54 19.45 24.66
N GLY A 488 37.64 18.52 24.98
CA GLY A 488 36.24 18.81 25.25
C GLY A 488 35.31 18.95 24.07
N MET A 489 35.83 18.83 22.84
CA MET A 489 35.00 18.86 21.63
C MET A 489 34.88 17.43 21.12
N ILE A 490 33.65 16.99 20.90
CA ILE A 490 33.38 15.66 20.32
C ILE A 490 33.93 15.61 18.89
N PRO A 491 34.56 14.47 18.50
CA PRO A 491 35.08 14.35 17.14
C PRO A 491 34.00 14.21 16.08
N HIS A 492 34.28 14.70 14.88
CA HIS A 492 33.46 14.44 13.70
C HIS A 492 33.31 12.95 13.41
N ASP A 493 34.40 12.18 13.55
CA ASP A 493 34.43 10.79 13.15
C ASP A 493 35.51 10.06 13.90
N LEU A 494 35.51 8.72 13.81
CA LEU A 494 36.52 7.88 14.44
C LEU A 494 37.58 7.36 13.47
N GLY A 495 37.84 8.13 12.42
CA GLY A 495 38.94 7.85 11.50
C GLY A 495 38.44 7.41 10.13
N SER A 496 39.39 7.06 9.27
CA SER A 496 39.11 6.62 7.91
C SER A 496 39.70 5.27 7.65
N SER A 497 39.05 4.47 6.79
CA SER A 497 39.64 3.16 6.43
C SER A 497 40.97 3.30 5.66
N TYR A 498 41.22 4.47 5.10
CA TYR A 498 42.49 4.80 4.47
C TYR A 498 43.61 5.09 5.48
N ALA A 499 43.24 5.27 6.74
CA ALA A 499 44.16 5.62 7.81
C ALA A 499 43.96 4.67 8.99
N LEU A 500 43.55 5.16 10.17
CA LEU A 500 43.53 4.35 11.38
C LEU A 500 42.21 4.49 12.12
N PRO A 501 41.19 3.70 11.70
CA PRO A 501 39.92 3.67 12.41
C PRO A 501 40.11 3.42 13.91
N TRP A 502 39.35 4.13 14.73
CA TRP A 502 39.37 4.00 16.20
C TRP A 502 40.61 4.57 16.89
N ILE A 503 41.67 4.85 16.15
CA ILE A 503 42.96 5.23 16.72
C ILE A 503 43.26 6.69 16.39
N LYS A 504 43.14 7.07 15.12
CA LYS A 504 43.28 8.47 14.70
C LYS A 504 41.93 9.05 14.28
N ILE A 505 41.32 9.81 15.19
CA ILE A 505 40.00 10.38 14.98
C ILE A 505 40.10 11.66 14.18
N ASN A 506 38.94 12.15 13.73
CA ASN A 506 38.85 13.38 12.93
C ASN A 506 39.64 13.31 11.62
N ALA A 507 39.42 12.25 10.85
CA ALA A 507 39.98 12.17 9.51
C ALA A 507 39.37 13.24 8.58
N TYR A 508 38.13 13.64 8.84
CA TYR A 508 37.46 14.68 8.07
C TYR A 508 38.21 16.00 8.18
N ASP A 509 38.36 16.69 7.06
CA ASP A 509 39.10 17.96 7.02
C ASP A 509 38.52 19.08 6.17
N TRP A 510 37.31 18.93 5.63
CA TRP A 510 36.73 19.98 4.77
C TRP A 510 36.44 21.26 5.55
N GLN A 511 36.00 21.06 6.78
CA GLN A 511 35.83 22.12 7.76
C GLN A 511 36.55 21.67 9.01
N ASN A 512 36.66 22.57 9.98
CA ASN A 512 37.23 22.23 11.28
C ASN A 512 36.15 21.81 12.25
N PRO A 513 36.04 20.48 12.54
CA PRO A 513 34.96 20.00 13.41
C PRO A 513 35.07 20.43 14.86
N ASN A 514 36.25 20.85 15.28
CA ASN A 514 36.45 21.38 16.63
C ASN A 514 35.72 22.69 16.92
N ILE A 515 35.25 23.40 15.89
CA ILE A 515 34.40 24.57 16.08
C ILE A 515 32.94 24.36 15.64
N TRP A 516 32.54 23.09 15.44
CA TRP A 516 31.17 22.82 15.01
C TRP A 516 30.24 23.03 16.19
N LYS A 517 29.03 23.50 15.90
CA LYS A 517 28.03 23.81 16.94
C LYS A 517 26.95 22.73 17.12
N ASP A 518 26.96 21.69 16.27
CA ASP A 518 26.00 20.59 16.39
C ASP A 518 26.59 19.32 17.00
N LEU A 519 27.89 19.08 16.86
CA LEU A 519 28.46 17.80 17.32
C LEU A 519 28.28 17.53 18.82
N ASN A 520 28.69 18.47 19.68
CA ASN A 520 28.56 18.26 21.12
C ASN A 520 27.10 18.06 21.58
N SER A 521 26.21 18.84 21.00
CA SER A 521 24.75 18.72 21.22
C SER A 521 24.19 17.37 20.77
N LYS A 522 24.51 16.99 19.54
CA LYS A 522 24.04 15.73 18.97
C LYS A 522 24.53 14.56 19.79
N TYR A 523 25.78 14.63 20.25
CA TYR A 523 26.35 13.62 21.13
C TYR A 523 25.50 13.41 22.39
N VAL A 524 25.18 14.50 23.07
CA VAL A 524 24.33 14.39 24.27
C VAL A 524 22.98 13.77 23.94
N LEU A 525 22.36 14.24 22.86
CA LEU A 525 21.05 13.72 22.45
C LEU A 525 21.09 12.25 22.12
N LEU A 526 22.17 11.80 21.47
CA LEU A 526 22.37 10.36 21.21
C LEU A 526 22.50 9.51 22.47
N VAL A 527 23.28 9.99 23.44
CA VAL A 527 23.43 9.32 24.74
C VAL A 527 22.06 9.13 25.40
N TYR A 528 21.29 10.21 25.50
CA TYR A 528 19.99 10.11 26.18
C TYR A 528 19.00 9.29 25.35
N ARG A 529 19.01 9.47 24.03
CA ARG A 529 18.23 8.58 23.13
C ARG A 529 18.49 7.13 23.40
N ASP A 530 19.77 6.75 23.54
CA ASP A 530 20.12 5.35 23.71
C ASP A 530 19.69 4.77 25.05
N TYR A 531 19.53 5.64 26.04
CA TYR A 531 18.97 5.24 27.33
C TYR A 531 17.46 5.08 27.21
N VAL A 532 16.79 6.08 26.65
CA VAL A 532 15.32 6.03 26.52
C VAL A 532 14.84 4.85 25.67
N LEU A 533 15.40 4.71 24.47
CA LEU A 533 14.94 3.67 23.54
C LEU A 533 15.37 2.25 23.91
N THR A 534 16.15 2.07 24.98
CA THR A 534 16.44 0.74 25.52
C THR A 534 15.75 0.49 26.87
N GLY A 535 14.69 1.26 27.14
CA GLY A 535 13.78 1.01 28.25
C GLY A 535 14.05 1.81 29.52
N LYS A 536 14.82 2.89 29.42
CA LYS A 536 15.14 3.75 30.57
C LYS A 536 15.70 2.97 31.78
N THR A 537 16.48 1.91 31.54
CA THR A 537 17.05 1.08 32.61
C THR A 537 18.58 1.12 32.70
N ASP A 538 19.29 1.51 31.64
CA ASP A 538 20.76 1.38 31.64
C ASP A 538 21.43 2.60 32.30
N LYS A 539 21.36 2.63 33.64
CA LYS A 539 22.07 3.66 34.41
C LYS A 539 23.57 3.55 34.22
N GLU A 540 24.08 2.33 34.14
CA GLU A 540 25.52 2.15 33.92
C GLU A 540 25.98 2.93 32.69
N PHE A 541 25.18 2.90 31.63
CA PHE A 541 25.54 3.59 30.39
C PHE A 541 25.56 5.09 30.60
N LEU A 542 24.55 5.62 31.30
CA LEU A 542 24.53 7.05 31.62
C LEU A 542 25.71 7.40 32.55
N LYS A 543 25.98 6.53 33.53
CA LYS A 543 27.17 6.72 34.39
C LYS A 543 28.44 6.86 33.54
N TYR A 544 28.68 5.90 32.66
CA TYR A 544 29.89 5.88 31.81
C TYR A 544 30.07 7.18 31.03
N THR A 545 28.98 7.72 30.49
CA THR A 545 29.02 8.86 29.57
C THR A 545 28.82 10.22 30.22
N TRP A 546 28.46 10.24 31.50
CA TRP A 546 28.03 11.50 32.15
C TRP A 546 29.07 12.63 32.10
N LYS A 547 30.31 12.32 32.44
CA LYS A 547 31.37 13.33 32.47
C LYS A 547 31.57 13.94 31.11
N SER A 548 31.57 13.10 30.06
CA SER A 548 31.68 13.61 28.68
C SER A 548 30.50 14.52 28.28
N VAL A 549 29.28 14.17 28.71
CA VAL A 549 28.08 15.00 28.44
C VAL A 549 28.20 16.40 29.03
N LYS A 550 28.58 16.44 30.30
CA LYS A 550 28.80 17.73 30.97
C LYS A 550 29.88 18.54 30.30
N THR A 551 31.01 17.88 29.99
CA THR A 551 32.11 18.53 29.31
C THR A 551 31.65 19.09 27.99
N ALA A 552 30.94 18.26 27.20
CA ALA A 552 30.49 18.67 25.87
C ALA A 552 29.63 19.92 25.91
N LEU A 553 28.65 19.94 26.81
CA LEU A 553 27.75 21.08 26.90
C LEU A 553 28.48 22.32 27.42
N ASP A 554 29.33 22.13 28.41
CA ASP A 554 30.11 23.24 28.99
C ASP A 554 31.00 23.92 27.94
N LYS A 555 31.62 23.13 27.05
CA LYS A 555 32.44 23.72 26.00
C LYS A 555 31.62 24.45 24.95
N LEU A 556 30.43 23.93 24.64
CA LEU A 556 29.58 24.55 23.64
C LEU A 556 29.07 25.91 24.13
N LYS A 557 28.76 25.99 25.43
CA LYS A 557 28.36 27.25 26.07
C LYS A 557 29.36 28.39 25.88
N GLU A 558 30.66 28.07 25.87
CA GLU A 558 31.73 29.07 25.67
C GLU A 558 31.66 29.73 24.28
N MET A 559 31.03 29.06 23.30
CA MET A 559 30.88 29.62 21.95
C MET A 559 29.71 30.59 21.79
N ASP A 560 28.96 30.82 22.87
CA ASP A 560 28.02 31.94 22.93
C ASP A 560 28.77 33.24 23.13
N LYS A 561 28.72 34.11 22.12
CA LYS A 561 29.56 35.34 22.06
C LYS A 561 28.83 36.66 22.40
N ASP A 562 27.51 36.67 22.40
CA ASP A 562 26.71 37.85 22.75
C ASP A 562 25.80 37.60 23.96
N ASN A 563 26.13 36.57 24.75
CA ASN A 563 25.44 36.23 25.99
C ASN A 563 23.89 36.15 25.91
N ASP A 564 23.37 35.65 24.78
CA ASP A 564 21.95 35.27 24.71
C ASP A 564 21.67 33.86 25.24
N GLY A 565 22.71 33.16 25.67
CA GLY A 565 22.60 31.81 26.25
C GLY A 565 22.75 30.70 25.21
N ILE A 566 23.07 31.06 23.97
CA ILE A 566 23.07 30.12 22.84
C ILE A 566 24.37 30.25 22.04
N PRO A 567 25.01 29.12 21.69
CA PRO A 567 26.19 29.15 20.81
C PRO A 567 25.93 29.94 19.54
N ASP A 568 26.94 30.69 19.08
CA ASP A 568 26.84 31.47 17.85
C ASP A 568 27.44 30.73 16.67
N ASN A 569 26.65 30.46 15.64
CA ASN A 569 27.22 30.00 14.38
C ASN A 569 28.06 31.17 13.84
N GLU A 570 29.22 30.85 13.27
CA GLU A 570 30.27 31.85 12.98
C GLU A 570 30.33 32.37 11.54
N GLY A 571 29.20 32.34 10.83
CA GLY A 571 29.15 32.81 9.45
C GLY A 571 29.91 31.92 8.48
N ILE A 572 30.16 30.68 8.91
CA ILE A 572 30.75 29.65 8.07
C ILE A 572 29.93 28.37 8.26
N PRO A 573 30.19 27.34 7.44
CA PRO A 573 29.48 26.09 7.67
C PRO A 573 30.10 25.34 8.85
N ASP A 574 29.54 25.53 10.02
CA ASP A 574 30.11 24.93 11.23
C ASP A 574 29.14 23.91 11.83
N GLN A 575 28.62 23.05 10.95
CA GLN A 575 27.70 22.00 11.37
C GLN A 575 27.52 21.05 10.15
N THR A 576 26.67 20.03 10.28
CA THR A 576 26.49 18.99 9.23
C THR A 576 26.27 19.53 7.82
N TYR A 577 25.56 20.66 7.69
CA TYR A 577 25.40 21.29 6.40
C TYR A 577 26.66 22.09 6.10
N ASP A 578 27.71 21.34 5.74
CA ASP A 578 29.08 21.84 5.78
C ASP A 578 29.56 22.63 4.57
N THR A 579 28.65 23.02 3.67
CA THR A 579 28.89 24.15 2.74
C THR A 579 27.85 25.28 2.88
N TRP A 580 26.91 25.16 3.82
CA TRP A 580 25.81 26.12 3.98
C TRP A 580 26.04 26.92 5.25
N SER A 581 26.36 28.21 5.11
CA SER A 581 26.68 29.09 6.27
C SER A 581 25.53 29.40 7.18
N MET A 582 25.77 29.26 8.48
CA MET A 582 24.88 29.74 9.52
C MET A 582 25.65 30.85 10.29
N LYS A 583 24.91 31.82 10.81
CA LYS A 583 25.50 32.93 11.56
C LYS A 583 24.53 33.39 12.64
N GLY A 584 25.04 33.45 13.87
CA GLY A 584 24.26 33.86 15.01
C GLY A 584 23.57 32.66 15.61
N THR A 585 22.34 32.84 16.06
CA THR A 585 21.51 31.75 16.55
C THR A 585 20.82 31.15 15.30
N SER A 586 21.03 29.86 15.07
CA SER A 586 20.34 29.14 13.99
C SER A 586 19.20 28.32 14.57
N ALA A 587 18.12 28.17 13.81
CA ALA A 587 17.05 27.25 14.20
C ALA A 587 17.62 25.85 14.50
N TYR A 588 18.47 25.39 13.59
CA TYR A 588 19.04 24.03 13.65
C TYR A 588 19.91 23.79 14.88
N CYS A 589 21.02 24.52 15.01
CA CYS A 589 21.93 24.29 16.13
C CYS A 589 21.31 24.82 17.44
N GLY A 590 20.52 25.89 17.33
CA GLY A 590 19.78 26.40 18.47
C GLY A 590 18.81 25.40 19.06
N SER A 591 17.94 24.81 18.23
CA SER A 591 16.99 23.80 18.76
C SER A 591 17.72 22.58 19.30
N LEU A 592 18.81 22.16 18.66
CA LEU A 592 19.60 21.02 19.15
C LEU A 592 20.17 21.30 20.54
N TRP A 593 20.66 22.53 20.70
CA TRP A 593 21.21 23.02 21.98
C TRP A 593 20.18 22.92 23.08
N LEU A 594 18.98 23.46 22.84
CA LEU A 594 17.86 23.41 23.80
C LEU A 594 17.52 22.00 24.24
N ALA A 595 17.43 21.10 23.26
CA ALA A 595 17.08 19.72 23.51
C ALA A 595 18.18 19.01 24.30
N ALA A 596 19.43 19.28 23.94
CA ALA A 596 20.59 18.69 24.62
C ALA A 596 20.60 19.12 26.09
N LEU A 597 20.35 20.42 26.31
CA LEU A 597 20.26 20.96 27.66
C LEU A 597 19.18 20.25 28.45
N LYS A 598 17.98 20.11 27.86
CA LYS A 598 16.91 19.39 28.56
C LYS A 598 17.22 17.91 28.80
N ALA A 599 17.88 17.24 27.84
CA ALA A 599 18.29 15.86 28.06
C ALA A 599 19.28 15.75 29.24
N ALA A 600 20.25 16.65 29.27
CA ALA A 600 21.25 16.68 30.36
C ALA A 600 20.63 16.96 31.74
N GLN A 601 19.63 17.83 31.82
CA GLN A 601 18.85 17.95 33.06
C GLN A 601 18.33 16.61 33.52
N GLU A 602 17.73 15.85 32.61
CA GLU A 602 17.10 14.57 32.98
C GLU A 602 18.11 13.55 33.40
N ILE A 603 19.26 13.51 32.72
CA ILE A 603 20.34 12.61 33.14
C ILE A 603 20.80 13.06 34.54
N GLY A 604 20.90 14.38 34.72
CA GLY A 604 21.16 14.99 36.02
C GLY A 604 20.27 14.45 37.12
N LYS A 605 18.95 14.45 36.91
CA LYS A 605 18.00 13.86 37.86
C LYS A 605 18.22 12.38 38.09
N VAL A 606 18.42 11.60 37.01
CA VAL A 606 18.60 10.15 37.13
C VAL A 606 19.86 9.78 37.93
N LEU A 607 20.96 10.51 37.68
CA LEU A 607 22.21 10.26 38.40
C LEU A 607 22.37 11.11 39.67
N LYS A 608 21.34 11.92 40.00
CA LYS A 608 21.28 12.74 41.22
C LYS A 608 22.45 13.73 41.31
N ASP A 609 22.63 14.47 40.21
CA ASP A 609 23.65 15.49 40.11
C ASP A 609 22.87 16.79 40.09
N ASN A 610 22.41 17.20 41.28
CA ASN A 610 21.55 18.38 41.38
C ASN A 610 22.27 19.65 40.95
N GLU A 611 23.59 19.69 41.09
CA GLU A 611 24.38 20.85 40.64
C GLU A 611 24.24 21.01 39.10
N ALA A 612 24.48 19.91 38.39
CA ALA A 612 24.28 19.88 36.93
C ALA A 612 22.82 20.18 36.53
N TYR A 613 21.87 19.52 37.19
CA TYR A 613 20.43 19.80 36.96
C TYR A 613 20.10 21.28 37.02
N ILE A 614 20.50 21.95 38.11
CA ILE A 614 20.21 23.37 38.27
C ILE A 614 20.92 24.17 37.19
N LYS A 615 22.21 23.88 36.98
CA LYS A 615 23.00 24.59 35.97
C LYS A 615 22.37 24.53 34.56
N TYR A 616 22.03 23.33 34.10
CA TYR A 616 21.50 23.16 32.73
C TYR A 616 20.04 23.60 32.62
N ASN A 617 19.29 23.47 33.71
CA ASN A 617 17.93 24.01 33.78
C ASN A 617 17.89 25.52 33.60
N GLU A 618 18.84 26.25 34.21
CA GLU A 618 18.86 27.70 34.08
C GLU A 618 19.38 28.12 32.69
N TRP A 619 20.45 27.46 32.21
CA TRP A 619 20.88 27.63 30.81
C TRP A 619 19.69 27.43 29.84
N TYR A 620 18.92 26.36 30.08
CA TYR A 620 17.78 26.02 29.22
C TYR A 620 16.72 27.11 29.17
N LYS A 621 16.25 27.53 30.34
CA LYS A 621 15.18 28.53 30.43
C LYS A 621 15.57 29.85 29.76
N ILE A 622 16.83 30.26 29.90
CA ILE A 622 17.31 31.48 29.27
C ILE A 622 17.39 31.32 27.74
N ALA A 623 18.03 30.25 27.28
CA ALA A 623 18.20 29.98 25.84
C ALA A 623 16.84 29.82 25.14
N GLN A 624 15.93 29.07 25.77
CA GLN A 624 14.58 28.85 25.23
C GLN A 624 13.83 30.15 24.97
N GLN A 625 13.89 31.06 25.93
CA GLN A 625 13.21 32.34 25.83
C GLN A 625 13.81 33.13 24.67
N ASN A 626 15.13 33.16 24.60
CA ASN A 626 15.82 33.91 23.56
C ASN A 626 15.71 33.26 22.17
N PHE A 627 15.73 31.93 22.12
CA PHE A 627 15.53 31.22 20.86
C PHE A 627 14.19 31.63 20.28
N GLU A 628 13.13 31.49 21.09
CA GLU A 628 11.78 31.87 20.70
C GLU A 628 11.69 33.31 20.17
N LYS A 629 12.17 34.28 20.96
CA LYS A 629 12.16 35.71 20.56
C LYS A 629 12.94 35.99 19.29
N GLU A 630 14.13 35.42 19.19
CA GLU A 630 15.01 35.71 18.05
C GLU A 630 14.51 35.15 16.73
N LEU A 631 13.87 33.98 16.75
CA LEU A 631 13.62 33.24 15.49
C LEU A 631 12.13 33.08 15.08
N TRP A 632 11.21 33.02 16.04
CA TRP A 632 9.77 32.88 15.68
C TRP A 632 9.25 34.11 14.91
N ASN A 633 8.78 33.91 13.66
CA ASN A 633 8.30 35.01 12.82
C ASN A 633 6.78 35.05 12.61
N GLY A 634 6.04 34.21 13.34
CA GLY A 634 4.59 34.07 13.17
C GLY A 634 4.12 32.86 12.35
N GLU A 635 4.95 32.40 11.41
CA GLU A 635 4.65 31.23 10.57
C GLU A 635 5.61 30.03 10.77
N TYR A 636 6.88 30.34 11.00
CA TYR A 636 7.93 29.33 11.19
C TYR A 636 9.11 29.95 11.93
N TYR A 637 10.16 29.15 12.18
CA TYR A 637 11.40 29.64 12.79
C TYR A 637 12.38 30.01 11.69
N ASN A 638 12.88 31.24 11.73
CA ASN A 638 13.83 31.72 10.74
C ASN A 638 15.06 30.81 10.72
N PHE A 639 15.69 30.71 9.56
CA PHE A 639 16.95 29.98 9.38
C PHE A 639 17.97 30.35 10.46
N ASP A 640 18.29 31.65 10.55
CA ASP A 640 19.15 32.14 11.64
C ASP A 640 18.88 33.64 11.92
N THR A 641 19.77 34.28 12.68
CA THR A 641 19.65 35.71 12.99
C THR A 641 20.50 36.67 12.12
N GLU A 642 21.59 36.19 11.53
CA GLU A 642 22.58 37.09 10.89
C GLU A 642 22.98 36.84 9.42
N SER A 643 22.45 35.79 8.78
CA SER A 643 22.78 35.50 7.37
C SER A 643 22.00 36.39 6.41
N ASP A 644 22.48 36.47 5.17
CA ASP A 644 21.76 37.13 4.08
C ASP A 644 20.37 36.51 3.85
N HIS A 645 20.27 35.19 3.86
N HIS A 645 20.36 35.19 3.94
CA HIS A 645 18.95 34.55 3.72
CA HIS A 645 19.20 34.33 3.76
C HIS A 645 18.49 33.97 5.06
C HIS A 645 18.49 33.95 5.07
N LYS A 646 18.53 34.83 6.07
CA LYS A 646 18.04 34.49 7.44
C LYS A 646 16.58 34.04 7.53
N ASP A 647 15.74 34.55 6.61
CA ASP A 647 14.31 34.22 6.59
C ASP A 647 13.99 32.98 5.74
N SER A 648 15.00 32.22 5.31
CA SER A 648 14.73 30.98 4.58
C SER A 648 14.04 29.96 5.46
N ILE A 649 13.17 29.16 4.83
CA ILE A 649 12.45 28.09 5.50
C ILE A 649 13.33 26.86 5.35
N MET A 650 13.85 26.39 6.47
CA MET A 650 14.76 25.24 6.48
C MET A 650 13.97 23.96 6.86
N ALA A 651 14.12 22.92 6.06
CA ALA A 651 13.41 21.66 6.34
C ALA A 651 13.71 21.12 7.72
N ASP A 652 14.96 21.28 8.18
CA ASP A 652 15.43 20.70 9.43
C ASP A 652 15.48 21.72 10.59
N GLN A 653 14.76 22.84 10.44
CA GLN A 653 14.79 23.92 11.44
C GLN A 653 14.52 23.51 12.90
N LEU A 654 13.68 22.48 13.11
CA LEU A 654 13.31 22.03 14.46
C LEU A 654 13.81 20.63 14.85
N ALA A 655 15.00 20.29 14.38
CA ALA A 655 15.63 19.00 14.67
C ALA A 655 15.71 18.68 16.15
N GLY A 656 15.98 19.69 16.97
CA GLY A 656 15.97 19.52 18.42
C GLY A 656 14.65 19.03 18.97
N GLN A 657 13.55 19.58 18.47
CA GLN A 657 12.23 19.18 18.93
C GLN A 657 11.87 17.77 18.41
N TRP A 658 12.28 17.48 17.17
CA TRP A 658 12.16 16.12 16.65
C TRP A 658 12.73 15.12 17.66
N TYR A 659 14.00 15.30 18.05
CA TYR A 659 14.63 14.41 19.02
C TYR A 659 13.97 14.47 20.41
N ALA A 660 13.55 15.67 20.82
CA ALA A 660 12.85 15.81 22.12
C ALA A 660 11.60 14.91 22.17
N ASP A 661 10.86 14.82 21.05
CA ASP A 661 9.69 13.91 21.00
C ASP A 661 10.10 12.46 21.22
N ILE A 662 11.16 12.04 20.55
CA ILE A 662 11.63 10.66 20.64
C ILE A 662 12.11 10.35 22.04
N LEU A 663 12.78 11.32 22.66
CA LEU A 663 13.37 11.15 24.00
C LEU A 663 12.35 11.40 25.15
N ARG A 664 11.11 11.76 24.78
CA ARG A 664 10.01 12.08 25.72
C ARG A 664 10.37 13.23 26.67
N LEU A 665 10.92 14.29 26.08
CA LEU A 665 11.35 15.46 26.81
C LEU A 665 10.27 16.56 26.78
N GLY A 666 9.11 16.27 26.17
CA GLY A 666 8.03 17.24 26.05
C GLY A 666 8.37 18.37 25.10
N ASP A 667 7.74 19.52 25.29
CA ASP A 667 7.85 20.62 24.35
C ASP A 667 8.95 21.59 24.75
N ILE A 668 9.90 21.80 23.85
CA ILE A 668 10.90 22.84 23.99
C ILE A 668 10.45 24.11 23.28
N LEU A 669 9.58 23.96 22.30
CA LEU A 669 8.94 25.08 21.67
C LEU A 669 7.43 24.84 21.75
N PRO A 670 6.63 25.92 21.66
CA PRO A 670 5.18 25.73 21.84
C PRO A 670 4.55 24.84 20.74
N LYS A 671 3.65 23.92 21.13
CA LYS A 671 2.96 22.99 20.22
C LYS A 671 2.42 23.68 18.99
N ASP A 672 1.74 24.80 19.20
CA ASP A 672 1.14 25.56 18.12
C ASP A 672 2.19 26.06 17.11
N HIS A 673 3.36 26.46 17.61
CA HIS A 673 4.42 26.97 16.74
C HIS A 673 5.09 25.85 15.93
N VAL A 674 5.28 24.69 16.56
CA VAL A 674 5.85 23.49 15.92
C VAL A 674 4.92 23.04 14.79
N GLN A 675 3.62 22.95 15.08
CA GLN A 675 2.62 22.59 14.06
C GLN A 675 2.64 23.56 12.87
N LYS A 676 2.57 24.85 13.14
CA LYS A 676 2.67 25.84 12.07
C LYS A 676 3.96 25.67 11.26
N ALA A 677 5.08 25.49 11.95
CA ALA A 677 6.37 25.31 11.26
C ALA A 677 6.36 24.06 10.35
N LEU A 678 5.90 22.94 10.89
CA LEU A 678 5.85 21.69 10.10
C LEU A 678 4.92 21.81 8.89
N LYS A 679 3.75 22.43 9.07
CA LYS A 679 2.81 22.67 7.94
C LYS A 679 3.44 23.57 6.88
N LYS A 680 4.22 24.56 7.33
CA LYS A 680 4.92 25.45 6.42
C LYS A 680 5.93 24.67 5.60
N ILE A 681 6.71 23.81 6.29
CA ILE A 681 7.77 23.00 5.63
C ILE A 681 7.12 22.07 4.57
N TYR A 682 6.03 21.41 4.94
CA TYR A 682 5.28 20.59 3.98
C TYR A 682 4.77 21.43 2.79
N GLU A 683 4.14 22.56 3.06
CA GLU A 683 3.57 23.42 2.03
C GLU A 683 4.60 23.98 1.06
N PHE A 684 5.81 24.28 1.57
CA PHE A 684 6.85 24.92 0.77
C PHE A 684 7.93 23.92 0.36
N ASN A 685 8.74 23.48 1.32
CA ASN A 685 9.92 22.64 1.03
C ASN A 685 9.58 21.31 0.34
N VAL A 686 8.42 20.74 0.66
CA VAL A 686 7.92 19.57 -0.04
C VAL A 686 7.09 19.97 -1.27
N MET A 687 5.91 20.55 -1.05
CA MET A 687 4.94 20.71 -2.15
C MET A 687 5.33 21.68 -3.27
N LYS A 688 6.16 22.69 -2.98
CA LYS A 688 6.65 23.59 -4.03
C LYS A 688 7.99 23.13 -4.63
N PHE A 689 8.49 21.97 -4.19
CA PHE A 689 9.66 21.37 -4.83
C PHE A 689 9.22 20.17 -5.67
N GLU A 690 9.24 20.35 -6.99
CA GLU A 690 8.87 19.28 -7.96
C GLU A 690 7.57 18.57 -7.59
N ASN A 691 6.58 19.38 -7.25
CA ASN A 691 5.23 18.91 -6.91
C ASN A 691 5.16 17.87 -5.77
N GLY A 692 6.08 17.93 -4.82
CA GLY A 692 6.02 17.07 -3.63
C GLY A 692 6.38 15.61 -3.83
N LYS A 693 7.04 15.28 -4.93
CA LYS A 693 7.32 13.88 -5.29
C LYS A 693 8.79 13.48 -5.14
N MET A 694 9.60 14.33 -4.49
CA MET A 694 11.05 14.08 -4.39
C MET A 694 11.63 14.36 -3.01
N GLY A 695 10.79 14.44 -1.99
CA GLY A 695 11.21 14.72 -0.62
C GLY A 695 11.15 16.21 -0.29
N ALA A 696 11.86 16.59 0.77
CA ALA A 696 11.86 17.99 1.26
C ALA A 696 13.18 18.69 0.87
N VAL A 697 13.11 19.72 0.02
CA VAL A 697 14.34 20.48 -0.29
C VAL A 697 14.77 21.20 0.99
N ASN A 698 16.07 21.39 1.15
CA ASN A 698 16.58 21.88 2.42
C ASN A 698 16.20 23.34 2.71
N GLY A 699 16.30 24.22 1.72
CA GLY A 699 16.05 25.65 1.94
C GLY A 699 15.12 26.26 0.91
N MET A 700 14.08 26.94 1.36
CA MET A 700 13.21 27.64 0.43
C MET A 700 12.95 29.10 0.86
N ARG A 701 13.02 30.01 -0.10
CA ARG A 701 12.76 31.43 0.14
C ARG A 701 11.28 31.58 0.49
N PRO A 702 10.91 32.55 1.35
CA PRO A 702 9.48 32.66 1.68
C PRO A 702 8.57 33.03 0.49
N ASP A 703 9.13 33.48 -0.63
CA ASP A 703 8.36 33.59 -1.88
C ASP A 703 8.16 32.26 -2.63
N GLY A 704 8.55 31.13 -2.04
CA GLY A 704 8.27 29.81 -2.64
C GLY A 704 9.21 29.40 -3.76
N ILE A 705 10.40 29.98 -3.80
CA ILE A 705 11.44 29.64 -4.77
C ILE A 705 12.59 29.11 -3.94
N VAL A 706 13.31 28.12 -4.48
CA VAL A 706 14.36 27.45 -3.74
C VAL A 706 15.50 28.44 -3.47
N ASP A 707 16.04 28.34 -2.27
CA ASP A 707 17.16 29.17 -1.81
C ASP A 707 18.42 28.78 -2.57
N GLU A 708 19.00 29.74 -3.30
CA GLU A 708 20.19 29.53 -4.12
C GLU A 708 21.48 29.99 -3.44
N SER A 709 21.47 30.20 -2.12
CA SER A 709 22.66 30.68 -1.42
C SER A 709 23.79 29.65 -1.48
N ASP A 710 23.44 28.37 -1.34
CA ASP A 710 24.40 27.29 -1.47
C ASP A 710 23.74 26.05 -2.08
N ILE A 711 24.54 25.23 -2.74
CA ILE A 711 24.10 23.94 -3.27
C ILE A 711 23.30 23.11 -2.27
N GLN A 712 23.72 23.07 -1.01
CA GLN A 712 23.03 22.25 -0.01
C GLN A 712 21.60 22.69 0.27
N ALA A 713 21.34 23.98 0.13
CA ALA A 713 19.99 24.53 0.25
C ALA A 713 19.07 24.04 -0.87
N GLN A 714 19.66 23.74 -2.02
CA GLN A 714 18.94 23.28 -3.20
C GLN A 714 18.89 21.74 -3.30
N GLU A 715 19.40 21.04 -2.29
CA GLU A 715 19.39 19.57 -2.24
C GLU A 715 18.28 19.09 -1.34
N VAL A 716 17.70 17.94 -1.71
CA VAL A 716 16.95 17.13 -0.76
C VAL A 716 17.95 16.20 -0.10
N TRP A 717 17.95 16.14 1.21
CA TRP A 717 18.75 15.13 1.93
C TRP A 717 17.81 14.00 2.35
N THR A 718 18.11 12.81 1.85
CA THR A 718 17.26 11.66 2.07
C THR A 718 17.03 11.35 3.55
N GLY A 719 18.08 11.44 4.35
CA GLY A 719 17.95 11.16 5.77
C GLY A 719 17.28 12.24 6.59
N VAL A 720 17.46 13.48 6.15
CA VAL A 720 16.75 14.64 6.73
C VAL A 720 15.25 14.51 6.42
N THR A 721 14.94 14.07 5.21
CA THR A 721 13.55 13.92 4.78
C THR A 721 12.84 12.78 5.53
N TYR A 722 13.47 11.62 5.66
CA TYR A 722 12.87 10.53 6.45
C TYR A 722 12.71 10.91 7.92
N ALA A 723 13.68 11.63 8.48
CA ALA A 723 13.58 12.09 9.88
C ALA A 723 12.43 13.09 10.04
N LEU A 724 12.32 14.02 9.10
CA LEU A 724 11.22 14.98 9.06
C LEU A 724 9.86 14.26 8.99
N ALA A 725 9.77 13.22 8.17
CA ALA A 725 8.56 12.40 8.12
C ALA A 725 8.26 11.79 9.51
N SER A 726 9.30 11.32 10.20
CA SER A 726 9.13 10.78 11.55
C SER A 726 8.51 11.83 12.50
N PHE A 727 9.03 13.05 12.39
CA PHE A 727 8.61 14.20 13.19
C PHE A 727 7.15 14.54 12.90
N MET A 728 6.83 14.70 11.63
CA MET A 728 5.44 14.89 11.21
C MET A 728 4.50 13.81 11.74
N LYS A 729 4.92 12.55 11.64
CA LYS A 729 4.16 11.42 12.16
C LYS A 729 3.88 11.48 13.68
N TYR A 730 4.87 11.81 14.50
CA TYR A 730 4.64 11.92 15.96
C TYR A 730 3.68 13.06 16.29
N ARG A 731 3.65 14.10 15.45
CA ARG A 731 2.82 15.27 15.66
C ARG A 731 1.43 15.13 15.00
N GLY A 732 1.03 13.91 14.63
CA GLY A 732 -0.27 13.67 14.01
C GLY A 732 -0.46 14.12 12.57
N MET A 733 0.60 14.56 11.89
CA MET A 733 0.52 14.94 10.47
C MET A 733 0.79 13.70 9.60
N THR A 734 -0.12 12.74 9.69
CA THR A 734 0.07 11.40 9.10
C THR A 734 0.19 11.44 7.59
N GLU A 735 -0.72 12.11 6.90
CA GLU A 735 -0.65 12.24 5.45
C GLU A 735 0.64 12.92 4.99
N GLU A 736 0.95 14.05 5.60
CA GLU A 736 2.16 14.80 5.24
C GLU A 736 3.42 13.96 5.44
N ALA A 737 3.46 13.24 6.57
CA ALA A 737 4.58 12.38 6.94
C ALA A 737 4.87 11.36 5.83
N TYR A 738 3.86 10.55 5.49
CA TYR A 738 4.04 9.53 4.47
C TYR A 738 4.20 10.11 3.05
N ASN A 739 3.56 11.25 2.74
CA ASN A 739 3.77 11.89 1.46
C ASN A 739 5.20 12.41 1.33
N THR A 740 5.74 12.93 2.42
CA THR A 740 7.10 13.44 2.45
C THR A 740 8.11 12.29 2.21
N ALA A 741 7.97 11.22 2.99
CA ALA A 741 8.82 10.02 2.87
C ALA A 741 8.67 9.35 1.50
N TYR A 742 7.46 9.36 0.94
CA TYR A 742 7.20 8.69 -0.34
C TYR A 742 8.11 9.17 -1.46
N GLY A 743 8.38 10.47 -1.53
CA GLY A 743 9.27 11.02 -2.57
C GLY A 743 10.66 10.40 -2.53
N VAL A 744 11.13 10.11 -1.33
CA VAL A 744 12.45 9.47 -1.17
C VAL A 744 12.40 8.01 -1.64
N TYR A 745 11.37 7.29 -1.20
CA TYR A 745 11.11 5.95 -1.73
C TYR A 745 11.06 5.92 -3.27
N LYS A 746 10.27 6.83 -3.84
CA LYS A 746 10.02 6.86 -5.28
C LYS A 746 11.29 7.09 -6.06
N MET A 747 12.09 8.05 -5.62
CA MET A 747 13.35 8.34 -6.29
C MET A 747 14.34 7.17 -6.17
N THR A 748 14.30 6.46 -5.05
CA THR A 748 15.26 5.39 -4.81
C THR A 748 14.88 4.10 -5.57
N TYR A 749 13.61 3.70 -5.43
CA TYR A 749 13.14 2.37 -5.83
C TYR A 749 12.24 2.27 -7.03
N ASP A 750 11.48 3.31 -7.33
CA ASP A 750 10.41 3.21 -8.31
C ASP A 750 10.93 3.29 -9.72
N LYS A 751 10.19 2.68 -10.65
CA LYS A 751 10.47 2.83 -12.07
C LYS A 751 10.58 4.30 -12.56
N SER A 752 9.84 5.22 -11.93
CA SER A 752 9.89 6.65 -12.28
C SER A 752 11.00 7.40 -11.54
N GLY A 753 11.75 6.71 -10.69
CA GLY A 753 12.86 7.31 -9.96
C GLY A 753 14.16 7.31 -10.75
N LYS A 754 15.28 7.31 -10.02
CA LYS A 754 16.59 7.52 -10.62
C LYS A 754 17.56 6.37 -10.42
N GLY A 755 17.04 5.22 -9.97
CA GLY A 755 17.83 4.00 -9.93
C GLY A 755 18.86 3.92 -8.82
N TYR A 756 18.46 4.26 -7.59
CA TYR A 756 19.42 4.30 -6.47
C TYR A 756 19.23 3.17 -5.45
N TRP A 757 18.47 2.14 -5.83
CA TRP A 757 18.28 0.99 -4.96
C TRP A 757 19.62 0.38 -4.52
N PHE A 758 19.73 0.10 -3.21
CA PHE A 758 20.94 -0.43 -2.59
C PHE A 758 22.16 0.48 -2.77
N ARG A 759 21.89 1.77 -2.91
CA ARG A 759 22.95 2.79 -2.89
C ARG A 759 22.36 4.17 -2.63
N THR A 760 21.42 4.22 -1.69
CA THR A 760 20.69 5.44 -1.39
C THR A 760 21.70 6.55 -1.09
N PRO A 761 21.58 7.71 -1.75
CA PRO A 761 22.57 8.76 -1.58
C PRO A 761 22.21 9.73 -0.45
N GLU A 762 23.18 10.56 -0.05
CA GLU A 762 22.90 11.71 0.81
C GLU A 762 21.81 12.56 0.18
N ALA A 763 22.00 12.92 -1.08
CA ALA A 763 21.26 14.07 -1.65
C ALA A 763 20.97 13.96 -3.12
N TRP A 764 19.90 14.62 -3.54
CA TRP A 764 19.70 14.89 -4.94
C TRP A 764 19.20 16.30 -5.12
N THR A 765 19.40 16.82 -6.32
CA THR A 765 18.88 18.14 -6.73
C THR A 765 17.63 17.93 -7.56
N LYS A 766 16.99 19.02 -7.98
CA LYS A 766 15.70 18.97 -8.67
C LYS A 766 15.69 18.09 -9.93
N ASP A 767 16.83 17.99 -10.61
CA ASP A 767 17.01 17.14 -11.82
C ASP A 767 17.17 15.63 -11.49
N GLY A 768 17.19 15.29 -10.22
CA GLY A 768 17.31 13.91 -9.76
C GLY A 768 18.71 13.38 -9.65
N ASN A 769 19.70 14.14 -10.11
CA ASN A 769 21.09 13.70 -9.98
C ASN A 769 21.56 13.84 -8.54
N TYR A 770 22.57 13.07 -8.18
CA TYR A 770 22.83 12.77 -6.76
C TYR A 770 24.19 13.22 -6.25
N ARG A 771 24.33 13.21 -4.93
CA ARG A 771 25.62 13.34 -4.27
C ARG A 771 25.76 12.28 -3.17
N ALA A 772 26.87 11.55 -3.24
CA ALA A 772 27.32 10.53 -2.28
C ALA A 772 26.38 9.33 -2.15
N SER A 773 26.45 8.43 -3.13
CA SER A 773 25.69 7.18 -3.09
C SER A 773 26.21 6.27 -1.97
N MET A 774 25.38 5.37 -1.50
CA MET A 774 25.70 4.46 -0.39
C MET A 774 25.98 5.26 0.90
N TYR A 775 24.94 5.79 1.49
CA TYR A 775 25.06 6.85 2.50
C TYR A 775 24.37 6.43 3.79
N MET A 776 24.93 6.77 4.94
CA MET A 776 24.36 6.32 6.23
C MET A 776 23.05 7.01 6.63
N ARG A 777 22.94 8.29 6.34
CA ARG A 777 21.85 9.12 6.82
C ARG A 777 20.43 8.58 6.59
N PRO A 778 20.12 8.02 5.39
CA PRO A 778 18.73 7.55 5.19
C PRO A 778 18.32 6.31 6.00
N LEU A 779 19.23 5.72 6.76
CA LEU A 779 18.83 4.75 7.78
C LEU A 779 17.88 5.37 8.83
N SER A 780 17.78 6.71 8.84
CA SER A 780 16.81 7.44 9.65
C SER A 780 15.36 7.07 9.40
N ILE A 781 15.06 6.44 8.27
CA ILE A 781 13.72 5.90 8.06
C ILE A 781 13.23 5.07 9.26
N TRP A 782 14.13 4.39 9.97
CA TRP A 782 13.74 3.62 11.18
C TRP A 782 13.22 4.49 12.35
N SER A 783 13.48 5.79 12.33
CA SER A 783 12.85 6.72 13.31
C SER A 783 11.30 6.75 13.11
N MET A 784 10.83 6.41 11.92
CA MET A 784 9.38 6.30 11.69
C MET A 784 8.72 5.16 12.44
N GLU A 785 9.50 4.23 13.00
CA GLU A 785 8.97 3.07 13.75
C GLU A 785 9.08 3.17 15.29
N VAL A 786 9.48 4.34 15.81
CA VAL A 786 9.69 4.51 17.27
C VAL A 786 8.37 4.31 18.07
N ASP B 16 1.79 -6.23 -22.91
CA ASP B 16 0.93 -5.04 -22.54
C ASP B 16 1.71 -3.73 -22.70
N LYS B 17 1.55 -3.09 -23.86
CA LYS B 17 2.09 -1.77 -24.18
C LYS B 17 1.05 -0.65 -24.11
N ILE B 18 -0.20 -1.01 -23.86
CA ILE B 18 -1.32 -0.04 -23.82
C ILE B 18 -1.46 0.60 -22.43
N SER B 19 -1.19 -0.17 -21.35
CA SER B 19 -1.23 0.35 -19.96
C SER B 19 -0.44 1.65 -19.79
N HIS B 20 0.75 1.67 -20.38
CA HIS B 20 1.60 2.86 -20.43
C HIS B 20 0.92 4.09 -21.06
N LYS B 21 0.07 3.86 -22.07
CA LYS B 21 -0.64 4.93 -22.79
C LYS B 21 -1.87 5.47 -22.08
N ILE B 22 -2.29 4.83 -20.98
CA ILE B 22 -3.48 5.29 -20.25
C ILE B 22 -3.15 5.54 -18.76
N ASP B 23 -4.12 5.93 -17.96
CA ASP B 23 -3.81 6.23 -16.57
C ASP B 23 -4.69 5.50 -15.58
N ILE B 24 -4.35 4.22 -15.39
CA ILE B 24 -5.08 3.40 -14.42
C ILE B 24 -4.40 3.56 -13.06
N PRO B 25 -5.17 3.90 -12.01
CA PRO B 25 -4.56 3.98 -10.67
C PRO B 25 -4.12 2.59 -10.17
N ASP B 26 -3.03 2.54 -9.41
CA ASP B 26 -2.50 1.27 -8.90
C ASP B 26 -3.51 0.56 -8.01
N SER B 27 -4.39 1.32 -7.36
CA SER B 27 -5.36 0.74 -6.42
C SER B 27 -6.62 0.23 -7.12
N ALA B 28 -6.70 0.28 -8.46
CA ALA B 28 -7.85 -0.31 -9.12
C ALA B 28 -7.90 -1.81 -8.85
N TRP B 29 -9.12 -2.30 -8.60
CA TRP B 29 -9.36 -3.74 -8.58
C TRP B 29 -9.12 -4.31 -9.96
N THR B 30 -8.48 -5.48 -10.05
N THR B 30 -8.48 -5.48 -10.03
CA THR B 30 -8.12 -6.04 -11.35
CA THR B 30 -8.13 -6.08 -11.30
C THR B 30 -8.42 -7.53 -11.44
C THR B 30 -8.49 -7.55 -11.41
N ILE B 31 -8.82 -7.97 -12.63
CA ILE B 31 -9.04 -9.38 -12.93
C ILE B 31 -8.79 -9.58 -14.42
N GLY B 32 -8.40 -10.79 -14.82
CA GLY B 32 -8.23 -11.08 -16.23
C GLY B 32 -9.58 -11.20 -16.94
N ILE B 33 -9.63 -10.68 -18.16
CA ILE B 33 -10.82 -10.83 -19.00
C ILE B 33 -10.92 -12.32 -19.28
N GLY B 34 -12.06 -12.91 -18.95
CA GLY B 34 -12.28 -14.34 -19.14
C GLY B 34 -11.80 -15.22 -18.00
N GLU B 35 -11.29 -14.62 -16.91
CA GLU B 35 -10.76 -15.39 -15.79
C GLU B 35 -11.89 -16.17 -15.12
N LYS B 36 -11.62 -17.43 -14.81
CA LYS B 36 -12.57 -18.26 -14.07
C LYS B 36 -12.14 -18.21 -12.63
N PHE B 37 -13.05 -17.82 -11.74
CA PHE B 37 -12.79 -17.76 -10.33
C PHE B 37 -13.25 -19.08 -9.72
N LYS B 38 -12.40 -19.69 -8.89
CA LYS B 38 -12.67 -21.05 -8.39
C LYS B 38 -13.41 -21.07 -7.06
N ASN B 39 -13.12 -20.11 -6.19
CA ASN B 39 -13.54 -20.26 -4.81
C ASN B 39 -14.91 -19.64 -4.45
N ALA B 40 -15.85 -19.41 -5.39
CA ALA B 40 -16.91 -18.42 -5.12
C ALA B 40 -17.91 -18.88 -4.06
N GLY B 41 -18.34 -17.95 -3.21
CA GLY B 41 -19.34 -18.25 -2.21
C GLY B 41 -20.75 -18.24 -2.75
N HIS B 42 -21.67 -18.79 -1.97
CA HIS B 42 -23.06 -18.94 -2.36
C HIS B 42 -23.92 -18.68 -1.15
N PRO B 43 -25.24 -18.47 -1.35
CA PRO B 43 -26.04 -18.14 -0.17
C PRO B 43 -26.05 -19.28 0.86
N ASN B 44 -26.08 -18.95 2.14
CA ASN B 44 -26.05 -19.98 3.22
C ASN B 44 -27.41 -20.14 3.90
N VAL B 45 -28.47 -19.69 3.24
CA VAL B 45 -29.84 -19.85 3.75
C VAL B 45 -30.61 -20.86 2.91
N LYS B 46 -31.71 -21.32 3.45
CA LYS B 46 -32.56 -22.33 2.80
C LYS B 46 -33.60 -21.74 1.84
N TYR B 47 -34.01 -20.50 2.08
CA TYR B 47 -35.00 -19.83 1.25
C TYR B 47 -34.32 -19.21 0.02
N PRO B 48 -35.09 -18.90 -1.04
CA PRO B 48 -34.49 -18.38 -2.27
C PRO B 48 -33.75 -17.07 -2.04
N MET B 49 -32.56 -16.94 -2.64
CA MET B 49 -31.71 -15.78 -2.42
C MET B 49 -30.91 -15.54 -3.67
N ILE B 50 -30.77 -14.26 -4.02
CA ILE B 50 -30.05 -13.89 -5.20
C ILE B 50 -28.62 -14.43 -5.18
N ASP B 51 -28.23 -15.05 -6.29
CA ASP B 51 -26.82 -15.41 -6.53
C ASP B 51 -26.55 -15.29 -8.02
N ASP B 52 -25.99 -14.15 -8.43
CA ASP B 52 -25.79 -13.87 -9.84
C ASP B 52 -24.41 -14.28 -10.33
N SER B 53 -23.65 -14.97 -9.49
CA SER B 53 -22.29 -15.42 -9.84
C SER B 53 -21.30 -14.26 -9.66
N TYR B 54 -20.02 -14.63 -9.76
CA TYR B 54 -18.92 -13.67 -9.61
C TYR B 54 -18.63 -12.85 -10.87
N VAL B 55 -19.32 -13.12 -11.97
CA VAL B 55 -19.12 -12.34 -13.19
C VAL B 55 -19.90 -11.02 -13.12
N GLN B 56 -19.23 -10.02 -12.55
CA GLN B 56 -19.80 -8.70 -12.30
C GLN B 56 -18.79 -7.64 -12.69
N GLY B 57 -19.22 -6.39 -12.60
CA GLY B 57 -18.32 -5.26 -12.80
C GLY B 57 -18.93 -4.00 -12.22
N ALA B 58 -18.19 -2.90 -12.30
CA ALA B 58 -18.64 -1.63 -11.78
C ALA B 58 -19.81 -1.14 -12.62
N PRO B 59 -20.88 -0.60 -11.98
CA PRO B 59 -22.05 -0.22 -12.74
C PRO B 59 -21.89 1.11 -13.49
N LEU B 60 -22.74 1.28 -14.50
CA LEU B 60 -22.84 2.53 -15.25
C LEU B 60 -24.22 3.09 -14.98
N GLY B 61 -24.30 4.43 -14.94
CA GLY B 61 -25.56 5.12 -14.74
C GLY B 61 -25.58 5.91 -13.45
N GLY B 62 -26.32 7.01 -13.47
CA GLY B 62 -26.41 7.89 -12.33
C GLY B 62 -27.42 7.50 -11.26
N PHE B 63 -27.46 8.29 -10.19
CA PHE B 63 -28.41 8.06 -9.10
C PHE B 63 -29.84 8.25 -9.60
N GLY B 64 -30.69 7.24 -9.37
CA GLY B 64 -32.09 7.29 -9.78
C GLY B 64 -32.33 7.06 -11.26
N ALA B 65 -31.27 6.76 -12.01
CA ALA B 65 -31.37 6.68 -13.46
C ALA B 65 -31.73 5.28 -13.97
N GLY B 66 -31.63 4.29 -13.09
CA GLY B 66 -31.53 2.90 -13.52
C GLY B 66 -30.06 2.64 -13.89
N THR B 67 -29.48 1.54 -13.42
CA THR B 67 -28.08 1.26 -13.69
C THR B 67 -27.92 -0.01 -14.53
N ILE B 68 -26.77 -0.09 -15.19
CA ILE B 68 -26.41 -1.21 -16.07
C ILE B 68 -25.03 -1.73 -15.66
N GLY B 69 -24.99 -3.00 -15.29
CA GLY B 69 -23.77 -3.65 -14.87
C GLY B 69 -23.10 -4.34 -16.04
N ARG B 70 -21.98 -3.76 -16.49
CA ARG B 70 -21.13 -4.36 -17.51
C ARG B 70 -20.04 -5.14 -16.79
N THR B 71 -19.92 -6.42 -17.07
CA THR B 71 -19.06 -7.29 -16.26
C THR B 71 -17.63 -7.24 -16.76
N TYR B 72 -16.73 -7.85 -15.99
CA TYR B 72 -15.35 -7.93 -16.39
C TYR B 72 -15.12 -8.75 -17.66
N ASN B 73 -16.07 -9.62 -18.02
CA ASN B 73 -15.98 -10.30 -19.34
C ASN B 73 -16.46 -9.46 -20.51
N GLY B 74 -17.04 -8.30 -20.24
CA GLY B 74 -17.46 -7.37 -21.28
C GLY B 74 -18.94 -7.29 -21.56
N GLY B 75 -19.72 -8.22 -21.01
CA GLY B 75 -21.15 -8.29 -21.30
C GLY B 75 -21.94 -7.28 -20.49
N PHE B 76 -23.02 -6.77 -21.08
CA PHE B 76 -23.95 -5.93 -20.35
C PHE B 76 -24.99 -6.92 -19.77
N SER B 77 -24.88 -7.18 -18.46
CA SER B 77 -25.49 -8.37 -17.83
C SER B 77 -26.33 -8.14 -16.57
N ARG B 78 -26.00 -7.15 -15.74
CA ARG B 78 -26.75 -6.94 -14.50
C ARG B 78 -27.62 -5.67 -14.64
N TRP B 79 -28.90 -5.88 -14.92
CA TRP B 79 -29.83 -4.84 -15.30
C TRP B 79 -30.63 -4.38 -14.08
N HIS B 80 -30.41 -3.10 -13.72
CA HIS B 80 -31.15 -2.43 -12.68
C HIS B 80 -31.94 -1.23 -13.26
N LEU B 81 -32.36 -1.35 -14.50
CA LEU B 81 -33.13 -0.31 -15.17
C LEU B 81 -34.55 -0.23 -14.65
N GLU B 82 -35.10 -1.36 -14.22
CA GLU B 82 -36.39 -1.38 -13.53
C GLU B 82 -36.10 -1.10 -12.06
N ILE B 83 -36.53 0.08 -11.59
CA ILE B 83 -36.05 0.59 -10.30
C ILE B 83 -36.51 -0.27 -9.13
N GLY B 84 -35.54 -0.79 -8.40
CA GLY B 84 -35.77 -1.71 -7.29
C GLY B 84 -35.65 -3.19 -7.63
N LYS B 85 -35.44 -3.50 -8.91
CA LYS B 85 -35.29 -4.88 -9.41
C LYS B 85 -33.87 -5.18 -9.87
N ASN B 86 -33.49 -6.46 -9.76
CA ASN B 86 -32.19 -6.94 -10.20
C ASN B 86 -32.46 -8.04 -11.21
N LYS B 87 -32.02 -7.87 -12.44
CA LYS B 87 -32.23 -8.88 -13.51
C LYS B 87 -30.89 -9.15 -14.15
N TYR B 88 -30.34 -10.34 -13.90
CA TYR B 88 -29.04 -10.72 -14.45
C TYR B 88 -29.25 -11.57 -15.71
N THR B 89 -28.93 -10.99 -16.86
CA THR B 89 -29.03 -11.67 -18.12
C THR B 89 -28.23 -10.87 -19.13
N THR B 90 -27.35 -11.56 -19.85
CA THR B 90 -26.53 -10.92 -20.85
C THR B 90 -27.33 -10.64 -22.12
N VAL B 91 -27.39 -9.38 -22.50
CA VAL B 91 -28.01 -9.01 -23.76
C VAL B 91 -26.89 -9.06 -24.78
N TYR B 92 -26.84 -10.16 -25.54
CA TYR B 92 -25.68 -10.46 -26.36
C TYR B 92 -25.39 -9.47 -27.49
N ALA B 93 -26.41 -8.81 -28.03
CA ALA B 93 -26.17 -7.82 -29.08
C ALA B 93 -25.39 -6.60 -28.58
N ASN B 94 -25.33 -6.39 -27.27
CA ASN B 94 -24.72 -5.20 -26.69
C ASN B 94 -23.22 -5.44 -26.50
N GLN B 95 -22.40 -4.90 -27.40
CA GLN B 95 -20.96 -5.17 -27.37
C GLN B 95 -20.12 -4.09 -28.01
N PHE B 96 -18.83 -4.14 -27.71
CA PHE B 96 -17.84 -3.53 -28.57
C PHE B 96 -17.11 -4.67 -29.30
N SER B 97 -16.85 -4.44 -30.58
CA SER B 97 -16.12 -5.36 -31.46
C SER B 97 -14.99 -4.61 -32.14
N VAL B 98 -13.96 -5.35 -32.55
CA VAL B 98 -12.77 -4.77 -33.18
C VAL B 98 -12.48 -5.49 -34.49
N PHE B 99 -12.07 -4.71 -35.48
CA PHE B 99 -11.52 -5.21 -36.76
C PHE B 99 -10.13 -4.65 -36.89
N GLN B 100 -9.18 -5.50 -37.31
CA GLN B 100 -7.82 -5.03 -37.61
C GLN B 100 -7.29 -5.75 -38.85
N LYS B 101 -6.63 -4.98 -39.71
N LYS B 101 -6.67 -4.98 -39.75
CA LYS B 101 -5.96 -5.51 -40.91
CA LYS B 101 -5.96 -5.52 -40.90
C LYS B 101 -4.60 -4.83 -41.03
C LYS B 101 -4.60 -4.84 -41.01
N VAL B 102 -3.56 -5.65 -41.06
CA VAL B 102 -2.18 -5.17 -41.22
C VAL B 102 -2.02 -4.83 -42.71
N GLU B 103 -1.49 -3.64 -43.00
CA GLU B 103 -1.21 -3.25 -44.40
C GLU B 103 -0.35 -4.31 -45.09
N GLY B 104 -0.78 -4.72 -46.28
CA GLY B 104 -0.09 -5.77 -47.03
C GLY B 104 -0.61 -7.18 -46.84
N ASN B 105 -1.57 -7.38 -45.92
CA ASN B 105 -2.23 -8.69 -45.77
C ASN B 105 -3.50 -8.72 -46.61
N LYS B 106 -3.91 -9.93 -46.98
CA LYS B 106 -5.11 -10.13 -47.78
C LYS B 106 -6.37 -9.79 -46.99
N ASP B 107 -6.46 -10.34 -45.77
CA ASP B 107 -7.64 -10.19 -44.92
C ASP B 107 -7.31 -9.67 -43.53
N GLY B 108 -8.30 -9.06 -42.90
CA GLY B 108 -8.20 -8.59 -41.51
C GLY B 108 -8.88 -9.60 -40.61
N VAL B 109 -8.92 -9.30 -39.30
CA VAL B 109 -9.53 -10.20 -38.32
C VAL B 109 -10.60 -9.38 -37.57
N ALA B 110 -11.74 -10.00 -37.25
CA ALA B 110 -12.81 -9.35 -36.50
C ALA B 110 -13.09 -10.16 -35.25
N GLN B 111 -13.34 -9.46 -34.14
CA GLN B 111 -13.50 -10.13 -32.85
C GLN B 111 -14.46 -9.31 -31.98
N VAL B 112 -15.46 -9.97 -31.43
CA VAL B 112 -16.31 -9.36 -30.41
C VAL B 112 -15.52 -9.36 -29.12
N LEU B 113 -15.49 -8.22 -28.43
CA LEU B 113 -14.78 -8.12 -27.16
C LEU B 113 -15.62 -8.61 -25.99
N TYR B 114 -15.94 -9.90 -26.02
CA TYR B 114 -16.78 -10.54 -25.03
C TYR B 114 -16.19 -11.93 -24.80
N ALA B 115 -15.83 -12.23 -23.55
CA ALA B 115 -15.28 -13.54 -23.19
C ALA B 115 -16.39 -14.55 -22.93
N GLY B 116 -17.05 -14.96 -24.00
CA GLY B 116 -18.18 -15.87 -23.94
C GLY B 116 -18.92 -15.89 -25.25
N GLU B 117 -20.10 -16.50 -25.24
CA GLU B 117 -20.89 -16.64 -26.46
C GLU B 117 -22.36 -16.81 -26.08
N PRO B 118 -23.27 -16.52 -27.04
CA PRO B 118 -24.70 -16.71 -26.76
C PRO B 118 -25.07 -18.16 -26.47
N GLU B 119 -26.14 -18.36 -25.69
CA GLU B 119 -26.60 -19.70 -25.35
C GLU B 119 -27.28 -20.36 -26.55
N ASN B 120 -28.10 -19.59 -27.28
CA ASN B 120 -28.81 -20.07 -28.47
C ASN B 120 -28.11 -19.65 -29.77
N GLY B 121 -28.84 -19.67 -30.89
CA GLY B 121 -28.26 -19.49 -32.21
C GLY B 121 -28.22 -18.09 -32.74
N TYR B 122 -28.73 -17.12 -31.96
CA TYR B 122 -28.80 -15.77 -32.47
C TYR B 122 -27.41 -15.21 -32.46
N LEU B 123 -27.11 -14.40 -33.46
CA LEU B 123 -25.79 -13.81 -33.64
C LEU B 123 -24.66 -14.84 -33.80
N SER B 124 -24.95 -16.04 -34.32
CA SER B 124 -23.90 -17.06 -34.51
C SER B 124 -22.79 -16.63 -35.49
N SER B 125 -23.07 -15.73 -36.42
CA SER B 125 -22.06 -15.28 -37.39
C SER B 125 -20.96 -14.40 -36.76
N TRP B 126 -21.23 -13.78 -35.60
CA TRP B 126 -20.23 -12.95 -34.96
C TRP B 126 -19.12 -13.82 -34.37
N LYS B 127 -17.94 -13.22 -34.21
CA LYS B 127 -16.79 -13.94 -33.64
C LYS B 127 -16.76 -13.75 -32.13
N TRP B 128 -17.21 -14.78 -31.42
CA TRP B 128 -17.38 -14.76 -29.98
C TRP B 128 -16.13 -15.26 -29.30
N ASP B 129 -16.23 -15.53 -28.00
CA ASP B 129 -15.18 -16.18 -27.21
C ASP B 129 -13.83 -15.44 -27.26
N TYR B 130 -13.84 -14.20 -26.80
CA TYR B 130 -12.61 -13.45 -26.64
C TYR B 130 -11.64 -14.29 -25.79
N PRO B 131 -10.40 -14.50 -26.28
CA PRO B 131 -9.56 -15.51 -25.61
C PRO B 131 -9.07 -15.06 -24.23
N LYS B 132 -8.84 -16.05 -23.38
CA LYS B 132 -8.17 -15.86 -22.08
C LYS B 132 -6.77 -15.29 -22.25
N GLU B 133 -6.28 -14.72 -21.14
CA GLU B 133 -4.91 -14.21 -21.02
C GLU B 133 -4.57 -13.18 -22.09
N SER B 134 -5.60 -12.45 -22.52
CA SER B 134 -5.47 -11.48 -23.60
C SER B 134 -6.03 -10.12 -23.25
N GLY B 135 -6.08 -9.81 -21.95
CA GLY B 135 -6.61 -8.53 -21.51
C GLY B 135 -7.01 -8.56 -20.06
N MET B 136 -7.16 -7.37 -19.50
CA MET B 136 -7.49 -7.19 -18.10
C MET B 136 -8.64 -6.21 -17.94
N TYR B 137 -9.34 -6.36 -16.83
CA TYR B 137 -10.37 -5.40 -16.39
C TYR B 137 -9.87 -4.74 -15.12
N TYR B 138 -10.16 -3.45 -14.98
CA TYR B 138 -9.74 -2.63 -13.85
C TYR B 138 -10.94 -1.82 -13.37
N ALA B 139 -11.08 -1.66 -12.05
CA ALA B 139 -12.19 -0.81 -11.54
C ALA B 139 -11.79 0.02 -10.36
N LEU B 140 -12.07 1.32 -10.45
CA LEU B 140 -11.99 2.24 -9.29
C LEU B 140 -13.16 3.18 -9.44
N TYR B 141 -14.30 2.69 -8.95
CA TYR B 141 -15.59 3.33 -9.14
C TYR B 141 -15.50 4.86 -8.89
N PRO B 142 -16.05 5.69 -9.79
CA PRO B 142 -16.97 5.34 -10.88
C PRO B 142 -16.34 4.94 -12.22
N ASN B 143 -15.01 4.87 -12.26
CA ASN B 143 -14.27 4.47 -13.45
C ASN B 143 -14.04 2.96 -13.51
N SER B 144 -14.09 2.40 -14.73
CA SER B 144 -13.53 1.09 -14.99
C SER B 144 -12.83 1.12 -16.34
N TRP B 145 -11.98 0.12 -16.54
CA TRP B 145 -11.22 -0.01 -17.76
C TRP B 145 -11.12 -1.45 -18.24
N TYR B 146 -10.95 -1.60 -19.55
CA TYR B 146 -10.52 -2.87 -20.14
C TYR B 146 -9.31 -2.59 -21.02
N THR B 147 -8.33 -3.49 -20.95
CA THR B 147 -7.20 -3.50 -21.88
C THR B 147 -7.26 -4.76 -22.74
N TYR B 148 -6.85 -4.64 -23.99
CA TYR B 148 -6.88 -5.76 -24.93
C TYR B 148 -5.47 -5.93 -25.51
N THR B 149 -4.84 -7.02 -25.09
CA THR B 149 -3.43 -7.33 -25.35
C THR B 149 -3.45 -8.75 -25.89
N ASN B 150 -3.65 -8.85 -27.19
CA ASN B 150 -4.01 -10.10 -27.88
C ASN B 150 -2.96 -10.31 -28.96
N LYS B 151 -2.38 -11.50 -29.01
CA LYS B 151 -1.35 -11.81 -30.00
C LYS B 151 -1.85 -11.65 -31.46
N ASP B 152 -3.15 -11.82 -31.70
CA ASP B 152 -3.74 -11.61 -33.04
C ASP B 152 -4.32 -10.21 -33.30
N LEU B 153 -4.14 -9.26 -32.38
CA LEU B 153 -4.52 -7.86 -32.59
C LEU B 153 -3.28 -7.00 -32.43
N PRO B 154 -2.57 -6.69 -33.55
CA PRO B 154 -1.31 -5.93 -33.41
C PRO B 154 -1.45 -4.54 -32.82
N VAL B 155 -2.58 -3.86 -33.08
CA VAL B 155 -2.86 -2.60 -32.40
C VAL B 155 -3.48 -2.93 -31.03
N GLN B 156 -2.86 -2.45 -29.97
CA GLN B 156 -3.39 -2.70 -28.63
C GLN B 156 -4.42 -1.63 -28.33
N LEU B 157 -5.46 -2.01 -27.60
CA LEU B 157 -6.59 -1.14 -27.34
C LEU B 157 -6.90 -1.12 -25.85
N ALA B 158 -7.44 0.01 -25.40
CA ALA B 158 -7.98 0.10 -24.05
C ALA B 158 -9.21 1.01 -24.08
N VAL B 159 -10.10 0.78 -23.12
CA VAL B 159 -11.26 1.66 -22.93
C VAL B 159 -11.36 2.05 -21.46
N LYS B 160 -11.69 3.32 -21.23
CA LYS B 160 -12.04 3.83 -19.90
C LYS B 160 -13.53 4.17 -19.95
N GLN B 161 -14.32 3.56 -19.07
CA GLN B 161 -15.77 3.77 -19.08
C GLN B 161 -16.21 4.29 -17.73
N PHE B 162 -17.17 5.19 -17.74
CA PHE B 162 -17.64 5.79 -16.49
C PHE B 162 -18.94 6.51 -16.71
N SER B 163 -19.56 6.87 -15.59
CA SER B 163 -20.65 7.83 -15.53
C SER B 163 -20.19 8.94 -14.61
N PRO B 164 -20.73 10.15 -14.79
CA PRO B 164 -20.27 11.31 -14.03
C PRO B 164 -20.85 11.37 -12.61
N ILE B 165 -20.38 10.47 -11.76
CA ILE B 165 -20.79 10.41 -10.36
C ILE B 165 -19.83 11.31 -9.61
N ILE B 166 -20.33 12.44 -9.11
CA ILE B 166 -19.50 13.55 -8.59
C ILE B 166 -20.08 14.07 -7.27
N PRO B 167 -19.35 13.92 -6.17
CA PRO B 167 -19.75 14.49 -4.89
C PRO B 167 -20.10 15.99 -4.99
N TYR B 168 -21.13 16.36 -4.23
CA TYR B 168 -21.65 17.74 -4.16
C TYR B 168 -22.28 18.23 -5.47
N ASN B 169 -22.57 17.28 -6.36
CA ASN B 169 -23.16 17.56 -7.66
C ASN B 169 -24.38 16.66 -7.72
N TYR B 170 -25.54 17.26 -7.97
CA TYR B 170 -26.83 16.57 -7.98
C TYR B 170 -27.42 16.54 -9.38
N LYS B 171 -26.64 16.99 -10.36
CA LYS B 171 -27.10 17.18 -11.72
C LYS B 171 -26.54 16.06 -12.58
N GLU B 172 -25.26 16.16 -12.96
CA GLU B 172 -24.60 15.11 -13.76
C GLU B 172 -24.65 13.73 -13.07
N THR B 173 -24.57 13.74 -11.75
CA THR B 173 -24.69 12.53 -10.93
C THR B 173 -26.00 11.77 -11.17
N SER B 174 -27.06 12.46 -11.61
CA SER B 174 -28.34 11.84 -11.91
C SER B 174 -28.45 11.22 -13.31
N TYR B 175 -27.49 11.47 -14.21
CA TYR B 175 -27.70 11.22 -15.63
C TYR B 175 -27.66 9.72 -15.97
N PRO B 176 -28.57 9.29 -16.85
CA PRO B 176 -28.57 7.95 -17.42
C PRO B 176 -27.65 7.90 -18.64
N VAL B 177 -26.36 7.92 -18.38
CA VAL B 177 -25.37 7.99 -19.44
C VAL B 177 -24.07 7.33 -19.02
N ALA B 178 -23.34 6.82 -20.00
CA ALA B 178 -22.00 6.29 -19.83
C ALA B 178 -21.15 6.76 -21.00
N VAL B 179 -19.88 7.03 -20.70
CA VAL B 179 -18.86 7.31 -21.72
C VAL B 179 -17.87 6.15 -21.80
N PHE B 180 -17.49 5.82 -23.02
CA PHE B 180 -16.47 4.79 -23.30
C PHE B 180 -15.33 5.49 -24.09
N LYS B 181 -14.25 5.86 -23.40
CA LYS B 181 -13.12 6.56 -24.02
C LYS B 181 -12.06 5.55 -24.44
N TRP B 182 -11.92 5.36 -25.74
CA TRP B 182 -11.00 4.41 -26.33
C TRP B 182 -9.65 5.04 -26.64
N THR B 183 -8.60 4.26 -26.37
CA THR B 183 -7.22 4.58 -26.72
C THR B 183 -6.69 3.42 -27.55
N ALA B 184 -6.12 3.73 -28.72
CA ALA B 184 -5.57 2.74 -29.62
C ALA B 184 -4.12 3.12 -29.93
N TYR B 185 -3.23 2.13 -29.84
CA TYR B 185 -1.79 2.35 -29.99
C TYR B 185 -1.20 1.24 -30.85
N ASN B 186 -0.38 1.65 -31.83
CA ASN B 186 0.30 0.73 -32.74
C ASN B 186 1.77 0.61 -32.37
N PRO B 187 2.15 -0.48 -31.68
CA PRO B 187 3.54 -0.67 -31.29
C PRO B 187 4.38 -1.35 -32.39
N THR B 188 3.76 -1.73 -33.51
CA THR B 188 4.43 -2.53 -34.55
C THR B 188 5.05 -1.63 -35.62
N ASN B 189 5.72 -2.26 -36.60
CA ASN B 189 6.45 -1.53 -37.64
C ASN B 189 5.70 -1.39 -38.97
N LYS B 190 4.42 -1.80 -38.99
CA LYS B 190 3.56 -1.72 -40.17
C LYS B 190 2.32 -0.90 -39.85
N ASN B 191 1.77 -0.22 -40.85
CA ASN B 191 0.48 0.45 -40.74
C ASN B 191 -0.60 -0.59 -40.50
N VAL B 192 -1.55 -0.26 -39.63
CA VAL B 192 -2.68 -1.15 -39.33
C VAL B 192 -3.96 -0.35 -39.44
N ASP B 193 -4.93 -0.90 -40.17
CA ASP B 193 -6.27 -0.35 -40.25
C ASP B 193 -7.06 -0.95 -39.11
N VAL B 194 -7.77 -0.10 -38.38
CA VAL B 194 -8.49 -0.52 -37.18
C VAL B 194 -9.91 0.01 -37.20
N SER B 195 -10.86 -0.84 -36.81
CA SER B 195 -12.24 -0.39 -36.56
C SER B 195 -12.70 -0.81 -35.18
N ILE B 196 -13.46 0.07 -34.52
CA ILE B 196 -14.10 -0.23 -33.22
C ILE B 196 -15.59 0.00 -33.46
N MET B 197 -16.42 -1.00 -33.15
CA MET B 197 -17.87 -0.95 -33.37
C MET B 197 -18.62 -1.18 -32.07
N PHE B 198 -19.60 -0.29 -31.80
CA PHE B 198 -20.52 -0.42 -30.67
C PHE B 198 -21.85 -0.87 -31.23
N THR B 199 -22.35 -2.02 -30.76
CA THR B 199 -23.67 -2.52 -31.09
C THR B 199 -24.54 -2.47 -29.86
N TRP B 200 -25.83 -2.22 -30.07
CA TRP B 200 -26.80 -2.14 -28.99
C TRP B 200 -28.17 -2.58 -29.51
N GLN B 201 -28.85 -3.41 -28.73
CA GLN B 201 -30.22 -3.83 -29.02
C GLN B 201 -31.15 -2.69 -28.65
N ASN B 202 -32.14 -2.40 -29.50
CA ASN B 202 -33.27 -1.58 -29.10
C ASN B 202 -33.99 -2.33 -27.97
N MET B 203 -33.74 -1.93 -26.73
CA MET B 203 -34.27 -2.65 -25.56
C MET B 203 -35.63 -2.18 -25.06
N ILE B 204 -36.28 -1.29 -25.80
CA ILE B 204 -37.63 -0.88 -25.43
C ILE B 204 -38.50 -2.15 -25.43
N GLY B 205 -39.12 -2.41 -24.30
CA GLY B 205 -39.89 -3.65 -24.05
C GLY B 205 -39.18 -4.72 -23.27
N PHE B 206 -37.89 -4.51 -22.97
CA PHE B 206 -37.09 -5.45 -22.17
C PHE B 206 -37.72 -5.69 -20.80
N PHE B 207 -38.27 -4.63 -20.21
CA PHE B 207 -39.04 -4.71 -18.97
C PHE B 207 -40.25 -3.79 -19.06
N GLY B 208 -41.25 -4.10 -18.23
CA GLY B 208 -42.37 -3.21 -18.02
C GLY B 208 -43.50 -3.24 -19.03
N LYS B 209 -43.37 -4.05 -20.09
CA LYS B 209 -44.35 -4.12 -21.17
C LYS B 209 -45.00 -5.51 -21.21
N GLN B 210 -46.32 -5.61 -21.30
CA GLN B 210 -47.01 -6.91 -21.10
C GLN B 210 -47.17 -7.83 -22.33
N VAL B 211 -47.18 -7.29 -23.55
CA VAL B 211 -47.25 -8.09 -24.81
C VAL B 211 -46.40 -7.50 -25.94
N ASN B 212 -46.15 -8.30 -26.98
CA ASN B 212 -45.52 -7.80 -28.22
C ASN B 212 -44.32 -6.90 -27.90
N VAL B 213 -43.33 -7.51 -27.26
CA VAL B 213 -42.25 -6.75 -26.59
C VAL B 213 -41.43 -5.86 -27.50
N ASN B 214 -41.26 -6.25 -28.77
CA ASN B 214 -40.50 -5.43 -29.72
C ASN B 214 -41.43 -4.56 -30.55
N SER B 215 -42.74 -4.82 -30.49
CA SER B 215 -43.64 -4.25 -31.45
C SER B 215 -43.63 -2.75 -31.35
N GLY B 216 -43.40 -2.13 -32.49
CA GLY B 216 -43.30 -0.69 -32.59
C GLY B 216 -41.90 -0.12 -32.41
N ASN B 217 -40.92 -0.96 -32.05
CA ASN B 217 -39.54 -0.49 -31.92
C ASN B 217 -39.02 -0.07 -33.28
N PHE B 218 -38.32 1.05 -33.30
CA PHE B 218 -37.67 1.54 -34.51
C PHE B 218 -36.42 2.32 -34.19
N ASN B 219 -35.51 2.41 -35.16
CA ASN B 219 -34.19 2.98 -34.96
C ASN B 219 -34.00 4.10 -35.95
N LYS B 220 -33.33 5.17 -35.53
CA LYS B 220 -32.99 6.28 -36.42
C LYS B 220 -31.60 6.79 -36.13
N ILE B 221 -31.00 7.38 -37.14
CA ILE B 221 -29.63 7.89 -37.03
C ILE B 221 -29.70 9.39 -36.98
N ILE B 222 -28.95 9.97 -36.04
CA ILE B 222 -28.81 11.41 -35.88
C ILE B 222 -27.38 11.80 -36.23
N LYS B 223 -27.23 12.80 -37.08
CA LYS B 223 -25.93 13.33 -37.47
C LYS B 223 -25.91 14.79 -37.06
N ASP B 224 -25.18 15.10 -35.98
CA ASP B 224 -25.05 16.45 -35.49
C ASP B 224 -23.71 16.96 -35.99
N LYS B 225 -23.77 17.78 -37.02
CA LYS B 225 -22.59 18.26 -37.73
C LYS B 225 -22.34 19.71 -37.40
N SER B 226 -22.62 20.14 -36.17
CA SER B 226 -22.15 21.45 -35.72
C SER B 226 -20.64 21.36 -35.83
N LYS B 227 -20.07 22.19 -36.71
CA LYS B 227 -18.62 22.20 -37.00
C LYS B 227 -17.69 21.97 -35.78
N ASP B 228 -16.61 21.21 -36.03
CA ASP B 228 -15.64 20.79 -34.98
C ASP B 228 -16.23 19.90 -33.89
N SER B 229 -17.45 19.42 -34.08
CA SER B 229 -18.12 18.66 -33.05
C SER B 229 -19.15 17.75 -33.71
N GLU B 230 -18.69 16.95 -34.68
CA GLU B 230 -19.58 16.02 -35.39
C GLU B 230 -19.85 14.81 -34.52
N ILE B 231 -21.13 14.54 -34.32
CA ILE B 231 -21.57 13.36 -33.58
C ILE B 231 -22.48 12.56 -34.49
N VAL B 232 -22.30 11.24 -34.49
CA VAL B 232 -23.22 10.36 -35.15
C VAL B 232 -23.74 9.38 -34.12
N ALA B 233 -25.05 9.20 -34.10
CA ALA B 233 -25.70 8.38 -33.10
C ALA B 233 -26.92 7.65 -33.63
N ALA B 234 -27.24 6.55 -32.97
CA ALA B 234 -28.48 5.82 -33.19
C ALA B 234 -29.40 6.09 -32.04
N VAL B 235 -30.67 6.38 -32.34
CA VAL B 235 -31.70 6.52 -31.34
C VAL B 235 -32.68 5.38 -31.56
N MET B 236 -32.79 4.54 -30.53
CA MET B 236 -33.58 3.35 -30.55
C MET B 236 -34.80 3.58 -29.67
N GLY B 237 -35.95 3.77 -30.31
CA GLY B 237 -37.20 4.09 -29.60
C GLY B 237 -38.37 3.26 -30.05
N ASN B 238 -39.56 3.80 -29.90
CA ASN B 238 -40.78 3.07 -30.23
C ASN B 238 -41.77 4.10 -30.77
N ILE B 239 -42.65 3.67 -31.66
CA ILE B 239 -43.60 4.62 -32.26
C ILE B 239 -44.66 5.10 -31.27
N SER B 240 -44.95 4.32 -30.23
CA SER B 240 -45.92 4.72 -29.20
C SER B 240 -45.49 6.00 -28.47
N ASN B 241 -46.48 6.76 -28.00
CA ASN B 241 -46.26 7.86 -27.05
C ASN B 241 -46.80 7.56 -25.65
N ASP B 242 -47.27 6.33 -25.41
CA ASP B 242 -47.65 5.86 -24.06
C ASP B 242 -46.60 6.28 -23.01
N ASN B 243 -46.99 7.21 -22.14
CA ASN B 243 -46.18 7.60 -20.99
C ASN B 243 -46.23 6.49 -19.94
N GLU B 244 -45.35 5.50 -20.11
CA GLU B 244 -45.29 4.31 -19.24
C GLU B 244 -43.83 3.98 -18.98
N GLU B 245 -43.60 3.22 -17.91
CA GLU B 245 -42.25 2.92 -17.46
C GLU B 245 -41.42 2.23 -18.55
N TRP B 246 -42.10 1.50 -19.44
CA TRP B 246 -41.38 0.75 -20.50
C TRP B 246 -40.94 1.60 -21.68
N ASN B 247 -41.55 2.77 -21.89
CA ASN B 247 -41.32 3.54 -23.11
C ASN B 247 -40.25 4.62 -22.93
N GLY B 248 -39.57 4.95 -24.03
CA GLY B 248 -38.46 5.89 -23.99
C GLY B 248 -37.53 5.61 -25.14
N GLU B 249 -36.24 5.84 -24.92
CA GLU B 249 -35.23 5.68 -25.99
C GLU B 249 -33.90 5.24 -25.41
N TYR B 250 -33.18 4.40 -26.15
CA TYR B 250 -31.74 4.23 -25.96
C TYR B 250 -31.01 4.95 -27.08
N SER B 251 -29.83 5.47 -26.80
CA SER B 251 -28.92 5.97 -27.82
C SER B 251 -27.46 5.50 -27.59
N ILE B 252 -26.80 5.14 -28.70
CA ILE B 252 -25.35 4.96 -28.73
C ILE B 252 -24.78 5.87 -29.82
N GLY B 253 -23.53 6.25 -29.66
CA GLY B 253 -22.93 7.16 -30.62
C GLY B 253 -21.48 7.43 -30.39
N VAL B 254 -20.92 8.24 -31.26
CA VAL B 254 -19.49 8.49 -31.28
C VAL B 254 -19.26 9.92 -31.74
N LYS B 255 -18.14 10.50 -31.30
CA LYS B 255 -17.74 11.82 -31.71
C LYS B 255 -16.58 11.68 -32.66
N LYS B 256 -16.69 12.36 -33.80
CA LYS B 256 -15.63 12.36 -34.79
C LYS B 256 -14.42 13.05 -34.19
N VAL B 257 -13.25 12.47 -34.36
CA VAL B 257 -11.99 13.11 -33.98
C VAL B 257 -11.15 13.12 -35.25
N PRO B 258 -10.15 14.00 -35.33
CA PRO B 258 -9.27 13.95 -36.50
C PRO B 258 -8.65 12.57 -36.74
N GLY B 259 -8.61 12.14 -38.01
CA GLY B 259 -8.02 10.86 -38.41
C GLY B 259 -8.92 9.62 -38.34
N VAL B 260 -10.19 9.78 -37.97
CA VAL B 260 -11.13 8.65 -37.96
C VAL B 260 -12.31 8.95 -38.87
N ASP B 261 -12.87 7.92 -39.49
CA ASP B 261 -14.12 8.03 -40.23
C ASP B 261 -15.16 7.26 -39.44
N ILE B 262 -16.42 7.68 -39.54
CA ILE B 262 -17.52 7.02 -38.82
C ILE B 262 -18.35 6.28 -39.85
N SER B 263 -18.80 5.09 -39.51
CA SER B 263 -19.84 4.41 -40.27
C SER B 263 -20.93 3.90 -39.32
N TYR B 264 -22.07 3.51 -39.86
CA TYR B 264 -23.16 3.04 -39.04
C TYR B 264 -24.08 2.06 -39.75
N LYS B 265 -24.86 1.33 -38.96
CA LYS B 265 -25.97 0.61 -39.52
C LYS B 265 -27.16 0.80 -38.57
N ALA B 266 -28.23 1.39 -39.08
CA ALA B 266 -29.34 1.77 -38.24
C ALA B 266 -30.12 0.57 -37.72
N LYS B 267 -30.22 -0.50 -38.53
CA LYS B 267 -31.11 -1.61 -38.20
C LYS B 267 -30.52 -2.96 -38.62
N PHE B 268 -30.09 -3.74 -37.63
CA PHE B 268 -29.82 -5.16 -37.83
C PHE B 268 -30.75 -5.95 -36.92
N VAL B 269 -30.99 -7.21 -37.27
CA VAL B 269 -31.87 -8.08 -36.49
C VAL B 269 -31.10 -8.83 -35.39
N THR B 270 -31.52 -8.65 -34.15
CA THR B 270 -30.86 -9.30 -33.01
C THR B 270 -31.37 -10.72 -32.80
N THR B 271 -32.61 -10.97 -33.23
CA THR B 271 -33.22 -12.31 -33.22
C THR B 271 -32.99 -12.94 -34.61
N GLY B 272 -31.72 -13.02 -35.00
CA GLY B 272 -31.29 -13.65 -36.25
C GLY B 272 -29.82 -13.97 -36.17
N ASP B 273 -29.24 -14.41 -37.28
CA ASP B 273 -27.86 -14.89 -37.24
C ASP B 273 -26.81 -13.78 -37.17
N GLY B 274 -27.23 -12.52 -37.36
CA GLY B 274 -26.34 -11.37 -37.16
C GLY B 274 -25.46 -11.04 -38.34
N SER B 275 -25.63 -11.78 -39.46
CA SER B 275 -24.70 -11.65 -40.59
C SER B 275 -25.00 -10.39 -41.39
N ASP B 276 -26.24 -9.91 -41.29
CA ASP B 276 -26.65 -8.64 -41.88
C ASP B 276 -25.70 -7.50 -41.47
N LEU B 277 -25.25 -7.52 -40.21
CA LEU B 277 -24.20 -6.60 -39.74
C LEU B 277 -22.79 -7.12 -39.94
N TRP B 278 -22.55 -8.34 -39.50
CA TRP B 278 -21.18 -8.88 -39.40
C TRP B 278 -20.47 -9.04 -40.75
N HIS B 279 -21.20 -9.40 -41.80
CA HIS B 279 -20.58 -9.53 -43.13
C HIS B 279 -19.93 -8.21 -43.60
N GLU B 280 -20.49 -7.07 -43.18
CA GLU B 280 -19.91 -5.76 -43.47
C GLU B 280 -18.71 -5.48 -42.60
N PHE B 281 -18.86 -5.68 -41.29
CA PHE B 281 -17.80 -5.36 -40.35
C PHE B 281 -16.58 -6.28 -40.52
N SER B 282 -16.82 -7.58 -40.70
CA SER B 282 -15.73 -8.53 -40.77
C SER B 282 -14.90 -8.42 -42.09
N LYS B 283 -15.46 -7.80 -43.14
CA LYS B 283 -14.72 -7.58 -44.39
C LYS B 283 -13.64 -6.49 -44.28
N ASN B 284 -14.05 -5.29 -43.92
CA ASN B 284 -13.14 -4.14 -43.83
C ASN B 284 -13.41 -3.18 -42.65
N GLY B 285 -14.23 -3.61 -41.69
CA GLY B 285 -14.58 -2.73 -40.57
C GLY B 285 -15.37 -1.47 -40.91
N ILE B 286 -16.06 -1.46 -42.05
CA ILE B 286 -16.88 -0.33 -42.49
C ILE B 286 -18.29 -0.84 -42.71
N LEU B 287 -19.25 -0.14 -42.11
CA LEU B 287 -20.64 -0.51 -42.18
C LEU B 287 -21.32 0.19 -43.35
N ASP B 288 -22.54 -0.26 -43.64
CA ASP B 288 -23.27 0.13 -44.86
C ASP B 288 -23.86 1.54 -44.87
N ASN B 289 -23.92 2.20 -43.70
CA ASN B 289 -24.55 3.51 -43.55
C ASN B 289 -26.01 3.48 -44.04
N LYS B 290 -26.69 2.36 -43.81
CA LYS B 290 -28.05 2.14 -44.26
C LYS B 290 -29.01 2.61 -43.18
N ASP B 291 -29.85 3.58 -43.53
CA ASP B 291 -30.91 4.08 -42.66
C ASP B 291 -32.20 3.36 -43.03
N ASP B 292 -32.99 3.01 -42.02
CA ASP B 292 -34.31 2.39 -42.20
C ASP B 292 -35.11 2.53 -40.92
N GLU B 293 -36.11 3.43 -40.94
CA GLU B 293 -36.95 3.69 -39.78
C GLU B 293 -38.16 2.77 -39.66
N THR B 294 -38.24 1.74 -40.50
CA THR B 294 -39.38 0.83 -40.46
C THR B 294 -39.49 0.18 -39.08
N PRO B 295 -40.65 0.31 -38.41
CA PRO B 295 -40.80 -0.35 -37.11
C PRO B 295 -40.86 -1.87 -37.21
N THR B 296 -40.39 -2.54 -36.18
CA THR B 296 -40.51 -4.00 -36.10
C THR B 296 -41.84 -4.41 -35.47
N LYS B 297 -42.33 -5.60 -35.80
CA LYS B 297 -43.53 -6.17 -35.15
C LYS B 297 -43.33 -7.47 -34.37
N GLN B 298 -42.12 -8.00 -34.40
CA GLN B 298 -41.79 -9.24 -33.66
C GLN B 298 -40.28 -9.38 -33.43
N ASP B 299 -39.51 -9.28 -34.50
CA ASP B 299 -38.04 -9.37 -34.42
C ASP B 299 -37.46 -8.31 -33.53
N GLY B 300 -36.43 -8.72 -32.79
CA GLY B 300 -35.61 -7.79 -32.03
C GLY B 300 -34.75 -7.08 -33.03
N ILE B 301 -34.54 -5.79 -32.81
CA ILE B 301 -33.68 -4.99 -33.67
C ILE B 301 -32.64 -4.23 -32.87
N GLY B 302 -31.60 -3.79 -33.56
CA GLY B 302 -30.49 -3.09 -32.94
C GLY B 302 -29.78 -2.18 -33.92
N SER B 303 -28.85 -1.38 -33.41
CA SER B 303 -28.09 -0.43 -34.21
C SER B 303 -26.60 -0.61 -33.96
N ALA B 304 -25.80 -0.13 -34.89
CA ALA B 304 -24.35 -0.20 -34.80
C ALA B 304 -23.69 1.11 -35.17
N ILE B 305 -22.67 1.49 -34.39
CA ILE B 305 -21.91 2.70 -34.66
C ILE B 305 -20.45 2.28 -34.66
N ALA B 306 -19.74 2.62 -35.75
CA ALA B 306 -18.33 2.25 -35.88
C ALA B 306 -17.45 3.41 -36.28
N VAL B 307 -16.19 3.32 -35.90
CA VAL B 307 -15.14 4.18 -36.38
C VAL B 307 -14.05 3.33 -36.99
N ASN B 308 -13.44 3.86 -38.06
CA ASN B 308 -12.31 3.21 -38.73
C ASN B 308 -11.20 4.23 -38.93
N PHE B 309 -9.97 3.77 -38.74
CA PHE B 309 -8.80 4.64 -38.84
C PHE B 309 -7.57 3.83 -39.16
N LYS B 310 -6.59 4.51 -39.73
CA LYS B 310 -5.28 3.94 -40.02
C LYS B 310 -4.32 4.40 -38.93
N LEU B 311 -3.70 3.45 -38.24
CA LEU B 311 -2.66 3.80 -37.27
C LEU B 311 -1.28 3.50 -37.83
N GLN B 312 -0.46 4.54 -37.96
CA GLN B 312 0.95 4.38 -38.35
C GLN B 312 1.75 3.84 -37.17
N PRO B 313 2.94 3.23 -37.43
CA PRO B 313 3.83 2.77 -36.35
C PRO B 313 4.09 3.85 -35.31
N GLY B 314 3.94 3.51 -34.03
CA GLY B 314 4.10 4.46 -32.93
C GLY B 314 2.93 5.41 -32.63
N GLN B 315 1.86 5.36 -33.44
CA GLN B 315 0.78 6.34 -33.34
C GLN B 315 -0.24 5.90 -32.28
N THR B 316 -0.78 6.89 -31.58
CA THR B 316 -1.86 6.71 -30.61
C THR B 316 -3.03 7.57 -31.05
N ILE B 317 -4.25 7.06 -30.88
CA ILE B 317 -5.43 7.86 -31.12
C ILE B 317 -6.47 7.57 -30.04
N GLU B 318 -7.26 8.58 -29.71
CA GLU B 318 -8.29 8.46 -28.69
C GLU B 318 -9.63 8.79 -29.33
N VAL B 319 -10.64 7.96 -29.07
CA VAL B 319 -11.98 8.17 -29.64
C VAL B 319 -13.08 7.88 -28.60
N PRO B 320 -14.03 8.82 -28.41
CA PRO B 320 -15.07 8.61 -27.39
C PRO B 320 -16.40 8.14 -27.96
N PHE B 321 -16.94 7.05 -27.38
CA PHE B 321 -18.32 6.64 -27.61
C PHE B 321 -19.13 6.95 -26.36
N ALA B 322 -20.44 6.89 -26.50
CA ALA B 322 -21.35 7.01 -25.37
C ALA B 322 -22.60 6.20 -25.55
N LEU B 323 -23.27 6.01 -24.41
CA LEU B 323 -24.55 5.33 -24.31
C LEU B 323 -25.44 6.16 -23.40
N SER B 324 -26.70 6.36 -23.80
CA SER B 324 -27.70 7.00 -22.95
C SER B 324 -29.00 6.21 -22.95
N TRP B 325 -29.79 6.39 -21.90
CA TRP B 325 -31.08 5.77 -21.82
C TRP B 325 -32.07 6.71 -21.16
N ASP B 326 -33.06 7.11 -21.94
CA ASP B 326 -34.10 8.03 -21.50
C ASP B 326 -35.36 7.20 -21.29
N LEU B 327 -35.50 6.71 -20.07
CA LEU B 327 -36.66 5.95 -19.61
C LEU B 327 -37.18 6.77 -18.45
N PRO B 328 -38.03 7.78 -18.76
CA PRO B 328 -38.29 8.84 -17.76
C PRO B 328 -39.12 8.42 -16.56
N ILE B 329 -39.90 7.35 -16.68
CA ILE B 329 -40.90 6.97 -15.68
C ILE B 329 -40.49 5.69 -14.98
N MET B 330 -40.51 5.71 -13.66
CA MET B 330 -40.42 4.48 -12.85
C MET B 330 -41.79 4.15 -12.26
N LYS B 331 -42.15 2.86 -12.30
CA LYS B 331 -43.40 2.39 -11.71
C LYS B 331 -43.09 1.37 -10.64
N PHE B 332 -43.80 1.49 -9.52
CA PHE B 332 -43.66 0.58 -8.43
C PHE B 332 -44.90 -0.32 -8.37
N GLY B 333 -44.77 -1.46 -7.70
CA GLY B 333 -45.78 -2.52 -7.82
C GLY B 333 -47.14 -2.18 -7.29
N GLY B 334 -47.21 -1.26 -6.34
CA GLY B 334 -48.48 -0.74 -5.86
C GLY B 334 -49.19 0.19 -6.81
N GLY B 335 -48.55 0.54 -7.93
CA GLY B 335 -49.16 1.30 -9.01
C GLY B 335 -48.67 2.72 -9.23
N ASP B 336 -47.92 3.30 -8.29
CA ASP B 336 -47.43 4.67 -8.43
C ASP B 336 -46.39 4.75 -9.54
N LYS B 337 -46.47 5.84 -10.29
CA LYS B 337 -45.53 6.15 -11.35
C LYS B 337 -44.93 7.52 -11.05
N TRP B 338 -43.60 7.58 -11.10
CA TRP B 338 -42.86 8.79 -10.79
C TRP B 338 -41.88 9.07 -11.92
N TYR B 339 -41.60 10.35 -12.16
CA TYR B 339 -40.50 10.75 -13.03
C TYR B 339 -39.17 10.62 -12.32
N LYS B 340 -38.12 10.21 -13.05
CA LYS B 340 -36.79 10.08 -12.48
C LYS B 340 -36.11 11.44 -12.42
N MET B 341 -35.18 11.59 -11.47
CA MET B 341 -34.50 12.88 -11.23
C MET B 341 -33.95 13.58 -12.48
N TYR B 342 -33.25 12.84 -13.34
CA TYR B 342 -32.60 13.47 -14.49
C TYR B 342 -33.56 14.19 -15.41
N THR B 343 -34.84 13.84 -15.36
CA THR B 343 -35.85 14.52 -16.19
C THR B 343 -35.92 16.01 -15.92
N LYS B 344 -35.48 16.45 -14.75
CA LYS B 344 -35.35 17.89 -14.44
C LYS B 344 -34.46 18.60 -15.47
N TYR B 345 -33.44 17.90 -15.96
CA TYR B 345 -32.41 18.48 -16.83
C TYR B 345 -32.63 18.25 -18.33
N PHE B 346 -33.41 17.24 -18.69
CA PHE B 346 -33.60 16.88 -20.11
C PHE B 346 -35.05 16.81 -20.60
N GLY B 347 -36.03 16.84 -19.69
CA GLY B 347 -37.42 16.69 -20.05
C GLY B 347 -37.98 15.33 -19.62
N LYS B 348 -39.29 15.22 -19.71
CA LYS B 348 -40.06 14.07 -19.21
C LYS B 348 -40.70 13.21 -20.27
N ASN B 349 -40.61 13.59 -21.56
CA ASN B 349 -41.40 12.90 -22.60
C ASN B 349 -40.73 11.66 -23.18
N GLY B 350 -39.52 11.33 -22.72
CA GLY B 350 -38.85 10.11 -23.16
C GLY B 350 -38.37 10.14 -24.61
N LYS B 351 -38.16 11.33 -25.15
CA LYS B 351 -37.67 11.50 -26.50
C LYS B 351 -36.36 12.29 -26.51
N ASN B 352 -35.55 12.12 -25.46
CA ASN B 352 -34.39 12.99 -25.19
C ASN B 352 -33.04 12.27 -25.09
N SER B 353 -32.98 11.02 -25.56
CA SER B 353 -31.75 10.26 -25.43
C SER B 353 -30.58 10.91 -26.18
N PHE B 354 -30.85 11.47 -27.36
CA PHE B 354 -29.75 12.12 -28.10
C PHE B 354 -29.17 13.31 -27.32
N ALA B 355 -30.05 14.14 -26.74
CA ALA B 355 -29.60 15.29 -25.95
C ALA B 355 -28.67 14.89 -24.80
N ILE B 356 -29.01 13.78 -24.14
CA ILE B 356 -28.19 13.26 -23.06
C ILE B 356 -26.83 12.76 -23.57
N LEU B 357 -26.86 12.00 -24.66
CA LEU B 357 -25.66 11.46 -25.31
C LEU B 357 -24.71 12.56 -25.78
N LYS B 358 -25.29 13.59 -26.38
CA LYS B 358 -24.53 14.73 -26.90
C LYS B 358 -23.84 15.49 -25.78
N GLU B 359 -24.55 15.71 -24.68
CA GLU B 359 -23.97 16.40 -23.55
C GLU B 359 -22.73 15.60 -23.07
N ALA B 360 -22.82 14.27 -23.04
CA ALA B 360 -21.71 13.43 -22.61
C ALA B 360 -20.52 13.49 -23.57
N LEU B 361 -20.79 13.31 -24.84
CA LEU B 361 -19.71 13.32 -25.83
C LEU B 361 -18.97 14.66 -25.91
N ASN B 362 -19.69 15.74 -25.64
CA ASN B 362 -19.09 17.09 -25.67
C ASN B 362 -18.44 17.55 -24.38
N ASN B 363 -18.67 16.82 -23.29
CA ASN B 363 -18.19 17.23 -21.97
C ASN B 363 -17.46 16.15 -21.17
N TYR B 364 -17.17 15.00 -21.77
CA TYR B 364 -16.60 13.87 -21.01
C TYR B 364 -15.25 14.21 -20.41
N GLN B 365 -14.45 15.02 -21.11
CA GLN B 365 -13.12 15.38 -20.58
C GLN B 365 -13.25 16.18 -19.30
N LYS B 366 -14.18 17.14 -19.28
CA LYS B 366 -14.50 17.89 -18.07
C LYS B 366 -14.93 16.96 -16.91
N TRP B 367 -15.80 16.01 -17.24
CA TRP B 367 -16.28 15.02 -16.27
C TRP B 367 -15.16 14.17 -15.67
N GLU B 368 -14.24 13.71 -16.53
CA GLU B 368 -13.06 12.95 -16.07
C GLU B 368 -12.24 13.69 -15.04
N LYS B 369 -12.00 14.98 -15.32
N LYS B 369 -12.01 14.98 -15.30
CA LYS B 369 -11.26 15.83 -14.41
CA LYS B 369 -11.25 15.83 -14.40
C LYS B 369 -12.00 16.06 -13.09
C LYS B 369 -12.01 16.08 -13.09
N MET B 370 -13.33 16.22 -13.15
CA MET B 370 -14.15 16.37 -11.93
C MET B 370 -14.06 15.12 -11.04
N ILE B 371 -14.05 13.95 -11.68
CA ILE B 371 -13.87 12.69 -10.97
C ILE B 371 -12.45 12.59 -10.38
N ASP B 372 -11.44 12.90 -11.18
CA ASP B 372 -10.06 12.97 -10.68
C ASP B 372 -9.92 13.93 -9.49
N ASP B 373 -10.59 15.08 -9.56
CA ASP B 373 -10.48 16.08 -8.49
C ASP B 373 -11.03 15.56 -7.18
N TRP B 374 -12.10 14.75 -7.20
CA TRP B 374 -12.60 14.18 -5.94
C TRP B 374 -11.88 12.93 -5.47
N GLN B 375 -11.41 12.08 -6.38
CA GLN B 375 -10.62 10.92 -5.97
C GLN B 375 -9.21 11.30 -5.49
N LYS B 376 -8.65 12.42 -5.96
CA LYS B 376 -7.23 12.72 -5.74
C LYS B 376 -6.77 12.89 -4.29
N PRO B 377 -7.54 13.59 -3.45
CA PRO B 377 -7.14 13.70 -2.06
C PRO B 377 -7.01 12.35 -1.34
N ILE B 378 -7.82 11.36 -1.69
CA ILE B 378 -7.63 10.01 -1.14
C ILE B 378 -6.49 9.28 -1.86
N LEU B 379 -6.49 9.28 -3.18
CA LEU B 379 -5.48 8.50 -3.93
C LEU B 379 -4.05 8.99 -3.67
N SER B 380 -3.91 10.30 -3.50
CA SER B 380 -2.59 10.91 -3.29
C SER B 380 -2.09 10.76 -1.85
N ASN B 381 -2.92 10.29 -0.93
CA ASN B 381 -2.51 10.09 0.44
C ASN B 381 -1.70 8.80 0.53
N LYS B 382 -0.37 8.97 0.60
CA LYS B 382 0.55 7.85 0.64
C LYS B 382 0.64 7.13 2.00
N SER B 383 -0.06 7.62 3.02
CA SER B 383 -0.14 6.87 4.28
C SER B 383 -1.10 5.68 4.23
N LYS B 384 -1.96 5.62 3.21
CA LYS B 384 -2.99 4.60 3.15
C LYS B 384 -2.63 3.51 2.17
N PRO B 385 -2.80 2.24 2.57
CA PRO B 385 -2.50 1.16 1.64
C PRO B 385 -3.44 1.12 0.46
N ASP B 386 -2.94 0.55 -0.64
CA ASP B 386 -3.75 0.40 -1.84
C ASP B 386 -5.07 -0.32 -1.59
N TRP B 387 -5.03 -1.43 -0.85
CA TRP B 387 -6.25 -2.23 -0.67
C TRP B 387 -7.38 -1.40 -0.05
N TYR B 388 -7.03 -0.52 0.89
CA TYR B 388 -8.01 0.36 1.52
C TYR B 388 -8.67 1.27 0.46
N LYS B 389 -7.87 1.85 -0.42
CA LYS B 389 -8.39 2.71 -1.50
C LYS B 389 -9.32 1.91 -2.43
N THR B 390 -8.92 0.69 -2.77
CA THR B 390 -9.72 -0.20 -3.62
C THR B 390 -11.13 -0.40 -3.04
N ALA B 391 -11.18 -0.72 -1.76
CA ALA B 391 -12.47 -0.92 -1.07
C ALA B 391 -13.27 0.37 -0.92
N LEU B 392 -12.59 1.45 -0.55
CA LEU B 392 -13.28 2.71 -0.32
C LEU B 392 -14.01 3.20 -1.55
N PHE B 393 -13.34 3.24 -2.69
CA PHE B 393 -14.02 3.67 -3.91
C PHE B 393 -15.01 2.64 -4.45
N ASN B 394 -14.62 1.37 -4.49
CA ASN B 394 -15.48 0.39 -5.13
C ASN B 394 -16.74 0.06 -4.32
N GLU B 395 -16.72 0.19 -2.99
CA GLU B 395 -17.96 0.02 -2.21
C GLU B 395 -19.04 1.01 -2.61
N LEU B 396 -18.63 2.17 -3.14
CA LEU B 396 -19.59 3.18 -3.57
C LEU B 396 -20.45 2.77 -4.74
N TYR B 397 -20.11 1.66 -5.41
CA TYR B 397 -20.94 1.12 -6.46
C TYR B 397 -22.42 1.07 -6.02
N TYR B 398 -22.65 0.74 -4.76
CA TYR B 398 -24.00 0.48 -4.27
C TYR B 398 -24.87 1.74 -4.27
N LEU B 399 -24.26 2.91 -4.20
CA LEU B 399 -25.06 4.16 -4.24
C LEU B 399 -25.87 4.26 -5.50
N ALA B 400 -25.28 3.85 -6.61
CA ALA B 400 -25.98 3.79 -7.88
C ALA B 400 -26.72 2.46 -8.09
N ASP B 401 -26.10 1.35 -7.66
CA ASP B 401 -26.61 0.00 -7.93
C ASP B 401 -27.65 -0.52 -6.92
N GLY B 402 -27.96 0.25 -5.89
CA GLY B 402 -28.88 -0.19 -4.84
C GLY B 402 -30.36 0.12 -5.06
N GLY B 403 -30.84 -0.01 -6.29
CA GLY B 403 -32.26 0.22 -6.61
C GLY B 403 -32.70 1.66 -6.45
N THR B 404 -31.76 2.54 -6.65
CA THR B 404 -31.88 3.89 -6.17
C THR B 404 -33.00 4.64 -6.87
N ALA B 405 -33.87 5.25 -6.09
CA ALA B 405 -35.03 5.96 -6.61
C ALA B 405 -34.91 7.42 -6.21
N TRP B 406 -35.14 8.30 -7.17
CA TRP B 406 -34.97 9.73 -6.95
C TRP B 406 -35.97 10.43 -7.83
N GLU B 407 -37.06 10.90 -7.22
CA GLU B 407 -38.25 11.32 -7.98
C GLU B 407 -38.25 12.81 -8.32
N ASN B 408 -38.75 13.12 -9.51
CA ASN B 408 -38.98 14.50 -9.98
C ASN B 408 -40.46 14.68 -10.35
N GLY B 409 -41.32 14.24 -9.45
CA GLY B 409 -42.77 14.38 -9.60
C GLY B 409 -43.48 13.08 -9.84
N LYS B 410 -44.69 12.99 -9.30
CA LYS B 410 -45.56 11.85 -9.56
C LYS B 410 -46.21 12.09 -10.91
N VAL B 411 -46.38 11.05 -11.71
CA VAL B 411 -47.00 11.20 -13.02
C VAL B 411 -48.46 11.59 -12.78
N GLY B 412 -48.92 12.63 -13.48
CA GLY B 412 -50.24 13.26 -13.24
C GLY B 412 -50.30 14.32 -12.13
N GLU B 413 -49.17 14.65 -11.50
CA GLU B 413 -49.15 15.63 -10.39
C GLU B 413 -49.18 17.04 -10.96
N LYS B 416 -46.14 20.66 -8.37
CA LYS B 416 -44.70 20.49 -8.19
C LYS B 416 -44.27 20.88 -6.77
N ARG B 417 -43.49 20.02 -6.14
CA ARG B 417 -42.92 20.29 -4.81
C ARG B 417 -41.51 20.86 -4.92
N THR B 418 -41.02 21.40 -3.81
CA THR B 418 -39.67 21.96 -3.73
C THR B 418 -38.60 20.86 -3.72
N ASN B 419 -38.94 19.71 -3.10
CA ASN B 419 -37.97 18.65 -2.83
C ASN B 419 -38.15 17.40 -3.71
N ASN B 420 -37.11 16.61 -3.79
CA ASN B 420 -37.11 15.40 -4.65
C ASN B 420 -36.81 14.25 -3.71
N MET B 421 -37.81 13.42 -3.45
CA MET B 421 -37.64 12.31 -2.53
C MET B 421 -36.65 11.27 -3.10
N PHE B 422 -35.95 10.61 -2.18
CA PHE B 422 -34.86 9.71 -2.50
C PHE B 422 -35.00 8.44 -1.68
N GLY B 423 -34.57 7.32 -2.26
CA GLY B 423 -34.49 6.07 -1.50
C GLY B 423 -33.45 5.16 -2.09
N LEU B 424 -32.61 4.62 -1.20
CA LEU B 424 -31.65 3.58 -1.50
C LEU B 424 -32.12 2.29 -0.79
N LEU B 425 -32.17 1.18 -1.50
CA LEU B 425 -32.55 -0.10 -0.87
C LEU B 425 -31.59 -0.56 0.19
N GLY B 426 -32.10 -1.19 1.25
CA GLY B 426 -31.29 -1.97 2.18
C GLY B 426 -30.51 -3.03 1.41
N CYS B 427 -31.22 -3.71 0.54
CA CYS B 427 -30.70 -4.69 -0.42
C CYS B 427 -31.84 -5.13 -1.31
N PHE B 428 -31.57 -6.03 -2.25
CA PHE B 428 -32.59 -6.53 -3.17
C PHE B 428 -33.42 -7.69 -2.59
N ASP B 429 -32.79 -8.55 -1.80
CA ASP B 429 -33.51 -9.70 -1.23
C ASP B 429 -34.55 -9.26 -0.20
N TYR B 430 -34.23 -8.23 0.57
CA TYR B 430 -35.09 -7.66 1.57
C TYR B 430 -35.38 -6.24 1.05
N ASN B 431 -36.36 -6.18 0.16
CA ASN B 431 -36.55 -5.08 -0.78
C ASN B 431 -37.25 -3.91 -0.12
N TYR B 432 -36.53 -3.22 0.75
CA TYR B 432 -37.07 -2.13 1.56
C TYR B 432 -36.21 -0.88 1.40
N TYR B 433 -36.85 0.25 1.19
CA TYR B 433 -36.13 1.53 1.03
C TYR B 433 -35.71 2.17 2.33
N GLU B 434 -34.43 2.57 2.38
CA GLU B 434 -33.83 3.33 3.47
C GLU B 434 -33.88 2.70 4.85
N THR B 435 -33.93 1.37 4.86
CA THR B 435 -33.94 0.59 6.11
C THR B 435 -33.09 1.28 7.18
N LEU B 436 -33.75 1.85 8.18
CA LEU B 436 -33.10 2.85 9.03
C LEU B 436 -32.02 2.25 9.94
N ASP B 437 -32.30 1.09 10.49
CA ASP B 437 -31.32 0.41 11.31
C ASP B 437 -30.03 0.07 10.54
N VAL B 438 -30.15 -0.09 9.22
CA VAL B 438 -29.06 -0.34 8.30
C VAL B 438 -28.38 0.98 7.85
N ARG B 439 -29.17 2.00 7.49
CA ARG B 439 -28.61 3.26 7.00
C ARG B 439 -27.80 4.00 8.09
N PHE B 440 -28.08 3.71 9.37
CA PHE B 440 -27.23 4.13 10.48
C PHE B 440 -25.76 3.83 10.18
N TYR B 441 -25.50 2.69 9.54
CA TYR B 441 -24.16 2.33 9.08
C TYR B 441 -23.91 2.77 7.64
N GLY B 442 -24.87 2.51 6.77
CA GLY B 442 -24.66 2.63 5.32
C GLY B 442 -24.77 4.02 4.69
N SER B 443 -25.22 5.02 5.45
CA SER B 443 -25.48 6.34 4.89
C SER B 443 -24.28 7.27 4.95
N PHE B 444 -23.13 6.80 5.44
CA PHE B 444 -21.94 7.67 5.53
C PHE B 444 -21.57 8.34 4.19
N PRO B 445 -21.60 7.61 3.07
CA PRO B 445 -21.20 8.32 1.84
C PRO B 445 -22.14 9.45 1.46
N LEU B 446 -23.44 9.32 1.76
CA LEU B 446 -24.37 10.37 1.43
C LEU B 446 -24.16 11.60 2.30
N VAL B 447 -23.96 11.44 3.60
CA VAL B 447 -23.76 12.64 4.44
C VAL B 447 -22.43 13.31 4.07
N MET B 448 -21.42 12.51 3.72
CA MET B 448 -20.09 13.05 3.48
C MET B 448 -19.91 13.67 2.09
N LEU B 449 -20.64 13.13 1.12
CA LEU B 449 -20.42 13.42 -0.28
C LEU B 449 -21.63 13.99 -1.04
N TRP B 450 -22.87 13.67 -0.61
CA TRP B 450 -24.10 14.23 -1.19
C TRP B 450 -25.05 14.62 -0.06
N PRO B 451 -24.59 15.53 0.83
CA PRO B 451 -25.36 15.85 2.02
C PRO B 451 -26.77 16.37 1.76
N ASP B 452 -27.05 17.01 0.62
CA ASP B 452 -28.43 17.48 0.33
C ASP B 452 -29.38 16.29 0.20
N ILE B 453 -28.89 15.16 -0.33
CA ILE B 453 -29.68 13.92 -0.39
C ILE B 453 -29.92 13.38 1.01
N GLU B 454 -28.85 13.31 1.79
CA GLU B 454 -28.90 12.77 3.15
C GLU B 454 -29.95 13.51 3.99
N LYS B 455 -29.90 14.83 3.97
CA LYS B 455 -30.82 15.62 4.78
C LYS B 455 -32.27 15.46 4.33
N GLN B 456 -32.50 15.36 3.01
CA GLN B 456 -33.82 15.05 2.47
C GLN B 456 -34.34 13.69 3.00
N VAL B 457 -33.50 12.66 3.00
CA VAL B 457 -33.94 11.36 3.49
C VAL B 457 -34.32 11.46 4.98
N MET B 458 -33.52 12.17 5.76
CA MET B 458 -33.85 12.33 7.20
C MET B 458 -35.14 13.14 7.45
N ARG B 459 -35.41 14.16 6.60
CA ARG B 459 -36.68 14.89 6.69
C ARG B 459 -37.86 13.97 6.31
N GLN B 460 -37.64 13.08 5.34
CA GLN B 460 -38.61 12.03 5.04
C GLN B 460 -38.97 11.20 6.28
N PHE B 461 -37.97 10.77 7.05
CA PHE B 461 -38.24 10.02 8.28
C PHE B 461 -38.90 10.92 9.35
N ALA B 462 -38.44 12.16 9.48
CA ALA B 462 -39.07 13.12 10.44
C ALA B 462 -40.58 13.24 10.19
N ASP B 463 -40.96 13.31 8.91
CA ASP B 463 -42.37 13.45 8.51
C ASP B 463 -43.23 12.24 8.88
N THR B 464 -42.62 11.07 9.07
CA THR B 464 -43.37 9.87 9.40
C THR B 464 -43.58 9.65 10.90
N ILE B 465 -42.91 10.43 11.76
CA ILE B 465 -42.85 10.14 13.19
C ILE B 465 -44.24 9.90 13.79
N ASN B 466 -45.17 10.79 13.47
CA ASN B 466 -46.47 10.76 14.11
C ASN B 466 -47.57 10.12 13.27
N VAL B 467 -47.19 9.49 12.16
CA VAL B 467 -48.12 8.71 11.35
C VAL B 467 -48.58 7.54 12.19
N GLN B 468 -49.88 7.22 12.08
CA GLN B 468 -50.49 6.10 12.80
C GLN B 468 -51.25 5.34 11.75
N ASP B 469 -51.09 4.02 11.78
CA ASP B 469 -51.85 3.12 10.93
C ASP B 469 -52.23 1.90 11.77
N SER B 470 -53.50 1.87 12.18
CA SER B 470 -53.99 0.85 13.11
C SER B 470 -54.34 -0.47 12.45
N SER B 471 -54.32 -0.56 11.12
CA SER B 471 -54.46 -1.86 10.47
C SER B 471 -53.37 -2.80 10.97
N GLU B 472 -53.73 -4.08 11.11
CA GLU B 472 -52.84 -5.07 11.68
C GLU B 472 -52.17 -5.86 10.55
N PHE B 473 -50.93 -6.28 10.78
CA PHE B 473 -50.25 -7.18 9.84
C PHE B 473 -49.77 -8.37 10.66
N LYS B 474 -49.50 -9.48 9.98
CA LYS B 474 -49.02 -10.69 10.65
C LYS B 474 -47.49 -10.67 10.73
N VAL B 475 -46.95 -10.73 11.95
CA VAL B 475 -45.50 -10.72 12.12
C VAL B 475 -44.94 -12.05 11.61
N GLY B 476 -43.93 -11.98 10.73
CA GLY B 476 -43.34 -13.16 10.13
C GLY B 476 -42.73 -14.14 11.12
N SER B 477 -42.03 -13.65 12.13
CA SER B 477 -41.25 -14.53 13.02
C SER B 477 -42.11 -15.39 13.95
N ASN B 478 -43.26 -14.87 14.36
CA ASN B 478 -44.13 -15.58 15.34
C ASN B 478 -45.60 -15.76 14.92
N GLY B 479 -46.02 -15.16 13.81
CA GLY B 479 -47.41 -15.20 13.39
C GLY B 479 -48.39 -14.36 14.21
N ALA B 480 -47.90 -13.54 15.15
CA ALA B 480 -48.75 -12.63 15.91
C ALA B 480 -49.24 -11.46 15.04
N MET B 481 -50.36 -10.84 15.44
CA MET B 481 -50.86 -9.65 14.76
C MET B 481 -50.27 -8.44 15.43
N ALA B 482 -50.04 -7.38 14.66
CA ALA B 482 -49.47 -6.15 15.18
C ALA B 482 -49.92 -4.96 14.38
N VAL B 483 -50.01 -3.81 15.04
CA VAL B 483 -50.32 -2.54 14.38
C VAL B 483 -49.17 -2.15 13.42
N LYS B 484 -49.54 -1.76 12.20
CA LYS B 484 -48.57 -1.39 11.16
C LYS B 484 -47.63 -0.22 11.57
N LYS B 485 -48.18 0.86 12.11
CA LYS B 485 -47.38 2.04 12.43
C LYS B 485 -47.97 2.77 13.66
N VAL B 486 -47.13 2.88 14.69
CA VAL B 486 -47.49 3.46 15.97
C VAL B 486 -46.99 4.90 16.02
N GLN B 487 -47.83 5.81 16.51
CA GLN B 487 -47.47 7.22 16.65
C GLN B 487 -46.25 7.34 17.57
N GLY B 488 -45.25 8.10 17.13
CA GLY B 488 -44.04 8.33 17.90
C GLY B 488 -42.92 7.32 17.66
N MET B 489 -43.17 6.29 16.85
CA MET B 489 -42.17 5.27 16.56
C MET B 489 -41.66 5.49 15.14
N ILE B 490 -40.35 5.56 15.02
CA ILE B 490 -39.71 5.69 13.72
C ILE B 490 -39.97 4.41 12.92
N PRO B 491 -40.28 4.53 11.60
CA PRO B 491 -40.47 3.36 10.78
C PRO B 491 -39.15 2.66 10.47
N HIS B 492 -39.25 1.36 10.22
CA HIS B 492 -38.12 0.55 9.80
C HIS B 492 -37.65 0.94 8.41
N ASP B 493 -38.59 1.29 7.53
CA ASP B 493 -38.26 1.58 6.13
C ASP B 493 -39.34 2.45 5.54
N LEU B 494 -39.08 2.96 4.34
CA LEU B 494 -40.01 3.81 3.61
C LEU B 494 -40.72 3.08 2.46
N GLY B 495 -40.91 1.77 2.58
CA GLY B 495 -41.68 0.99 1.60
C GLY B 495 -40.81 0.08 0.76
N SER B 496 -41.43 -0.64 -0.16
CA SER B 496 -40.79 -1.60 -1.05
C SER B 496 -41.07 -1.20 -2.47
N SER B 497 -40.13 -1.51 -3.39
CA SER B 497 -40.35 -1.24 -4.81
C SER B 497 -41.53 -2.08 -5.37
N TYR B 498 -41.89 -3.15 -4.69
CA TYR B 498 -43.04 -3.98 -5.09
C TYR B 498 -44.39 -3.38 -4.65
N ALA B 499 -44.33 -2.34 -3.82
CA ALA B 499 -45.52 -1.71 -3.25
C ALA B 499 -45.45 -0.20 -3.50
N LEU B 500 -45.40 0.65 -2.47
CA LEU B 500 -45.44 2.11 -2.66
C LEU B 500 -44.35 2.83 -1.86
N PRO B 501 -43.14 2.92 -2.44
CA PRO B 501 -42.10 3.71 -1.80
C PRO B 501 -42.57 5.14 -1.47
N TRP B 502 -42.18 5.59 -0.28
CA TRP B 502 -42.45 6.93 0.27
C TRP B 502 -43.90 7.13 0.74
N ILE B 503 -44.78 6.21 0.40
CA ILE B 503 -46.22 6.34 0.68
C ILE B 503 -46.68 5.32 1.72
N LYS B 504 -46.37 4.05 1.48
CA LYS B 504 -46.70 2.97 2.42
C LYS B 504 -45.43 2.51 3.09
N ILE B 505 -45.21 2.99 4.30
CA ILE B 505 -43.96 2.70 5.03
C ILE B 505 -44.08 1.37 5.80
N ASN B 506 -42.97 0.94 6.39
CA ASN B 506 -42.92 -0.32 7.15
C ASN B 506 -43.36 -1.54 6.33
N ALA B 507 -42.81 -1.68 5.13
CA ALA B 507 -43.04 -2.86 4.31
C ALA B 507 -42.48 -4.13 4.97
N TYR B 508 -41.41 -3.98 5.76
CA TYR B 508 -40.79 -5.07 6.47
C TYR B 508 -41.77 -5.61 7.50
N ASP B 509 -41.83 -6.93 7.59
CA ASP B 509 -42.77 -7.57 8.52
C ASP B 509 -42.24 -8.79 9.27
N TRP B 510 -40.96 -9.12 9.14
CA TRP B 510 -40.38 -10.29 9.81
C TRP B 510 -40.45 -10.12 11.34
N GLN B 511 -40.21 -8.89 11.80
CA GLN B 511 -40.47 -8.48 13.18
C GLN B 511 -41.36 -7.26 13.16
N ASN B 512 -41.84 -6.87 14.34
CA ASN B 512 -42.63 -5.65 14.47
C ASN B 512 -41.71 -4.48 14.82
N PRO B 513 -41.45 -3.60 13.84
CA PRO B 513 -40.48 -2.52 14.12
C PRO B 513 -40.98 -1.44 15.08
N ASN B 514 -42.28 -1.41 15.34
CA ASN B 514 -42.83 -0.46 16.32
C ASN B 514 -42.43 -0.72 17.76
N ILE B 515 -41.87 -1.91 18.05
CA ILE B 515 -41.30 -2.19 19.36
C ILE B 515 -39.77 -2.29 19.36
N TRP B 516 -39.12 -1.86 18.28
CA TRP B 516 -37.66 -1.90 18.25
C TRP B 516 -37.06 -0.89 19.19
N LYS B 517 -35.93 -1.25 19.78
CA LYS B 517 -35.26 -0.43 20.76
C LYS B 517 -34.10 0.36 20.17
N ASP B 518 -33.78 0.13 18.90
CA ASP B 518 -32.67 0.85 18.24
C ASP B 518 -33.12 1.90 17.23
N LEU B 519 -34.32 1.80 16.65
CA LEU B 519 -34.68 2.68 15.54
C LEU B 519 -34.80 4.14 16.01
N ASN B 520 -35.49 4.36 17.14
CA ASN B 520 -35.70 5.76 17.59
C ASN B 520 -34.41 6.44 17.99
N SER B 521 -33.50 5.69 18.64
N SER B 521 -33.50 5.69 18.64
CA SER B 521 -32.19 6.17 19.02
CA SER B 521 -32.20 6.21 19.03
C SER B 521 -31.32 6.44 17.81
C SER B 521 -31.29 6.43 17.82
N LYS B 522 -31.28 5.48 16.88
CA LYS B 522 -30.49 5.64 15.64
C LYS B 522 -30.97 6.84 14.82
N TYR B 523 -32.28 7.06 14.81
CA TYR B 523 -32.84 8.23 14.13
C TYR B 523 -32.25 9.55 14.68
N VAL B 524 -32.28 9.71 16.00
CA VAL B 524 -31.74 10.92 16.63
C VAL B 524 -30.24 11.08 16.35
N LEU B 525 -29.50 9.99 16.44
CA LEU B 525 -28.07 10.01 16.16
C LEU B 525 -27.75 10.37 14.73
N LEU B 526 -28.56 9.90 13.79
CA LEU B 526 -28.41 10.26 12.38
C LEU B 526 -28.70 11.74 12.19
N VAL B 527 -29.73 12.23 12.88
CA VAL B 527 -30.04 13.65 12.81
C VAL B 527 -28.84 14.47 13.26
N TYR B 528 -28.31 14.19 14.45
CA TYR B 528 -27.23 15.01 14.98
C TYR B 528 -25.95 14.81 14.14
N ARG B 529 -25.68 13.56 13.72
CA ARG B 529 -24.55 13.31 12.80
C ARG B 529 -24.60 14.23 11.59
N ASP B 530 -25.78 14.34 11.00
CA ASP B 530 -25.95 15.08 9.74
C ASP B 530 -25.71 16.58 9.91
N TYR B 531 -26.00 17.08 11.10
CA TYR B 531 -25.66 18.44 11.49
C TYR B 531 -24.15 18.61 11.70
N VAL B 532 -23.54 17.69 12.45
CA VAL B 532 -22.11 17.78 12.76
C VAL B 532 -21.24 17.66 11.51
N LEU B 533 -21.50 16.65 10.68
CA LEU B 533 -20.64 16.34 9.53
C LEU B 533 -20.90 17.25 8.33
N THR B 534 -21.81 18.23 8.46
CA THR B 534 -21.99 19.27 7.45
C THR B 534 -21.62 20.66 8.01
N GLY B 535 -20.84 20.66 9.09
CA GLY B 535 -20.16 21.88 9.58
C GLY B 535 -20.77 22.56 10.79
N LYS B 536 -21.71 21.90 11.47
CA LYS B 536 -22.49 22.50 12.58
C LYS B 536 -23.07 23.89 12.26
N THR B 537 -23.57 24.07 11.04
CA THR B 537 -24.22 25.34 10.66
C THR B 537 -25.69 25.23 10.30
N ASP B 538 -26.21 24.02 10.07
CA ASP B 538 -27.57 23.89 9.56
C ASP B 538 -28.58 23.83 10.69
N LYS B 539 -28.77 25.00 11.30
CA LYS B 539 -29.76 25.12 12.36
C LYS B 539 -31.19 24.83 11.85
N GLU B 540 -31.50 25.22 10.61
N GLU B 540 -31.51 25.23 10.61
CA GLU B 540 -32.83 24.98 10.03
CA GLU B 540 -32.84 24.95 10.07
C GLU B 540 -33.15 23.49 9.89
C GLU B 540 -33.14 23.45 10.06
N PHE B 541 -32.13 22.64 9.69
CA PHE B 541 -32.30 21.17 9.69
C PHE B 541 -32.57 20.63 11.10
N LEU B 542 -31.89 21.16 12.11
CA LEU B 542 -32.19 20.83 13.50
C LEU B 542 -33.59 21.27 13.92
N LYS B 543 -34.00 22.48 13.50
CA LYS B 543 -35.35 22.96 13.80
C LYS B 543 -36.40 22.08 13.16
N TYR B 544 -36.19 21.71 11.90
CA TYR B 544 -37.15 20.86 11.17
C TYR B 544 -37.42 19.57 11.92
N THR B 545 -36.36 18.98 12.46
CA THR B 545 -36.39 17.62 13.01
C THR B 545 -36.55 17.57 14.53
N TRP B 546 -36.56 18.71 15.21
CA TRP B 546 -36.48 18.73 16.67
C TRP B 546 -37.68 18.10 17.34
N LYS B 547 -38.88 18.41 16.89
CA LYS B 547 -40.07 17.78 17.51
C LYS B 547 -40.04 16.26 17.39
N SER B 548 -39.62 15.76 16.23
CA SER B 548 -39.53 14.31 16.02
C SER B 548 -38.44 13.64 16.86
N VAL B 549 -37.35 14.36 17.11
CA VAL B 549 -36.26 13.88 17.98
C VAL B 549 -36.76 13.70 19.41
N LYS B 550 -37.42 14.73 19.93
CA LYS B 550 -37.97 14.67 21.29
C LYS B 550 -39.03 13.58 21.45
N THR B 551 -39.95 13.52 20.49
CA THR B 551 -40.96 12.45 20.46
C THR B 551 -40.32 11.06 20.44
N ALA B 552 -39.30 10.88 19.60
CA ALA B 552 -38.65 9.58 19.47
C ALA B 552 -38.03 9.12 20.80
N LEU B 553 -37.29 10.00 21.45
CA LEU B 553 -36.67 9.64 22.71
C LEU B 553 -37.70 9.45 23.82
N ASP B 554 -38.73 10.30 23.83
CA ASP B 554 -39.77 10.20 24.86
C ASP B 554 -40.51 8.88 24.77
N LYS B 555 -40.80 8.42 23.54
CA LYS B 555 -41.45 7.11 23.36
C LYS B 555 -40.57 5.96 23.77
N LEU B 556 -39.27 6.07 23.47
CA LEU B 556 -38.35 5.02 23.82
C LEU B 556 -38.22 4.91 25.36
N LYS B 557 -38.28 6.05 26.07
CA LYS B 557 -38.23 6.03 27.54
C LYS B 557 -39.35 5.20 28.21
N GLU B 558 -40.52 5.20 27.60
CA GLU B 558 -41.69 4.43 28.08
C GLU B 558 -41.47 2.93 28.05
N MET B 559 -40.49 2.46 27.26
CA MET B 559 -40.19 1.04 27.18
C MET B 559 -39.18 0.56 28.24
N ASP B 560 -38.79 1.47 29.14
CA ASP B 560 -38.09 1.10 30.38
C ASP B 560 -39.12 0.48 31.32
N LYS B 561 -39.00 -0.82 31.59
CA LYS B 561 -39.94 -1.52 32.47
C LYS B 561 -39.54 -1.57 33.95
N ASP B 562 -38.27 -1.41 34.27
CA ASP B 562 -37.79 -1.59 35.64
C ASP B 562 -37.18 -0.32 36.23
N ASN B 563 -37.43 0.82 35.59
CA ASN B 563 -36.96 2.11 36.07
C ASN B 563 -35.44 2.18 36.36
N ASP B 564 -34.63 1.59 35.47
CA ASP B 564 -33.18 1.85 35.49
C ASP B 564 -32.80 2.94 34.50
N GLY B 565 -33.81 3.53 33.84
CA GLY B 565 -33.61 4.65 32.94
C GLY B 565 -33.28 4.24 31.52
N ILE B 566 -33.32 2.94 31.25
CA ILE B 566 -32.89 2.40 29.95
C ILE B 566 -34.02 1.53 29.42
N PRO B 567 -34.38 1.68 28.11
CA PRO B 567 -35.37 0.77 27.51
C PRO B 567 -34.98 -0.70 27.64
N ASP B 568 -35.97 -1.57 27.86
CA ASP B 568 -35.72 -2.98 28.06
C ASP B 568 -35.92 -3.73 26.75
N ASN B 569 -34.89 -4.44 26.29
CA ASN B 569 -35.07 -5.39 25.21
C ASN B 569 -36.00 -6.50 25.71
N GLU B 570 -36.84 -7.03 24.85
CA GLU B 570 -37.98 -7.84 25.29
C GLU B 570 -37.81 -9.35 25.20
N GLY B 571 -36.56 -9.83 25.14
CA GLY B 571 -36.28 -11.27 24.97
C GLY B 571 -36.64 -11.83 23.62
N ILE B 572 -36.75 -10.94 22.63
CA ILE B 572 -36.98 -11.26 21.24
C ILE B 572 -36.05 -10.36 20.42
N PRO B 573 -35.95 -10.60 19.11
CA PRO B 573 -35.06 -9.73 18.29
C PRO B 573 -35.73 -8.39 17.96
N ASP B 574 -35.54 -7.40 18.82
CA ASP B 574 -36.27 -6.13 18.68
C ASP B 574 -35.27 -5.02 18.30
N GLN B 575 -34.47 -5.32 17.30
CA GLN B 575 -33.43 -4.41 16.79
C GLN B 575 -32.79 -5.05 15.54
N THR B 576 -31.81 -4.35 14.94
CA THR B 576 -31.25 -4.72 13.62
C THR B 576 -30.80 -6.18 13.51
N TYR B 577 -30.31 -6.74 14.61
CA TYR B 577 -29.96 -8.16 14.66
C TYR B 577 -31.27 -8.91 14.88
N ASP B 578 -32.06 -8.99 13.81
CA ASP B 578 -33.48 -9.35 13.88
C ASP B 578 -33.81 -10.87 13.93
N THR B 579 -32.79 -11.71 14.15
CA THR B 579 -33.02 -13.05 14.69
C THR B 579 -32.26 -13.34 16.00
N TRP B 580 -31.53 -12.35 16.50
CA TRP B 580 -30.68 -12.48 17.70
C TRP B 580 -31.36 -11.75 18.86
N SER B 581 -31.87 -12.52 19.83
CA SER B 581 -32.67 -11.88 20.89
C SER B 581 -31.79 -11.18 21.95
N MET B 582 -32.28 -10.05 22.42
CA MET B 582 -31.68 -9.34 23.51
C MET B 582 -32.77 -9.21 24.59
N LYS B 583 -32.35 -9.13 25.83
CA LYS B 583 -33.28 -9.05 26.95
C LYS B 583 -32.67 -8.24 28.08
N GLY B 584 -33.44 -7.27 28.55
CA GLY B 584 -33.03 -6.37 29.60
C GLY B 584 -32.27 -5.20 28.99
N THR B 585 -31.22 -4.78 29.68
CA THR B 585 -30.34 -3.74 29.17
C THR B 585 -29.31 -4.45 28.30
N SER B 586 -29.25 -4.06 27.03
CA SER B 586 -28.24 -4.59 26.10
C SER B 586 -27.12 -3.55 25.88
N ALA B 587 -25.89 -4.01 25.66
CA ALA B 587 -24.80 -3.09 25.35
C ALA B 587 -25.15 -2.28 24.09
N TYR B 588 -25.68 -2.98 23.10
CA TYR B 588 -26.01 -2.38 21.82
C TYR B 588 -27.06 -1.28 21.93
N CYS B 589 -28.27 -1.63 22.35
CA CYS B 589 -29.35 -0.63 22.41
C CYS B 589 -29.14 0.34 23.57
N GLY B 590 -28.52 -0.14 24.65
CA GLY B 590 -28.22 0.74 25.81
C GLY B 590 -27.24 1.84 25.44
N SER B 591 -26.17 1.48 24.73
CA SER B 591 -25.16 2.46 24.37
C SER B 591 -25.70 3.47 23.33
N LEU B 592 -26.51 3.00 22.39
CA LEU B 592 -27.18 3.87 21.40
C LEU B 592 -28.08 4.88 22.10
N TRP B 593 -28.85 4.39 23.07
CA TRP B 593 -29.69 5.21 23.92
C TRP B 593 -28.90 6.31 24.65
N LEU B 594 -27.77 5.96 25.25
CA LEU B 594 -26.94 6.93 25.96
C LEU B 594 -26.43 8.01 25.02
N ALA B 595 -25.96 7.58 23.85
CA ALA B 595 -25.46 8.51 22.85
C ALA B 595 -26.58 9.41 22.32
N ALA B 596 -27.76 8.83 22.11
CA ALA B 596 -28.91 9.59 21.60
C ALA B 596 -29.35 10.67 22.59
N LEU B 597 -29.30 10.35 23.88
CA LEU B 597 -29.63 11.33 24.94
C LEU B 597 -28.61 12.47 24.95
N LYS B 598 -27.34 12.13 24.79
CA LYS B 598 -26.30 13.18 24.73
C LYS B 598 -26.46 14.07 23.48
N ALA B 599 -26.79 13.44 22.35
CA ALA B 599 -27.06 14.17 21.14
C ALA B 599 -28.23 15.16 21.29
N ALA B 600 -29.33 14.69 21.86
CA ALA B 600 -30.50 15.53 22.07
C ALA B 600 -30.25 16.67 23.08
N GLN B 601 -29.46 16.40 24.12
CA GLN B 601 -28.98 17.49 25.02
C GLN B 601 -28.32 18.59 24.25
N GLU B 602 -27.39 18.20 23.37
CA GLU B 602 -26.66 19.16 22.55
C GLU B 602 -27.52 19.90 21.57
N ILE B 603 -28.51 19.22 20.99
CA ILE B 603 -29.47 19.89 20.09
C ILE B 603 -30.25 20.92 20.92
N GLY B 604 -30.69 20.49 22.09
CA GLY B 604 -31.37 21.40 23.04
C GLY B 604 -30.56 22.64 23.38
N LYS B 605 -29.26 22.48 23.56
CA LYS B 605 -28.35 23.63 23.74
C LYS B 605 -28.37 24.54 22.52
N VAL B 606 -28.20 23.96 21.34
CA VAL B 606 -28.12 24.73 20.10
C VAL B 606 -29.41 25.52 19.87
N LEU B 607 -30.55 24.86 20.09
CA LEU B 607 -31.85 25.46 19.85
C LEU B 607 -32.39 26.21 21.08
N LYS B 608 -31.60 26.26 22.16
CA LYS B 608 -31.94 27.02 23.38
C LYS B 608 -33.29 26.57 23.92
N ASP B 609 -33.40 25.25 24.11
CA ASP B 609 -34.57 24.59 24.66
C ASP B 609 -34.16 24.05 26.00
N ASN B 610 -34.27 24.91 27.02
CA ASN B 610 -33.82 24.54 28.34
C ASN B 610 -34.53 23.33 28.92
N GLU B 611 -35.85 23.22 28.71
CA GLU B 611 -36.62 22.09 29.24
C GLU B 611 -36.05 20.76 28.73
N ALA B 612 -35.77 20.71 27.44
CA ALA B 612 -35.25 19.49 26.83
C ALA B 612 -33.81 19.22 27.28
N TYR B 613 -32.98 20.25 27.30
CA TYR B 613 -31.63 20.10 27.84
C TYR B 613 -31.63 19.43 29.23
N ILE B 614 -32.44 19.96 30.12
CA ILE B 614 -32.45 19.50 31.51
C ILE B 614 -32.98 18.07 31.63
N LYS B 615 -34.08 17.78 30.95
CA LYS B 615 -34.67 16.46 30.99
C LYS B 615 -33.72 15.39 30.44
N TYR B 616 -33.19 15.63 29.24
CA TYR B 616 -32.33 14.59 28.63
C TYR B 616 -30.99 14.46 29.36
N ASN B 617 -30.50 15.54 29.95
CA ASN B 617 -29.33 15.48 30.83
C ASN B 617 -29.60 14.58 32.05
N GLU B 618 -30.76 14.75 32.68
CA GLU B 618 -31.16 13.92 33.83
C GLU B 618 -31.31 12.46 33.43
N TRP B 619 -31.97 12.21 32.31
CA TRP B 619 -32.14 10.84 31.80
C TRP B 619 -30.78 10.21 31.51
N TYR B 620 -29.87 10.99 30.94
CA TYR B 620 -28.55 10.51 30.56
C TYR B 620 -27.73 10.09 31.78
N LYS B 621 -27.65 10.98 32.77
CA LYS B 621 -26.87 10.72 33.99
C LYS B 621 -27.31 9.44 34.67
N ILE B 622 -28.62 9.24 34.78
CA ILE B 622 -29.16 8.05 35.45
C ILE B 622 -28.88 6.79 34.60
N ALA B 623 -29.15 6.88 33.31
CA ALA B 623 -28.95 5.74 32.42
C ALA B 623 -27.48 5.33 32.31
N GLN B 624 -26.60 6.31 32.24
CA GLN B 624 -25.15 6.08 32.13
C GLN B 624 -24.62 5.32 33.33
N GLN B 625 -25.02 5.77 34.52
CA GLN B 625 -24.61 5.13 35.75
C GLN B 625 -25.07 3.68 35.80
N ASN B 626 -26.33 3.42 35.42
CA ASN B 626 -26.89 2.06 35.47
C ASN B 626 -26.40 1.11 34.37
N PHE B 627 -26.17 1.66 33.18
CA PHE B 627 -25.52 0.90 32.07
C PHE B 627 -24.16 0.36 32.51
N GLU B 628 -23.36 1.23 33.12
CA GLU B 628 -22.03 0.89 33.58
C GLU B 628 -22.08 -0.20 34.67
N LYS B 629 -22.91 0.02 35.70
CA LYS B 629 -23.13 -0.99 36.75
C LYS B 629 -23.59 -2.32 36.22
N GLU B 630 -24.58 -2.30 35.33
CA GLU B 630 -25.22 -3.52 34.87
C GLU B 630 -24.33 -4.37 33.95
N LEU B 631 -23.48 -3.71 33.15
CA LEU B 631 -22.80 -4.36 32.03
C LEU B 631 -21.28 -4.44 32.07
N TRP B 632 -20.59 -3.52 32.74
CA TRP B 632 -19.13 -3.55 32.75
C TRP B 632 -18.66 -4.72 33.62
N ASN B 633 -17.91 -5.66 33.03
CA ASN B 633 -17.47 -6.87 33.76
C ASN B 633 -15.98 -6.86 34.10
N GLY B 634 -15.29 -5.74 33.83
CA GLY B 634 -13.85 -5.62 34.05
C GLY B 634 -12.96 -5.86 32.84
N GLU B 635 -13.51 -6.46 31.77
CA GLU B 635 -12.81 -6.65 30.50
C GLU B 635 -13.56 -6.06 29.29
N TYR B 636 -14.87 -6.23 29.27
CA TYR B 636 -15.72 -5.74 28.20
C TYR B 636 -17.12 -5.47 28.76
N TYR B 637 -18.02 -4.95 27.93
CA TYR B 637 -19.43 -4.82 28.29
C TYR B 637 -20.20 -6.05 27.86
N ASN B 638 -20.94 -6.64 28.81
CA ASN B 638 -21.79 -7.80 28.53
C ASN B 638 -22.83 -7.52 27.45
N PHE B 639 -23.16 -8.54 26.68
CA PHE B 639 -24.14 -8.48 25.61
C PHE B 639 -25.45 -7.91 26.11
N ASP B 640 -25.94 -8.46 27.23
CA ASP B 640 -27.12 -7.88 27.90
C ASP B 640 -27.20 -8.33 29.37
N THR B 641 -28.30 -8.02 30.04
CA THR B 641 -28.47 -8.39 31.46
C THR B 641 -29.26 -9.67 31.73
N GLU B 642 -30.06 -10.13 30.77
CA GLU B 642 -31.02 -11.22 31.03
C GLU B 642 -31.05 -12.39 30.05
N SER B 643 -30.29 -12.38 28.95
CA SER B 643 -30.29 -13.53 28.02
C SER B 643 -29.46 -14.69 28.58
N ASP B 644 -29.64 -15.89 28.00
CA ASP B 644 -28.84 -17.08 28.37
C ASP B 644 -27.33 -16.85 28.09
N HIS B 645 -27.00 -16.27 26.94
N HIS B 645 -27.09 -16.20 26.94
CA HIS B 645 -25.59 -15.92 26.67
CA HIS B 645 -25.78 -15.80 26.45
C HIS B 645 -25.36 -14.41 26.87
C HIS B 645 -25.40 -14.36 26.84
N LYS B 646 -25.76 -13.92 28.04
CA LYS B 646 -25.57 -12.51 28.44
C LYS B 646 -24.10 -12.03 28.48
N ASP B 647 -23.16 -12.97 28.71
CA ASP B 647 -21.73 -12.62 28.76
C ASP B 647 -20.96 -12.78 27.44
N SER B 648 -21.67 -13.02 26.34
CA SER B 648 -21.03 -13.02 25.02
C SER B 648 -20.41 -11.64 24.73
N ILE B 649 -19.32 -11.68 23.99
CA ILE B 649 -18.57 -10.50 23.59
C ILE B 649 -19.13 -10.15 22.23
N MET B 650 -19.82 -9.02 22.14
CA MET B 650 -20.48 -8.63 20.90
C MET B 650 -19.58 -7.62 20.20
N ALA B 651 -19.36 -7.83 18.90
CA ALA B 651 -18.54 -6.89 18.13
C ALA B 651 -19.02 -5.45 18.20
N ASP B 652 -20.35 -5.27 18.21
CA ASP B 652 -21.00 -3.98 18.10
C ASP B 652 -21.46 -3.46 19.47
N GLN B 653 -20.94 -4.05 20.57
CA GLN B 653 -21.39 -3.69 21.91
C GLN B 653 -21.36 -2.19 22.24
N LEU B 654 -20.43 -1.41 21.67
CA LEU B 654 -20.35 0.01 21.98
C LEU B 654 -20.69 0.92 20.80
N ALA B 655 -21.64 0.50 19.98
CA ALA B 655 -22.09 1.29 18.83
C ALA B 655 -22.44 2.73 19.18
N GLY B 656 -23.04 2.95 20.35
CA GLY B 656 -23.31 4.32 20.81
C GLY B 656 -22.08 5.18 20.98
N GLN B 657 -21.03 4.60 21.54
CA GLN B 657 -19.79 5.34 21.72
C GLN B 657 -19.09 5.59 20.37
N TRP B 658 -19.18 4.63 19.44
CA TRP B 658 -18.67 4.83 18.07
C TRP B 658 -19.28 6.11 17.47
N TYR B 659 -20.61 6.20 17.51
CA TYR B 659 -21.27 7.41 16.98
C TYR B 659 -20.94 8.65 17.80
N ALA B 660 -20.86 8.50 19.12
CA ALA B 660 -20.49 9.64 19.97
C ALA B 660 -19.12 10.25 19.59
N ASP B 661 -18.16 9.42 19.21
CA ASP B 661 -16.86 9.90 18.69
C ASP B 661 -17.04 10.72 17.42
N ILE B 662 -17.82 10.20 16.48
CA ILE B 662 -18.07 10.90 15.21
C ILE B 662 -18.80 12.23 15.43
N LEU B 663 -19.74 12.23 16.37
CA LEU B 663 -20.59 13.39 16.65
C LEU B 663 -19.90 14.39 17.60
N ARG B 664 -18.71 14.04 18.08
CA ARG B 664 -17.91 14.88 18.99
C ARG B 664 -18.65 15.16 20.30
N LEU B 665 -19.31 14.12 20.80
CA LEU B 665 -20.08 14.17 22.03
C LEU B 665 -19.27 13.73 23.25
N GLY B 666 -18.00 13.36 23.06
CA GLY B 666 -17.14 12.93 24.16
C GLY B 666 -17.38 11.53 24.68
N ASP B 667 -16.99 11.33 25.93
CA ASP B 667 -16.98 10.02 26.55
C ASP B 667 -18.35 9.71 27.16
N ILE B 668 -19.12 8.84 26.54
CA ILE B 668 -20.33 8.31 27.20
C ILE B 668 -19.99 7.18 28.18
N LEU B 669 -18.87 6.50 27.93
CA LEU B 669 -18.33 5.50 28.84
C LEU B 669 -16.84 5.82 29.08
N PRO B 670 -16.28 5.27 30.17
CA PRO B 670 -14.91 5.69 30.47
C PRO B 670 -13.92 5.21 29.42
N LYS B 671 -12.97 6.08 29.06
CA LYS B 671 -11.98 5.79 28.02
C LYS B 671 -11.28 4.44 28.23
N ASP B 672 -10.84 4.22 29.46
CA ASP B 672 -10.19 2.97 29.85
C ASP B 672 -11.02 1.74 29.52
N HIS B 673 -12.32 1.79 29.80
CA HIS B 673 -13.20 0.63 29.55
C HIS B 673 -13.48 0.43 28.05
N VAL B 674 -13.64 1.53 27.32
CA VAL B 674 -13.81 1.50 25.87
C VAL B 674 -12.57 0.85 25.21
N GLN B 675 -11.39 1.31 25.61
CA GLN B 675 -10.15 0.79 25.06
C GLN B 675 -10.00 -0.70 25.36
N LYS B 676 -10.27 -1.10 26.60
CA LYS B 676 -10.26 -2.53 26.97
C LYS B 676 -11.24 -3.35 26.15
N ALA B 677 -12.44 -2.82 25.96
CA ALA B 677 -13.49 -3.52 25.23
C ALA B 677 -13.11 -3.71 23.77
N LEU B 678 -12.60 -2.65 23.14
CA LEU B 678 -12.11 -2.73 21.75
C LEU B 678 -10.95 -3.74 21.58
N LYS B 679 -10.02 -3.78 22.55
CA LYS B 679 -8.90 -4.71 22.48
C LYS B 679 -9.42 -6.12 22.65
N LYS B 680 -10.39 -6.31 23.54
CA LYS B 680 -11.03 -7.61 23.70
C LYS B 680 -11.72 -8.07 22.42
N ILE B 681 -12.47 -7.17 21.78
CA ILE B 681 -13.12 -7.49 20.49
C ILE B 681 -12.12 -7.90 19.43
N TYR B 682 -11.00 -7.18 19.34
CA TYR B 682 -9.95 -7.52 18.35
C TYR B 682 -9.31 -8.88 18.66
N GLU B 683 -9.02 -9.12 19.94
CA GLU B 683 -8.39 -10.37 20.37
C GLU B 683 -9.30 -11.57 20.13
N PHE B 684 -10.60 -11.39 20.34
CA PHE B 684 -11.56 -12.49 20.28
C PHE B 684 -12.30 -12.52 18.95
N ASN B 685 -13.23 -11.59 18.76
CA ASN B 685 -14.14 -11.62 17.61
C ASN B 685 -13.42 -11.55 16.26
N VAL B 686 -12.27 -10.88 16.24
CA VAL B 686 -11.45 -10.84 15.02
C VAL B 686 -10.43 -11.97 15.06
N MET B 687 -9.46 -11.90 15.96
CA MET B 687 -8.30 -12.81 15.89
C MET B 687 -8.59 -14.29 16.19
N LYS B 688 -9.62 -14.60 16.98
CA LYS B 688 -9.99 -16.02 17.18
C LYS B 688 -11.00 -16.53 16.14
N PHE B 689 -11.38 -15.69 15.17
CA PHE B 689 -12.25 -16.07 14.07
C PHE B 689 -11.44 -16.16 12.78
N GLU B 690 -11.15 -17.39 12.36
CA GLU B 690 -10.38 -17.66 11.14
C GLU B 690 -9.13 -16.77 11.04
N ASN B 691 -8.39 -16.75 12.15
CA ASN B 691 -7.14 -16.04 12.28
C ASN B 691 -7.19 -14.56 11.87
N GLY B 692 -8.34 -13.91 12.06
CA GLY B 692 -8.48 -12.50 11.76
C GLY B 692 -8.45 -12.14 10.29
N LYS B 693 -8.74 -13.08 9.42
CA LYS B 693 -8.70 -12.86 7.98
C LYS B 693 -10.06 -12.64 7.31
N MET B 694 -11.13 -12.52 8.09
CA MET B 694 -12.49 -12.50 7.56
C MET B 694 -13.42 -11.48 8.26
N GLY B 695 -12.84 -10.53 8.99
CA GLY B 695 -13.61 -9.56 9.76
C GLY B 695 -13.91 -9.95 11.18
N ALA B 696 -14.89 -9.27 11.78
CA ALA B 696 -15.26 -9.50 13.18
C ALA B 696 -16.56 -10.31 13.24
N VAL B 697 -16.50 -11.51 13.80
CA VAL B 697 -17.73 -12.26 14.00
C VAL B 697 -18.55 -11.55 15.08
N ASN B 698 -19.87 -11.63 14.99
CA ASN B 698 -20.76 -10.86 15.87
C ASN B 698 -20.71 -11.22 17.34
N GLY B 699 -20.75 -12.51 17.67
CA GLY B 699 -20.77 -12.95 19.06
C GLY B 699 -19.72 -14.02 19.33
N MET B 700 -18.88 -13.78 20.34
CA MET B 700 -17.97 -14.80 20.81
C MET B 700 -18.10 -14.98 22.32
N ARG B 701 -18.13 -16.24 22.72
CA ARG B 701 -18.19 -16.60 24.14
C ARG B 701 -16.82 -16.24 24.77
N PRO B 702 -16.80 -15.94 26.09
CA PRO B 702 -15.53 -15.61 26.73
C PRO B 702 -14.49 -16.75 26.74
N ASP B 703 -14.89 -17.98 26.44
CA ASP B 703 -13.92 -19.07 26.23
C ASP B 703 -13.31 -19.13 24.80
N GLY B 704 -13.59 -18.13 23.95
CA GLY B 704 -12.96 -18.03 22.64
C GLY B 704 -13.62 -18.86 21.55
N ILE B 705 -14.85 -19.31 21.80
CA ILE B 705 -15.61 -20.08 20.82
C ILE B 705 -16.80 -19.23 20.41
N VAL B 706 -17.12 -19.29 19.13
CA VAL B 706 -18.21 -18.47 18.58
C VAL B 706 -19.56 -18.85 19.25
N ASP B 707 -20.32 -17.82 19.57
CA ASP B 707 -21.65 -17.95 20.16
C ASP B 707 -22.65 -18.58 19.17
N GLU B 708 -23.25 -19.71 19.55
CA GLU B 708 -24.20 -20.44 18.69
C GLU B 708 -25.69 -20.22 19.03
N SER B 709 -26.01 -19.24 19.86
CA SER B 709 -27.41 -18.96 20.21
C SER B 709 -28.28 -18.61 19.00
N ASP B 710 -27.70 -17.95 18.00
CA ASP B 710 -28.41 -17.65 16.76
C ASP B 710 -27.43 -17.54 15.59
N ILE B 711 -27.90 -17.82 14.39
CA ILE B 711 -27.10 -17.66 13.16
C ILE B 711 -26.39 -16.28 13.08
N GLN B 712 -27.07 -15.21 13.50
CA GLN B 712 -26.47 -13.88 13.42
C GLN B 712 -25.24 -13.69 14.32
N ALA B 713 -25.22 -14.39 15.46
CA ALA B 713 -24.03 -14.39 16.31
C ALA B 713 -22.84 -14.99 15.60
N GLN B 714 -23.10 -15.91 14.67
CA GLN B 714 -22.08 -16.67 13.93
C GLN B 714 -21.70 -16.04 12.60
N GLU B 715 -22.25 -14.85 12.31
CA GLU B 715 -21.98 -14.14 11.07
C GLU B 715 -21.02 -13.00 11.34
N VAL B 716 -20.20 -12.72 10.35
CA VAL B 716 -19.49 -11.45 10.27
C VAL B 716 -20.42 -10.55 9.48
N TRP B 717 -20.68 -9.34 9.97
CA TRP B 717 -21.46 -8.38 9.21
C TRP B 717 -20.46 -7.36 8.67
N THR B 718 -20.42 -7.25 7.35
CA THR B 718 -19.44 -6.43 6.68
C THR B 718 -19.50 -4.96 7.14
N GLY B 719 -20.70 -4.42 7.24
CA GLY B 719 -20.89 -3.03 7.63
C GLY B 719 -20.62 -2.78 9.09
N VAL B 720 -20.90 -3.80 9.92
CA VAL B 720 -20.56 -3.70 11.33
C VAL B 720 -19.04 -3.71 11.48
N THR B 721 -18.36 -4.53 10.69
CA THR B 721 -16.91 -4.66 10.78
C THR B 721 -16.18 -3.39 10.30
N TYR B 722 -16.61 -2.81 9.19
CA TYR B 722 -16.00 -1.55 8.74
C TYR B 722 -16.25 -0.41 9.72
N ALA B 723 -17.44 -0.40 10.33
CA ALA B 723 -17.76 0.60 11.36
C ALA B 723 -16.89 0.40 12.60
N LEU B 724 -16.73 -0.85 13.02
CA LEU B 724 -15.82 -1.21 14.10
C LEU B 724 -14.37 -0.74 13.81
N ALA B 725 -13.93 -0.94 12.59
CA ALA B 725 -12.60 -0.49 12.16
C ALA B 725 -12.46 1.02 12.33
N SER B 726 -13.51 1.75 11.95
CA SER B 726 -13.59 3.19 12.14
C SER B 726 -13.40 3.61 13.59
N PHE B 727 -14.16 2.96 14.46
CA PHE B 727 -14.11 3.18 15.90
C PHE B 727 -12.68 2.93 16.47
N MET B 728 -12.09 1.80 16.10
CA MET B 728 -10.70 1.48 16.48
C MET B 728 -9.74 2.57 16.01
N LYS B 729 -9.91 3.01 14.77
CA LYS B 729 -9.05 4.05 14.20
C LYS B 729 -9.16 5.35 15.02
N TYR B 730 -10.38 5.77 15.34
CA TYR B 730 -10.58 7.01 16.15
C TYR B 730 -9.92 6.91 17.52
N ARG B 731 -9.95 5.71 18.08
CA ARG B 731 -9.41 5.42 19.39
C ARG B 731 -7.92 5.08 19.38
N GLY B 732 -7.24 5.32 18.26
CA GLY B 732 -5.78 5.13 18.17
C GLY B 732 -5.30 3.70 17.93
N MET B 733 -6.22 2.76 17.73
CA MET B 733 -5.88 1.36 17.48
C MET B 733 -5.71 1.19 15.97
N THR B 734 -4.65 1.79 15.46
CA THR B 734 -4.50 1.91 14.01
C THR B 734 -4.26 0.56 13.36
N GLU B 735 -3.32 -0.21 13.90
CA GLU B 735 -3.06 -1.52 13.34
C GLU B 735 -4.32 -2.38 13.42
N GLU B 736 -4.97 -2.41 14.59
CA GLU B 736 -6.13 -3.28 14.76
C GLU B 736 -7.25 -2.87 13.79
N ALA B 737 -7.45 -1.56 13.60
CA ALA B 737 -8.47 -1.03 12.71
C ALA B 737 -8.28 -1.58 11.30
N TYR B 738 -7.08 -1.40 10.74
CA TYR B 738 -6.88 -1.81 9.33
C TYR B 738 -6.79 -3.32 9.15
N ASN B 739 -6.21 -4.03 10.12
CA ASN B 739 -6.21 -5.48 10.10
C ASN B 739 -7.64 -6.02 10.13
N THR B 740 -8.49 -5.40 10.94
CA THR B 740 -9.90 -5.80 11.05
C THR B 740 -10.61 -5.60 9.69
N ALA B 741 -10.48 -4.40 9.13
CA ALA B 741 -11.11 -4.08 7.85
C ALA B 741 -10.52 -4.88 6.69
N TYR B 742 -9.22 -5.19 6.75
CA TYR B 742 -8.56 -5.92 5.66
C TYR B 742 -9.27 -7.26 5.35
N GLY B 743 -9.73 -7.95 6.39
CA GLY B 743 -10.44 -9.22 6.18
C GLY B 743 -11.71 -9.08 5.37
N VAL B 744 -12.38 -7.94 5.50
CA VAL B 744 -13.56 -7.68 4.72
C VAL B 744 -13.14 -7.42 3.28
N TYR B 745 -12.12 -6.58 3.09
CA TYR B 745 -11.58 -6.33 1.76
C TYR B 745 -11.17 -7.66 1.08
N LYS B 746 -10.45 -8.51 1.83
CA LYS B 746 -9.88 -9.73 1.27
C LYS B 746 -10.99 -10.67 0.81
N MET B 747 -11.98 -10.86 1.68
CA MET B 747 -13.14 -11.69 1.33
C MET B 747 -13.91 -11.20 0.09
N THR B 748 -14.00 -9.87 -0.05
CA THR B 748 -14.76 -9.27 -1.11
C THR B 748 -14.01 -9.29 -2.45
N TYR B 749 -12.74 -8.87 -2.44
CA TYR B 749 -12.00 -8.52 -3.67
C TYR B 749 -10.82 -9.43 -4.04
N ASP B 750 -10.18 -10.04 -3.05
CA ASP B 750 -8.92 -10.74 -3.27
C ASP B 750 -9.13 -12.09 -3.95
N LYS B 751 -8.12 -12.55 -4.69
CA LYS B 751 -8.16 -13.92 -5.25
C LYS B 751 -8.42 -15.01 -4.21
N SER B 752 -7.97 -14.79 -2.98
CA SER B 752 -8.18 -15.73 -1.87
C SER B 752 -9.55 -15.61 -1.16
N GLY B 753 -10.39 -14.68 -1.61
CA GLY B 753 -11.70 -14.46 -1.00
C GLY B 753 -12.78 -15.28 -1.69
N LYS B 754 -14.02 -14.78 -1.64
CA LYS B 754 -15.20 -15.51 -2.11
C LYS B 754 -15.95 -14.89 -3.29
N GLY B 755 -15.37 -13.86 -3.90
CA GLY B 755 -15.87 -13.36 -5.18
C GLY B 755 -17.11 -12.51 -5.08
N TYR B 756 -17.07 -11.55 -4.16
CA TYR B 756 -18.22 -10.68 -3.88
C TYR B 756 -18.04 -9.23 -4.36
N TRP B 757 -17.04 -9.00 -5.21
CA TRP B 757 -16.84 -7.68 -5.82
C TRP B 757 -18.12 -7.18 -6.51
N PHE B 758 -18.51 -5.95 -6.18
CA PHE B 758 -19.70 -5.32 -6.73
C PHE B 758 -21.00 -6.05 -6.34
N ARG B 759 -20.94 -6.81 -5.25
CA ARG B 759 -22.14 -7.34 -4.62
C ARG B 759 -21.90 -7.67 -3.16
N THR B 760 -21.22 -6.77 -2.45
CA THR B 760 -20.84 -6.97 -1.07
C THR B 760 -22.08 -7.34 -0.26
N PRO B 761 -22.02 -8.47 0.47
CA PRO B 761 -23.20 -8.90 1.21
C PRO B 761 -23.29 -8.33 2.61
N GLU B 762 -24.47 -8.52 3.24
CA GLU B 762 -24.62 -8.23 4.64
C GLU B 762 -23.58 -9.00 5.41
N ALA B 763 -23.50 -10.31 5.14
CA ALA B 763 -22.90 -11.22 6.10
C ALA B 763 -22.27 -12.42 5.46
N TRP B 764 -21.28 -13.00 6.15
CA TRP B 764 -20.81 -14.34 5.83
C TRP B 764 -20.53 -15.11 7.07
N THR B 765 -20.57 -16.43 6.93
CA THR B 765 -20.18 -17.34 7.99
C THR B 765 -18.74 -17.80 7.82
N LYS B 766 -18.26 -18.60 8.76
CA LYS B 766 -16.86 -19.00 8.75
C LYS B 766 -16.46 -19.76 7.48
N ASP B 767 -17.41 -20.46 6.85
CA ASP B 767 -17.13 -21.12 5.56
C ASP B 767 -17.02 -20.13 4.37
N GLY B 768 -17.31 -18.84 4.61
CA GLY B 768 -17.19 -17.82 3.58
C GLY B 768 -18.45 -17.63 2.76
N ASN B 769 -19.46 -18.48 2.96
CA ASN B 769 -20.72 -18.32 2.26
C ASN B 769 -21.54 -17.19 2.87
N TYR B 770 -22.45 -16.63 2.07
CA TYR B 770 -23.01 -15.31 2.38
C TYR B 770 -24.52 -15.26 2.58
N ARG B 771 -24.97 -14.12 3.10
CA ARG B 771 -26.39 -13.81 3.14
C ARG B 771 -26.54 -12.37 2.63
N ALA B 772 -27.44 -12.20 1.66
CA ALA B 772 -27.87 -10.90 1.09
C ALA B 772 -26.77 -10.10 0.38
N SER B 773 -26.44 -10.53 -0.82
CA SER B 773 -25.50 -9.85 -1.70
C SER B 773 -26.12 -8.53 -2.15
N MET B 774 -25.27 -7.55 -2.44
CA MET B 774 -25.70 -6.19 -2.85
C MET B 774 -26.41 -5.48 -1.69
N TYR B 775 -25.64 -5.14 -0.67
CA TYR B 775 -26.16 -4.74 0.62
C TYR B 775 -25.71 -3.33 0.96
N MET B 776 -26.59 -2.55 1.61
CA MET B 776 -26.26 -1.14 1.94
C MET B 776 -25.21 -0.97 3.04
N ARG B 777 -25.24 -1.85 4.04
CA ARG B 777 -24.48 -1.66 5.26
C ARG B 777 -22.96 -1.42 5.08
N PRO B 778 -22.28 -2.18 4.20
CA PRO B 778 -20.82 -1.97 4.05
C PRO B 778 -20.39 -0.63 3.46
N LEU B 779 -21.34 0.19 2.97
CA LEU B 779 -21.00 1.60 2.72
C LEU B 779 -20.44 2.31 3.97
N SER B 780 -20.61 1.70 5.16
CA SER B 780 -19.98 2.19 6.38
C SER B 780 -18.46 2.30 6.31
N ILE B 781 -17.80 1.68 5.33
CA ILE B 781 -16.37 1.91 5.17
C ILE B 781 -16.04 3.41 5.13
N TRP B 782 -16.93 4.23 4.57
CA TRP B 782 -16.70 5.69 4.57
C TRP B 782 -16.62 6.37 5.95
N SER B 783 -17.14 5.74 7.01
CA SER B 783 -16.89 6.19 8.38
C SER B 783 -15.38 6.17 8.73
N MET B 784 -14.58 5.38 8.01
CA MET B 784 -13.11 5.42 8.22
C MET B 784 -12.44 6.71 7.68
N GLU B 785 -13.16 7.49 6.86
CA GLU B 785 -12.66 8.78 6.34
C GLU B 785 -13.12 10.02 7.09
N VAL B 786 -13.83 9.88 8.20
CA VAL B 786 -14.34 11.07 8.93
C VAL B 786 -13.16 11.91 9.45
#